data_9MHY
#
_entry.id   9MHY
#
_cell.length_a   72.580
_cell.length_b   82.410
_cell.length_c   83.440
_cell.angle_alpha   116.05
_cell.angle_beta   97.71
_cell.angle_gamma   98.68
#
_symmetry.space_group_name_H-M   'P 1'
#
loop_
_entity.id
_entity.type
_entity.pdbx_description
1 polymer 'Toll-like receptor 8'
2 branched alpha-D-mannopyranose-(1-3)-[alpha-D-mannopyranose-(2-6)]beta-D-mannopyranose-(1-4)-2-acetamido-2-deoxy-beta-D-glucopyranose-(1-4)-2-acetamido-2-deoxy-beta-D-glucopyranose
3 branched beta-D-mannopyranose-(1-4)-2-acetamido-2-deoxy-beta-D-glucopyranose-(1-4)-2-acetamido-2-deoxy-beta-D-glucopyranose
4 non-polymer 2-acetamido-2-deoxy-beta-D-glucopyranose
5 non-polymer 'SULFATE ION'
6 non-polymer (3S,4R)-4-[({3-[(5-amino-7-{[(3S)-1-hydroxyhexan-3-yl]amino}-1H-pyrazolo[4,3-d]pyrimidin-1-yl)methyl]-4-methoxyphenyl}methyl)amino]oxolan-3-ol
7 water water
#
_entity_poly.entity_id   1
_entity_poly.type   'polypeptide(L)'
_entity_poly.pdbx_seq_one_letter_code
;EENFSRSYPCDEKKQNDSVIAECSNRRLQEVPQTVGKYVTELDLSDNFITHITNESFQGLQNLTKINLNHNPNVQHQNGN
PGIQSNGLNITDGAFLNLKNLRELLLEDNQLPQIPSGLPESLTELSLIQNNIYNITKEGISRLINLKNLYLAWNCYFNKV
CEKTNIEDGVFETLTNLELLSLSFNSLSHVPPKLPSSLRKLFLSNTQIKYISEEDFKGLINLTLLDLSGNCPRCFNAPFP
CVPCDGGASINIDRFAFQNLTQLRYLNLSSTSLRKINAAWFKNMPHLKVLDLEFNYLVGEIASGAFLTMLPRLEILDLSF
NYIKGSYPQHINISRNFSKLLSLRALHLRGYVFQELREDDFQPLMQLPNLSTINLGINFIKQIDFKLFQNFSNLEIIYLS
ENRISPLVKDTRQSYANSSSFQRHIRKRRSTDFEFDPHSNFYHFTRPLIKPQCAAYGKALDLSLNSIFFIGPNQFENLPD
IACLNLSANSNAQVLSGTEFSAIPHVKYLDLTNNRLDFDNASALTELSDLEVLDLSYNSHYFRIAGVTHHLEFIQNFTNL
KVLNLSHNNIYTLTDKYNLESKSLVELVFSGNRLDILWNDDDNRYISIFKGLKNLTRLDLSLNRLKHIPNEAFLNLPASL
TELHINDNMLKFFNWTLLQQFPRLELLDLRGNKLLFLTDSLSDFTSSLRTLLLSHNRISHLPSGFLSEVSSLKHLDLSSN
LLKTINKSALETKTTTKLSMLELHGNPFECTCDIGDFRRWMDEHLNVKIPRLVDVICASPGDQRGKSIVSLELTTCVSDV
TEFLVPR
;
_entity_poly.pdbx_strand_id   A,B
#
loop_
_chem_comp.id
_chem_comp.type
_chem_comp.name
_chem_comp.formula
A1BLN non-polymer (3S,4R)-4-[({3-[(5-amino-7-{[(3S)-1-hydroxyhexan-3-yl]amino}-1H-pyrazolo[4,3-d]pyrimidin-1-yl)methyl]-4-methoxyphenyl}methyl)amino]oxolan-3-ol 'C24 H35 N7 O4'
BMA D-saccharide, beta linking beta-D-mannopyranose 'C6 H12 O6'
MAN D-saccharide, alpha linking alpha-D-mannopyranose 'C6 H12 O6'
NAG D-saccharide, beta linking 2-acetamido-2-deoxy-beta-D-glucopyranose 'C8 H15 N O6'
SO4 non-polymer 'SULFATE ION' 'O4 S -2'
#
# COMPACT_ATOMS: atom_id res chain seq x y z
N ARG A 6 14.06 28.43 27.08
CA ARG A 6 13.61 27.50 26.05
C ARG A 6 12.64 28.21 25.07
N SER A 7 13.09 28.42 23.81
CA SER A 7 12.31 29.12 22.79
C SER A 7 10.91 28.52 22.57
N TYR A 8 9.89 29.38 22.44
CA TYR A 8 8.51 28.96 22.19
C TYR A 8 7.75 30.10 21.50
N PRO A 9 6.92 29.85 20.44
CA PRO A 9 6.60 28.56 19.81
C PRO A 9 7.57 28.08 18.73
N CYS A 10 8.62 28.83 18.40
CA CYS A 10 9.57 28.46 17.36
C CYS A 10 10.75 27.65 17.91
N ASP A 11 11.44 26.91 17.03
CA ASP A 11 12.64 26.13 17.36
C ASP A 11 13.83 26.92 16.76
N GLU A 12 14.81 27.31 17.58
CA GLU A 12 15.94 28.13 17.10
C GLU A 12 17.22 27.33 16.75
N LYS A 13 17.64 27.36 15.47
CA LYS A 13 18.87 26.70 14.97
C LYS A 13 19.91 27.80 14.66
N LYS A 14 21.19 27.57 15.02
CA LYS A 14 22.26 28.55 14.79
C LYS A 14 23.14 28.09 13.63
N ASP A 17 26.65 32.31 10.12
CA ASP A 17 26.55 33.73 10.45
C ASP A 17 25.07 34.16 10.54
N SER A 18 24.24 33.39 11.27
CA SER A 18 22.81 33.69 11.43
C SER A 18 22.14 32.77 12.47
N VAL A 19 20.92 33.12 12.90
CA VAL A 19 20.12 32.33 13.83
C VAL A 19 18.68 32.29 13.28
N ILE A 20 18.18 31.09 12.98
CA ILE A 20 16.89 30.88 12.36
C ILE A 20 15.83 30.46 13.38
N ALA A 21 14.65 31.09 13.33
CA ALA A 21 13.50 30.71 14.15
C ALA A 21 12.58 29.89 13.25
N GLU A 22 12.63 28.57 13.38
CA GLU A 22 11.80 27.67 12.58
C GLU A 22 10.46 27.67 13.27
N CYS A 23 9.48 28.35 12.67
CA CYS A 23 8.14 28.50 13.26
C CYS A 23 7.03 28.07 12.29
N SER A 24 7.34 27.26 11.27
CA SER A 24 6.36 26.88 10.28
C SER A 24 5.43 25.75 10.74
N ASN A 25 4.26 25.67 10.10
CA ASN A 25 3.29 24.61 10.27
C ASN A 25 3.00 24.24 11.73
N ARG A 26 2.65 25.24 12.57
CA ARG A 26 2.31 24.99 13.96
C ARG A 26 1.02 25.68 14.42
N ARG A 27 0.06 25.87 13.48
CA ARG A 27 -1.29 26.36 13.77
C ARG A 27 -1.32 27.75 14.43
N LEU A 28 -0.34 28.60 14.11
CA LEU A 28 -0.29 29.94 14.70
C LEU A 28 -1.35 30.81 14.05
N GLN A 29 -2.21 31.44 14.86
CA GLN A 29 -3.30 32.32 14.39
C GLN A 29 -2.81 33.77 14.21
N GLU A 30 -1.71 34.15 14.89
CA GLU A 30 -1.11 35.48 14.82
C GLU A 30 0.42 35.33 14.83
N VAL A 31 1.15 36.40 14.47
CA VAL A 31 2.61 36.39 14.54
C VAL A 31 2.98 36.33 16.04
N PRO A 32 3.79 35.34 16.49
CA PRO A 32 4.09 35.27 17.93
C PRO A 32 4.85 36.49 18.44
N GLN A 33 4.43 37.02 19.59
CA GLN A 33 5.13 38.13 20.23
C GLN A 33 6.23 37.62 21.20
N THR A 34 6.74 36.37 21.01
CA THR A 34 7.79 35.79 21.83
C THR A 34 8.98 35.30 20.98
N VAL A 35 9.21 35.91 19.80
CA VAL A 35 10.35 35.54 18.95
C VAL A 35 11.60 36.16 19.61
N GLY A 36 12.72 35.46 19.54
CA GLY A 36 13.96 35.93 20.15
C GLY A 36 14.49 37.22 19.55
N LYS A 37 14.94 38.15 20.39
CA LYS A 37 15.53 39.45 20.00
C LYS A 37 16.70 39.29 19.02
N TYR A 38 17.47 38.20 19.16
CA TYR A 38 18.63 37.91 18.33
C TYR A 38 18.30 37.18 17.01
N VAL A 39 17.06 36.68 16.83
CA VAL A 39 16.65 35.98 15.61
C VAL A 39 16.86 36.87 14.37
N THR A 40 17.46 36.30 13.30
CA THR A 40 17.73 37.02 12.05
C THR A 40 16.87 36.48 10.89
N GLU A 41 16.36 35.24 10.97
CA GLU A 41 15.53 34.68 9.90
C GLU A 41 14.31 34.04 10.56
N LEU A 42 13.11 34.49 10.19
CA LEU A 42 11.90 34.00 10.80
C LEU A 42 11.03 33.30 9.77
N ASP A 43 10.80 32.01 9.97
CA ASP A 43 9.99 31.21 9.07
C ASP A 43 8.64 30.96 9.69
N LEU A 44 7.62 31.69 9.25
CA LEU A 44 6.24 31.53 9.72
C LEU A 44 5.33 30.92 8.66
N SER A 45 5.89 30.21 7.66
CA SER A 45 5.11 29.63 6.57
C SER A 45 4.16 28.52 7.05
N ASP A 46 3.06 28.29 6.31
CA ASP A 46 2.08 27.24 6.61
C ASP A 46 1.43 27.34 7.99
N ASN A 47 1.04 28.54 8.39
CA ASN A 47 0.33 28.75 9.64
C ASN A 47 -1.10 29.30 9.29
N PHE A 48 -1.87 29.78 10.28
CA PHE A 48 -3.19 30.35 10.06
C PHE A 48 -3.21 31.87 10.30
N ILE A 49 -2.08 32.56 10.10
CA ILE A 49 -2.00 34.01 10.29
C ILE A 49 -2.85 34.71 9.22
N THR A 50 -3.74 35.61 9.65
CA THR A 50 -4.65 36.34 8.74
C THR A 50 -4.31 37.84 8.64
N HIS A 51 -3.54 38.40 9.58
CA HIS A 51 -3.21 39.82 9.58
C HIS A 51 -1.74 40.08 9.89
N ILE A 52 -1.16 41.10 9.20
CA ILE A 52 0.18 41.61 9.46
C ILE A 52 0.03 43.11 9.61
N THR A 53 0.47 43.66 10.74
CA THR A 53 0.39 45.10 11.01
C THR A 53 1.81 45.65 11.37
N ASN A 54 1.93 46.98 11.60
CA ASN A 54 3.21 47.57 12.02
C ASN A 54 3.63 47.13 13.45
N GLU A 55 2.76 46.41 14.19
CA GLU A 55 3.06 45.85 15.51
C GLU A 55 3.42 44.35 15.46
N SER A 56 3.27 43.67 14.30
CA SER A 56 3.54 42.23 14.18
C SER A 56 5.01 41.88 14.45
N PHE A 57 5.96 42.62 13.86
CA PHE A 57 7.39 42.37 14.04
C PHE A 57 8.06 43.50 14.85
N GLN A 58 7.32 44.07 15.82
CA GLN A 58 7.82 45.17 16.64
C GLN A 58 8.99 44.69 17.51
N GLY A 59 10.07 45.47 17.54
CA GLY A 59 11.26 45.15 18.33
C GLY A 59 12.09 43.98 17.79
N LEU A 60 11.90 43.58 16.51
CA LEU A 60 12.67 42.50 15.90
C LEU A 60 13.53 43.09 14.77
N GLN A 61 14.34 44.11 15.09
CA GLN A 61 15.20 44.79 14.12
C GLN A 61 16.31 43.95 13.49
N ASN A 62 16.72 42.84 14.14
CA ASN A 62 17.75 41.97 13.56
C ASN A 62 17.22 41.11 12.39
N LEU A 63 15.90 41.09 12.13
CA LEU A 63 15.37 40.27 11.04
C LEU A 63 15.85 40.72 9.67
N THR A 64 16.53 39.82 8.95
CA THR A 64 16.98 40.00 7.58
C THR A 64 16.10 39.18 6.60
N LYS A 65 15.32 38.19 7.09
CA LYS A 65 14.50 37.35 6.23
C LYS A 65 13.22 36.98 6.96
N ILE A 66 12.08 37.06 6.26
CA ILE A 66 10.79 36.63 6.78
C ILE A 66 10.15 35.79 5.72
N ASN A 67 9.67 34.61 6.11
CA ASN A 67 8.95 33.74 5.20
C ASN A 67 7.52 33.61 5.75
N LEU A 68 6.56 34.20 5.05
CA LEU A 68 5.14 34.14 5.43
C LEU A 68 4.32 33.38 4.37
N ASN A 69 4.95 32.47 3.60
CA ASN A 69 4.26 31.68 2.58
C ASN A 69 3.12 30.85 3.12
N HIS A 70 2.07 30.66 2.30
CA HIS A 70 0.97 29.77 2.63
C HIS A 70 0.30 30.15 3.96
N ASN A 71 -0.17 31.39 4.04
CA ASN A 71 -0.86 31.95 5.20
C ASN A 71 -2.10 32.75 4.74
N PRO A 72 -3.34 32.48 5.20
CA PRO A 72 -3.75 31.40 6.12
C PRO A 72 -3.72 30.01 5.50
N ASN A 73 -3.95 28.97 6.32
CA ASN A 73 -3.94 27.56 5.92
C ASN A 73 -2.53 27.09 5.57
N GLY A 87 -7.66 35.39 2.74
CA GLY A 87 -6.27 35.72 2.40
C GLY A 87 -5.59 36.54 3.48
N LEU A 88 -4.26 36.69 3.37
CA LEU A 88 -3.47 37.46 4.31
C LEU A 88 -3.71 38.95 4.08
N ASN A 89 -4.07 39.67 5.14
CA ASN A 89 -4.32 41.10 5.04
C ASN A 89 -3.12 41.82 5.68
N ILE A 90 -2.32 42.51 4.84
CA ILE A 90 -1.13 43.24 5.24
C ILE A 90 -1.45 44.73 5.13
N THR A 91 -1.31 45.47 6.23
CA THR A 91 -1.58 46.91 6.21
C THR A 91 -0.42 47.66 5.55
N ASP A 92 -0.70 48.89 5.08
CA ASP A 92 0.30 49.77 4.46
C ASP A 92 1.43 50.04 5.46
N GLY A 93 2.68 49.81 5.04
CA GLY A 93 3.84 50.03 5.86
C GLY A 93 4.01 49.08 7.04
N ALA A 94 3.43 47.86 6.97
CA ALA A 94 3.55 46.91 8.07
C ALA A 94 5.01 46.50 8.36
N PHE A 95 5.81 46.30 7.31
CA PHE A 95 7.23 45.90 7.43
C PHE A 95 8.21 47.08 7.31
N LEU A 96 7.72 48.32 7.22
CA LEU A 96 8.56 49.50 7.01
C LEU A 96 9.62 49.71 8.09
N ASN A 97 9.30 49.43 9.36
CA ASN A 97 10.24 49.63 10.47
C ASN A 97 11.42 48.65 10.50
N LEU A 98 11.34 47.54 9.75
CA LEU A 98 12.41 46.53 9.74
C LEU A 98 13.51 46.99 8.77
N LYS A 99 14.51 47.68 9.31
CA LYS A 99 15.58 48.32 8.54
C LYS A 99 16.62 47.39 7.91
N ASN A 100 16.78 46.13 8.38
CA ASN A 100 17.73 45.19 7.76
C ASN A 100 16.99 44.05 7.02
N LEU A 101 15.67 44.18 6.76
CA LEU A 101 14.93 43.14 6.05
C LEU A 101 15.39 43.10 4.60
N ARG A 102 15.95 41.97 4.17
CA ARG A 102 16.47 41.77 2.82
C ARG A 102 15.59 40.82 2.01
N GLU A 103 15.10 39.75 2.63
CA GLU A 103 14.30 38.75 1.91
C GLU A 103 12.90 38.66 2.50
N LEU A 104 11.87 38.79 1.65
CA LEU A 104 10.48 38.69 2.06
C LEU A 104 9.75 37.74 1.12
N LEU A 105 9.29 36.60 1.65
CA LEU A 105 8.59 35.61 0.86
C LEU A 105 7.13 35.64 1.27
N LEU A 106 6.26 35.97 0.31
CA LEU A 106 4.82 36.09 0.55
C LEU A 106 4.04 35.33 -0.53
N GLU A 107 4.43 34.09 -0.76
CA GLU A 107 3.79 33.26 -1.77
C GLU A 107 2.51 32.60 -1.26
N ASP A 108 1.56 32.36 -2.16
CA ASP A 108 0.34 31.64 -1.85
C ASP A 108 -0.44 32.27 -0.68
N ASN A 109 -0.63 33.58 -0.76
CA ASN A 109 -1.33 34.33 0.28
C ASN A 109 -2.61 35.01 -0.22
N GLN A 110 -3.07 34.74 -1.47
CA GLN A 110 -4.24 35.39 -2.05
C GLN A 110 -4.17 36.92 -1.96
N LEU A 111 -2.97 37.52 -2.06
CA LEU A 111 -2.84 38.97 -1.97
C LEU A 111 -3.49 39.64 -3.17
N PRO A 112 -4.35 40.66 -2.98
CA PRO A 112 -4.96 41.34 -4.13
C PRO A 112 -4.07 42.39 -4.80
N GLN A 113 -3.02 42.85 -4.09
CA GLN A 113 -2.11 43.88 -4.58
C GLN A 113 -0.71 43.63 -4.01
N ILE A 114 0.31 44.29 -4.59
CA ILE A 114 1.64 44.28 -4.00
C ILE A 114 1.51 45.11 -2.69
N PRO A 115 1.94 44.63 -1.50
CA PRO A 115 1.79 45.45 -0.29
C PRO A 115 2.43 46.83 -0.42
N SER A 116 1.74 47.86 0.09
CA SER A 116 2.22 49.24 0.06
C SER A 116 3.22 49.49 1.19
N GLY A 117 4.16 50.38 0.93
CA GLY A 117 5.16 50.79 1.91
C GLY A 117 6.09 49.68 2.36
N LEU A 118 6.61 48.88 1.41
CA LEU A 118 7.56 47.81 1.75
C LEU A 118 8.93 48.46 2.03
N PRO A 119 9.75 47.84 2.90
CA PRO A 119 11.05 48.46 3.23
C PRO A 119 12.00 48.51 2.06
N GLU A 120 12.67 49.66 1.92
CA GLU A 120 13.65 49.95 0.87
C GLU A 120 14.91 49.04 0.94
N SER A 121 15.16 48.38 2.09
CA SER A 121 16.29 47.48 2.22
C SER A 121 16.09 46.13 1.50
N LEU A 122 14.88 45.83 0.97
CA LEU A 122 14.64 44.54 0.31
C LEU A 122 15.52 44.29 -0.90
N THR A 123 16.14 43.10 -0.97
CA THR A 123 16.91 42.61 -2.11
C THR A 123 16.16 41.44 -2.80
N GLU A 124 15.26 40.72 -2.08
CA GLU A 124 14.53 39.60 -2.63
C GLU A 124 13.08 39.67 -2.18
N LEU A 125 12.13 39.70 -3.13
CA LEU A 125 10.71 39.77 -2.83
C LEU A 125 10.02 38.73 -3.67
N SER A 126 9.34 37.76 -3.04
CA SER A 126 8.60 36.75 -3.77
C SER A 126 7.12 36.90 -3.53
N LEU A 127 6.34 37.10 -4.59
CA LEU A 127 4.90 37.23 -4.55
C LEU A 127 4.23 36.20 -5.49
N ILE A 128 4.86 35.01 -5.63
CA ILE A 128 4.35 33.92 -6.46
C ILE A 128 3.00 33.44 -5.92
N GLN A 129 2.09 33.04 -6.82
CA GLN A 129 0.81 32.45 -6.44
C GLN A 129 -0.06 33.35 -5.56
N ASN A 130 -0.31 34.56 -6.02
CA ASN A 130 -1.23 35.50 -5.37
C ASN A 130 -2.29 35.93 -6.41
N ASN A 131 -3.08 36.99 -6.13
CA ASN A 131 -4.10 37.52 -7.05
C ASN A 131 -3.70 38.95 -7.49
N ILE A 132 -2.40 39.17 -7.74
CA ILE A 132 -1.88 40.47 -8.11
C ILE A 132 -1.94 40.62 -9.62
N TYR A 133 -2.75 41.58 -10.11
CA TYR A 133 -2.93 41.83 -11.55
C TYR A 133 -2.41 43.20 -11.98
N ASN A 134 -1.81 43.98 -11.07
CA ASN A 134 -1.35 45.32 -11.34
C ASN A 134 0.02 45.49 -10.70
N ILE A 135 1.05 45.79 -11.51
CA ILE A 135 2.42 46.02 -11.04
C ILE A 135 2.66 47.52 -11.20
N THR A 136 2.63 48.28 -10.08
CA THR A 136 2.71 49.73 -10.13
C THR A 136 3.98 50.30 -9.50
N LYS A 137 4.32 51.54 -9.88
CA LYS A 137 5.45 52.29 -9.34
C LYS A 137 5.29 52.49 -7.83
N GLU A 138 4.05 52.73 -7.37
CA GLU A 138 3.75 52.89 -5.95
C GLU A 138 4.20 51.66 -5.14
N GLY A 139 4.02 50.48 -5.71
CA GLY A 139 4.38 49.22 -5.07
C GLY A 139 5.85 48.86 -5.05
N ILE A 140 6.58 48.98 -6.19
CA ILE A 140 7.97 48.51 -6.25
C ILE A 140 9.05 49.52 -6.72
N SER A 141 8.70 50.71 -7.26
CA SER A 141 9.74 51.62 -7.75
C SER A 141 10.63 52.20 -6.64
N ARG A 142 10.13 52.28 -5.39
CA ARG A 142 10.98 52.72 -4.26
C ARG A 142 11.95 51.60 -3.79
N LEU A 143 11.76 50.35 -4.25
CA LEU A 143 12.63 49.24 -3.84
C LEU A 143 13.87 49.16 -4.74
N ILE A 144 14.71 50.18 -4.66
CA ILE A 144 15.90 50.32 -5.51
C ILE A 144 17.00 49.28 -5.26
N ASN A 145 17.01 48.56 -4.11
CA ASN A 145 18.02 47.52 -3.86
C ASN A 145 17.53 46.12 -4.32
N LEU A 146 16.34 45.99 -4.95
CA LEU A 146 15.84 44.70 -5.40
C LEU A 146 16.79 44.03 -6.39
N LYS A 147 17.11 42.77 -6.14
CA LYS A 147 17.97 41.93 -6.95
C LYS A 147 17.10 40.83 -7.60
N ASN A 148 16.21 40.20 -6.83
CA ASN A 148 15.34 39.13 -7.35
C ASN A 148 13.88 39.46 -7.08
N LEU A 149 13.05 39.50 -8.13
CA LEU A 149 11.63 39.80 -7.98
C LEU A 149 10.82 38.69 -8.65
N TYR A 150 10.04 37.94 -7.85
CA TYR A 150 9.22 36.85 -8.36
C TYR A 150 7.76 37.23 -8.28
N LEU A 151 7.10 37.30 -9.44
CA LEU A 151 5.68 37.60 -9.55
C LEU A 151 4.92 36.53 -10.37
N ALA A 152 5.52 35.33 -10.52
CA ALA A 152 4.93 34.28 -11.33
C ALA A 152 3.64 33.67 -10.74
N TRP A 153 2.81 33.08 -11.62
CA TRP A 153 1.63 32.33 -11.22
C TRP A 153 0.55 33.16 -10.50
N ASN A 154 0.25 34.36 -11.00
CA ASN A 154 -0.85 35.16 -10.45
C ASN A 154 -2.09 35.06 -11.35
N CYS A 155 -1.95 34.78 -12.66
CA CYS A 155 -3.09 34.65 -13.55
C CYS A 155 -2.77 33.64 -14.65
N TYR A 156 -3.39 32.46 -14.59
CA TYR A 156 -3.04 31.38 -15.52
C TYR A 156 -4.13 30.32 -15.61
N PHE A 157 -4.06 29.45 -16.65
CA PHE A 157 -4.99 28.33 -16.86
C PHE A 157 -6.46 28.83 -16.84
N ASN A 158 -7.39 28.20 -16.09
CA ASN A 158 -8.77 28.67 -16.00
C ASN A 158 -9.04 29.43 -14.70
N LYS A 159 -8.00 30.00 -14.05
CA LYS A 159 -8.21 30.83 -12.88
C LYS A 159 -9.01 32.09 -13.31
N VAL A 160 -9.95 32.54 -12.49
CA VAL A 160 -10.72 33.75 -12.78
C VAL A 160 -9.78 34.86 -12.38
N CYS A 161 -9.24 35.59 -13.36
CA CYS A 161 -8.25 36.62 -13.07
C CYS A 161 -8.18 37.64 -14.21
N GLU A 162 -7.68 38.83 -13.88
CA GLU A 162 -7.54 39.92 -14.84
C GLU A 162 -6.21 39.84 -15.56
N LYS A 163 -6.14 40.46 -16.75
CA LYS A 163 -4.88 40.61 -17.49
C LYS A 163 -3.93 41.48 -16.65
N THR A 164 -2.64 41.18 -16.66
CA THR A 164 -1.67 41.91 -15.85
C THR A 164 -1.35 43.28 -16.43
N ASN A 165 -1.55 44.33 -15.66
CA ASN A 165 -1.24 45.69 -16.07
C ASN A 165 0.13 46.03 -15.50
N ILE A 166 1.16 46.14 -16.35
CA ILE A 166 2.50 46.52 -15.94
C ILE A 166 2.59 48.03 -16.19
N GLU A 167 2.72 48.86 -15.14
CA GLU A 167 2.81 50.30 -15.32
C GLU A 167 4.09 50.65 -16.09
N ASP A 168 3.98 51.52 -17.12
CA ASP A 168 5.12 51.87 -17.98
C ASP A 168 6.34 52.34 -17.18
N GLY A 169 7.48 51.68 -17.39
CA GLY A 169 8.71 52.02 -16.70
C GLY A 169 8.78 51.59 -15.24
N VAL A 170 7.86 50.71 -14.77
CA VAL A 170 7.86 50.29 -13.38
C VAL A 170 9.20 49.66 -12.94
N PHE A 171 9.80 48.82 -13.79
CA PHE A 171 11.07 48.17 -13.45
C PHE A 171 12.31 48.99 -13.81
N GLU A 172 12.15 50.04 -14.64
CA GLU A 172 13.26 50.87 -15.17
C GLU A 172 14.21 51.38 -14.11
N THR A 173 13.71 51.85 -12.97
CA THR A 173 14.54 52.39 -11.90
C THR A 173 15.11 51.33 -10.95
N LEU A 174 14.79 50.04 -11.16
CA LEU A 174 15.34 48.97 -10.35
C LEU A 174 16.68 48.58 -11.00
N THR A 175 17.68 49.46 -10.85
CA THR A 175 18.98 49.34 -11.52
C THR A 175 19.92 48.27 -10.90
N ASN A 176 19.50 47.53 -9.87
CA ASN A 176 20.26 46.39 -9.34
C ASN A 176 19.51 45.06 -9.59
N LEU A 177 18.37 45.08 -10.34
CA LEU A 177 17.56 43.90 -10.58
C LEU A 177 18.29 42.94 -11.51
N GLU A 178 18.52 41.71 -11.02
CA GLU A 178 19.21 40.65 -11.76
C GLU A 178 18.23 39.54 -12.18
N LEU A 179 17.16 39.29 -11.41
CA LEU A 179 16.20 38.25 -11.78
C LEU A 179 14.79 38.82 -11.72
N LEU A 180 14.04 38.66 -12.82
CA LEU A 180 12.66 39.11 -12.90
C LEU A 180 11.87 37.93 -13.43
N SER A 181 10.91 37.45 -12.65
CA SER A 181 10.07 36.35 -13.12
C SER A 181 8.63 36.78 -13.15
N LEU A 182 8.04 36.83 -14.36
CA LEU A 182 6.62 37.16 -14.58
C LEU A 182 5.87 36.02 -15.26
N SER A 183 6.41 34.81 -15.25
CA SER A 183 5.78 33.65 -15.87
C SER A 183 4.38 33.36 -15.36
N PHE A 184 3.54 32.70 -16.18
CA PHE A 184 2.20 32.30 -15.77
C PHE A 184 1.37 33.49 -15.29
N ASN A 185 1.36 34.51 -16.13
CA ASN A 185 0.57 35.73 -16.03
C ASN A 185 0.15 36.09 -17.46
N SER A 186 -0.95 36.81 -17.66
CA SER A 186 -1.36 37.19 -19.01
C SER A 186 -0.74 38.55 -19.31
N LEU A 187 0.42 38.57 -20.00
CA LEU A 187 1.12 39.80 -20.32
C LEU A 187 0.85 40.32 -21.75
N SER A 188 0.75 39.42 -22.74
CA SER A 188 0.54 39.77 -24.17
C SER A 188 1.78 40.35 -24.88
N HIS A 189 2.63 41.12 -24.19
CA HIS A 189 3.84 41.69 -24.78
C HIS A 189 4.96 41.70 -23.76
N VAL A 190 6.22 41.69 -24.22
CA VAL A 190 7.38 41.80 -23.33
C VAL A 190 7.33 43.22 -22.74
N PRO A 191 7.41 43.40 -21.40
CA PRO A 191 7.33 44.77 -20.86
C PRO A 191 8.47 45.65 -21.35
N PRO A 192 8.18 46.90 -21.78
CA PRO A 192 9.29 47.79 -22.17
C PRO A 192 10.03 48.35 -20.94
N LYS A 193 11.17 49.01 -21.20
CA LYS A 193 11.97 49.69 -20.18
C LYS A 193 12.42 48.78 -19.05
N LEU A 194 13.07 47.69 -19.41
CA LEU A 194 13.63 46.77 -18.42
C LEU A 194 15.03 47.24 -18.09
N PRO A 195 15.48 47.08 -16.83
CA PRO A 195 16.83 47.55 -16.48
C PRO A 195 17.91 46.66 -17.09
N SER A 196 18.98 47.29 -17.59
CA SER A 196 20.09 46.59 -18.23
C SER A 196 20.91 45.71 -17.25
N SER A 197 20.64 45.79 -15.94
CA SER A 197 21.28 44.94 -14.95
C SER A 197 20.74 43.48 -15.03
N LEU A 198 19.58 43.25 -15.69
CA LEU A 198 18.98 41.93 -15.73
C LEU A 198 19.93 40.83 -16.23
N ARG A 199 19.89 39.70 -15.54
CA ARG A 199 20.64 38.49 -15.82
C ARG A 199 19.68 37.35 -16.19
N LYS A 200 18.52 37.26 -15.52
CA LYS A 200 17.55 36.21 -15.77
C LYS A 200 16.17 36.80 -15.94
N LEU A 201 15.56 36.58 -17.10
CA LEU A 201 14.22 37.08 -17.40
C LEU A 201 13.29 35.91 -17.69
N PHE A 202 12.30 35.67 -16.82
CA PHE A 202 11.35 34.57 -17.02
C PHE A 202 9.98 35.09 -17.48
N LEU A 203 9.58 34.69 -18.70
CA LEU A 203 8.32 35.09 -19.32
C LEU A 203 7.61 33.87 -19.92
N SER A 204 7.64 32.73 -19.18
CA SER A 204 6.99 31.52 -19.66
C SER A 204 5.47 31.62 -19.52
N ASN A 205 4.69 31.10 -20.47
CA ASN A 205 3.22 31.06 -20.37
C ASN A 205 2.63 32.44 -20.06
N THR A 206 3.02 33.44 -20.86
CA THR A 206 2.59 34.83 -20.71
C THR A 206 1.78 35.36 -21.87
N GLN A 207 1.34 34.50 -22.81
CA GLN A 207 0.56 34.89 -23.99
C GLN A 207 1.27 35.93 -24.87
N ILE A 208 2.62 35.85 -24.96
CA ILE A 208 3.38 36.75 -25.84
C ILE A 208 3.49 36.02 -27.18
N LYS A 209 2.86 36.55 -28.23
CA LYS A 209 2.83 35.89 -29.53
C LYS A 209 3.95 36.35 -30.48
N TYR A 210 4.51 37.55 -30.26
CA TYR A 210 5.52 38.13 -31.13
C TYR A 210 6.67 38.71 -30.31
N ILE A 211 7.91 38.46 -30.77
CA ILE A 211 9.10 39.02 -30.16
C ILE A 211 9.72 39.94 -31.21
N SER A 212 9.70 41.24 -30.94
CA SER A 212 10.23 42.24 -31.84
C SER A 212 11.74 42.41 -31.67
N GLU A 213 12.35 43.18 -32.59
CA GLU A 213 13.78 43.49 -32.53
C GLU A 213 14.16 44.25 -31.25
N GLU A 214 13.27 45.14 -30.74
CA GLU A 214 13.54 45.98 -29.55
C GLU A 214 13.15 45.38 -28.20
N ASP A 215 12.44 44.24 -28.14
CA ASP A 215 11.98 43.71 -26.84
C ASP A 215 13.09 43.49 -25.80
N PHE A 216 14.32 43.14 -26.22
CA PHE A 216 15.44 42.92 -25.27
C PHE A 216 16.71 43.71 -25.63
N LYS A 217 16.60 44.79 -26.43
CA LYS A 217 17.78 45.50 -26.96
C LYS A 217 18.88 45.95 -25.95
N GLY A 218 18.49 46.44 -24.79
CA GLY A 218 19.46 46.92 -23.79
C GLY A 218 19.93 45.88 -22.78
N LEU A 219 19.42 44.65 -22.88
CA LEU A 219 19.75 43.59 -21.93
C LEU A 219 21.06 42.86 -22.27
N ILE A 220 22.17 43.60 -22.23
CA ILE A 220 23.51 43.12 -22.58
C ILE A 220 24.14 42.15 -21.54
N ASN A 221 23.62 42.06 -20.31
CA ASN A 221 24.13 41.12 -19.29
C ASN A 221 23.23 39.88 -19.14
N LEU A 222 22.18 39.74 -19.97
CA LEU A 222 21.24 38.62 -19.83
C LEU A 222 21.91 37.29 -20.10
N THR A 223 21.85 36.37 -19.12
CA THR A 223 22.39 35.02 -19.22
C THR A 223 21.25 33.98 -19.41
N LEU A 224 20.00 34.31 -19.02
CA LEU A 224 18.88 33.38 -19.18
C LEU A 224 17.67 34.11 -19.71
N LEU A 225 17.00 33.48 -20.69
CA LEU A 225 15.76 33.98 -21.26
C LEU A 225 14.82 32.78 -21.38
N ASP A 226 13.65 32.88 -20.77
CA ASP A 226 12.67 31.82 -20.83
C ASP A 226 11.41 32.35 -21.49
N LEU A 227 11.17 31.96 -22.76
CA LEU A 227 9.98 32.33 -23.51
C LEU A 227 9.08 31.10 -23.75
N SER A 228 9.19 30.04 -22.92
CA SER A 228 8.41 28.84 -23.12
C SER A 228 6.90 29.03 -22.90
N GLY A 229 6.10 28.17 -23.51
CA GLY A 229 4.66 28.20 -23.35
C GLY A 229 3.93 29.36 -24.02
N ASN A 230 4.60 30.10 -24.93
CA ASN A 230 3.99 31.22 -25.66
C ASN A 230 3.70 30.67 -27.04
N CYS A 231 2.42 30.57 -27.42
CA CYS A 231 1.93 29.80 -28.57
C CYS A 231 2.20 28.33 -28.28
N PRO A 232 1.54 27.78 -27.24
CA PRO A 232 1.84 26.40 -26.85
C PRO A 232 1.37 25.30 -27.78
N ARG A 233 2.02 24.11 -27.66
CA ARG A 233 1.63 22.90 -28.37
C ARG A 233 0.65 22.25 -27.37
N CYS A 234 -0.64 22.18 -27.71
CA CYS A 234 -1.67 21.78 -26.76
C CYS A 234 -2.19 20.37 -26.86
N PHE A 235 -1.83 19.56 -27.88
CA PHE A 235 -2.36 18.22 -27.96
C PHE A 235 -1.93 17.38 -26.74
N ASN A 236 -2.90 16.74 -26.08
CA ASN A 236 -2.64 15.91 -24.91
C ASN A 236 -1.97 16.67 -23.74
N ALA A 237 -2.23 17.98 -23.60
CA ALA A 237 -1.62 18.75 -22.52
C ALA A 237 -2.18 18.31 -21.19
N PRO A 238 -1.34 18.16 -20.14
CA PRO A 238 -1.86 17.82 -18.80
C PRO A 238 -2.33 19.05 -18.00
N PHE A 239 -2.68 20.16 -18.69
CA PHE A 239 -3.15 21.39 -18.06
C PHE A 239 -4.04 22.15 -19.08
N PRO A 240 -4.89 23.12 -18.65
CA PRO A 240 -5.69 23.87 -19.64
C PRO A 240 -4.76 24.66 -20.56
N CYS A 241 -4.82 24.37 -21.85
CA CYS A 241 -3.89 24.89 -22.83
C CYS A 241 -4.63 25.64 -23.93
N VAL A 242 -4.26 26.90 -24.20
CA VAL A 242 -4.88 27.71 -25.26
C VAL A 242 -3.82 27.94 -26.33
N PRO A 243 -3.93 27.34 -27.52
CA PRO A 243 -2.91 27.60 -28.55
C PRO A 243 -3.08 28.96 -29.20
N CYS A 244 -2.04 29.42 -29.90
CA CYS A 244 -2.15 30.61 -30.72
C CYS A 244 -3.08 30.28 -31.90
N ASP A 245 -3.76 31.28 -32.49
CA ASP A 245 -4.73 31.02 -33.56
C ASP A 245 -4.19 30.10 -34.69
N GLY A 246 -4.91 29.02 -34.97
CA GLY A 246 -4.49 28.01 -35.94
C GLY A 246 -3.32 27.16 -35.48
N GLY A 247 -3.08 27.09 -34.17
CA GLY A 247 -1.92 26.38 -33.63
C GLY A 247 -0.60 26.98 -34.09
N ALA A 248 -0.60 28.30 -34.44
CA ALA A 248 0.55 29.00 -35.00
C ALA A 248 1.76 29.03 -34.05
N SER A 249 2.95 29.15 -34.64
CA SER A 249 4.22 29.26 -33.93
C SER A 249 4.34 30.63 -33.28
N ILE A 250 5.25 30.75 -32.29
CA ILE A 250 5.65 32.06 -31.75
C ILE A 250 6.40 32.75 -32.91
N ASN A 251 6.21 34.06 -33.07
CA ASN A 251 6.84 34.80 -34.17
C ASN A 251 8.01 35.57 -33.60
N ILE A 252 9.25 35.08 -33.79
CA ILE A 252 10.43 35.75 -33.27
C ILE A 252 11.15 36.45 -34.42
N ASP A 253 11.29 37.78 -34.34
CA ASP A 253 11.99 38.54 -35.37
C ASP A 253 13.44 38.05 -35.54
N ARG A 254 13.92 38.02 -36.79
CA ARG A 254 15.28 37.59 -37.15
C ARG A 254 16.36 38.22 -36.26
N PHE A 255 16.17 39.50 -35.84
CA PHE A 255 17.14 40.25 -35.02
C PHE A 255 16.78 40.36 -33.52
N ALA A 256 15.76 39.64 -33.02
CA ALA A 256 15.36 39.71 -31.61
C ALA A 256 16.47 39.42 -30.59
N PHE A 257 17.41 38.54 -30.90
CA PHE A 257 18.47 38.17 -29.95
C PHE A 257 19.86 38.62 -30.42
N GLN A 258 19.93 39.61 -31.36
CA GLN A 258 21.21 40.04 -31.92
C GLN A 258 22.18 40.63 -30.90
N ASN A 259 21.68 41.25 -29.82
CA ASN A 259 22.52 41.85 -28.77
C ASN A 259 22.59 40.99 -27.50
N LEU A 260 22.04 39.76 -27.49
CA LEU A 260 22.07 38.90 -26.30
C LEU A 260 23.34 38.03 -26.32
N THR A 261 24.49 38.71 -26.31
CA THR A 261 25.82 38.08 -26.38
C THR A 261 26.16 37.22 -25.18
N GLN A 262 25.59 37.51 -24.02
CA GLN A 262 25.88 36.78 -22.80
C GLN A 262 24.92 35.64 -22.48
N LEU A 263 23.97 35.33 -23.37
CA LEU A 263 23.00 34.27 -23.10
C LEU A 263 23.67 32.89 -22.99
N ARG A 264 23.40 32.19 -21.88
CA ARG A 264 23.85 30.82 -21.59
C ARG A 264 22.64 29.86 -21.62
N TYR A 265 21.43 30.32 -21.23
CA TYR A 265 20.24 29.47 -21.17
C TYR A 265 19.13 30.09 -22.00
N LEU A 266 18.50 29.30 -22.88
CA LEU A 266 17.38 29.76 -23.68
C LEU A 266 16.32 28.69 -23.63
N ASN A 267 15.11 29.05 -23.19
CA ASN A 267 14.02 28.10 -23.13
C ASN A 267 12.91 28.50 -24.09
N LEU A 268 12.77 27.73 -25.17
CA LEU A 268 11.69 27.92 -26.16
C LEU A 268 10.79 26.67 -26.21
N SER A 269 10.61 25.98 -25.04
CA SER A 269 9.75 24.82 -24.98
C SER A 269 8.31 25.26 -25.20
N SER A 270 7.55 24.46 -25.91
CA SER A 270 6.14 24.71 -26.18
C SER A 270 5.82 26.10 -26.72
N THR A 271 6.57 26.51 -27.73
CA THR A 271 6.32 27.70 -28.54
C THR A 271 5.81 27.35 -29.97
N SER A 272 5.43 26.07 -30.21
CA SER A 272 4.92 25.56 -31.47
C SER A 272 5.85 25.84 -32.65
N LEU A 273 7.18 25.78 -32.42
CA LEU A 273 8.13 25.99 -33.50
C LEU A 273 8.23 24.81 -34.45
N ARG A 274 8.19 25.10 -35.77
N ARG A 274 8.19 25.11 -35.76
CA ARG A 274 8.41 24.13 -36.84
CA ARG A 274 8.37 24.16 -36.86
C ARG A 274 9.79 24.39 -37.49
C ARG A 274 9.72 24.42 -37.60
N LYS A 275 10.26 25.65 -37.49
CA LYS A 275 11.53 26.07 -38.08
C LYS A 275 12.30 26.86 -37.00
N ILE A 276 13.61 26.71 -36.97
CA ILE A 276 14.47 27.45 -36.08
C ILE A 276 15.35 28.28 -37.01
N ASN A 277 15.30 29.60 -36.85
CA ASN A 277 16.14 30.47 -37.66
C ASN A 277 17.55 30.42 -37.10
N ALA A 278 18.51 29.86 -37.85
CA ALA A 278 19.92 29.75 -37.42
C ALA A 278 20.50 31.11 -37.03
N ALA A 279 20.03 32.20 -37.67
CA ALA A 279 20.49 33.56 -37.38
C ALA A 279 20.19 34.03 -35.96
N TRP A 280 19.22 33.42 -35.26
CA TRP A 280 18.93 33.74 -33.86
C TRP A 280 20.16 33.52 -32.97
N PHE A 281 21.04 32.56 -33.33
CA PHE A 281 22.22 32.18 -32.55
C PHE A 281 23.53 32.77 -33.08
N LYS A 282 23.48 33.66 -34.09
CA LYS A 282 24.67 34.25 -34.70
C LYS A 282 25.55 34.98 -33.69
N ASN A 283 24.95 35.68 -32.71
CA ASN A 283 25.71 36.44 -31.71
C ASN A 283 25.54 35.88 -30.28
N MET A 284 25.35 34.55 -30.15
CA MET A 284 25.25 33.85 -28.85
C MET A 284 26.43 32.85 -28.77
N PRO A 285 27.69 33.34 -28.64
CA PRO A 285 28.83 32.44 -28.61
C PRO A 285 28.94 31.56 -27.37
N HIS A 286 28.26 31.91 -26.27
CA HIS A 286 28.34 31.16 -25.02
C HIS A 286 27.10 30.30 -24.72
N LEU A 287 26.11 30.15 -25.66
CA LEU A 287 24.89 29.38 -25.34
C LEU A 287 25.23 27.96 -24.88
N LYS A 288 24.77 27.59 -23.68
CA LYS A 288 25.10 26.33 -23.02
C LYS A 288 23.91 25.36 -22.92
N VAL A 289 22.69 25.87 -22.66
CA VAL A 289 21.49 25.03 -22.51
C VAL A 289 20.40 25.57 -23.43
N LEU A 290 19.88 24.72 -24.31
CA LEU A 290 18.82 25.09 -25.25
C LEU A 290 17.68 24.09 -25.07
N ASP A 291 16.55 24.58 -24.57
CA ASP A 291 15.37 23.76 -24.33
C ASP A 291 14.37 24.03 -25.46
N LEU A 292 14.07 22.98 -26.25
CA LEU A 292 13.13 23.06 -27.36
C LEU A 292 12.10 21.92 -27.29
N GLU A 293 11.67 21.59 -26.09
CA GLU A 293 10.70 20.52 -25.88
C GLU A 293 9.32 20.94 -26.33
N PHE A 294 8.45 19.98 -26.63
CA PHE A 294 7.04 20.26 -26.94
C PHE A 294 6.87 21.23 -28.09
N ASN A 295 7.64 21.02 -29.15
CA ASN A 295 7.54 21.80 -30.38
C ASN A 295 7.20 20.81 -31.53
N TYR A 296 7.36 21.21 -32.80
CA TYR A 296 7.08 20.34 -33.94
C TYR A 296 8.37 20.26 -34.78
N LEU A 297 9.49 19.92 -34.14
CA LEU A 297 10.80 19.97 -34.76
C LEU A 297 11.38 18.65 -35.32
N VAL A 298 10.56 17.64 -35.68
CA VAL A 298 11.10 16.42 -36.32
C VAL A 298 11.89 16.78 -37.62
N GLY A 299 11.33 17.66 -38.45
CA GLY A 299 11.98 18.11 -39.68
C GLY A 299 13.28 18.83 -39.39
N GLU A 300 13.28 19.73 -38.38
CA GLU A 300 14.50 20.44 -37.97
C GLU A 300 15.56 19.50 -37.39
N ILE A 301 15.15 18.44 -36.69
CA ILE A 301 16.09 17.46 -36.15
C ILE A 301 16.80 16.73 -37.31
N ALA A 302 16.09 16.48 -38.42
CA ALA A 302 16.68 15.81 -39.59
C ALA A 302 17.57 16.76 -40.45
N SER A 303 17.37 18.08 -40.41
CA SER A 303 18.11 18.99 -41.30
C SER A 303 18.41 20.36 -40.69
N GLY A 304 18.71 20.36 -39.40
CA GLY A 304 18.92 21.59 -38.65
C GLY A 304 20.17 22.40 -38.96
N ALA A 305 19.99 23.50 -39.68
CA ALA A 305 21.07 24.45 -39.93
C ALA A 305 21.48 25.14 -38.61
N PHE A 306 20.53 25.35 -37.67
CA PHE A 306 20.84 25.99 -36.38
C PHE A 306 21.87 25.19 -35.57
N LEU A 307 21.99 23.87 -35.81
CA LEU A 307 22.94 23.01 -35.09
C LEU A 307 24.40 23.38 -35.39
N THR A 308 24.68 24.07 -36.53
CA THR A 308 26.04 24.49 -36.86
C THR A 308 26.44 25.78 -36.09
N MET A 309 25.48 26.49 -35.47
CA MET A 309 25.70 27.75 -34.76
C MET A 309 25.95 27.58 -33.25
N LEU A 310 26.04 26.33 -32.75
CA LEU A 310 26.09 26.05 -31.32
C LEU A 310 27.28 25.18 -30.89
N PRO A 311 28.53 25.63 -31.13
CA PRO A 311 29.69 24.81 -30.77
C PRO A 311 30.02 24.68 -29.27
N ARG A 312 29.48 25.57 -28.43
CA ARG A 312 29.68 25.54 -26.97
C ARG A 312 28.45 24.98 -26.22
N LEU A 313 27.40 24.54 -26.93
CA LEU A 313 26.21 24.01 -26.28
C LEU A 313 26.53 22.70 -25.55
N GLU A 314 26.08 22.59 -24.31
CA GLU A 314 26.32 21.40 -23.48
C GLU A 314 25.05 20.57 -23.29
N ILE A 315 23.86 21.19 -23.20
CA ILE A 315 22.61 20.44 -23.01
C ILE A 315 21.61 20.84 -24.07
N LEU A 316 21.08 19.86 -24.80
CA LEU A 316 20.11 20.10 -25.85
C LEU A 316 18.90 19.25 -25.53
N ASP A 317 17.74 19.88 -25.27
CA ASP A 317 16.53 19.11 -24.96
C ASP A 317 15.51 19.23 -26.10
N LEU A 318 15.32 18.15 -26.84
CA LEU A 318 14.37 18.10 -27.96
C LEU A 318 13.23 17.11 -27.67
N SER A 319 12.90 16.89 -26.39
CA SER A 319 11.87 15.92 -26.02
C SER A 319 10.47 16.35 -26.46
N PHE A 320 9.61 15.36 -26.68
CA PHE A 320 8.23 15.51 -27.05
C PHE A 320 8.00 16.40 -28.26
N ASN A 321 8.71 16.09 -29.33
CA ASN A 321 8.49 16.74 -30.62
C ASN A 321 7.79 15.76 -31.61
N TYR A 322 7.22 14.63 -31.11
CA TYR A 322 6.57 13.65 -31.96
C TYR A 322 5.49 14.23 -32.86
N ILE A 323 5.27 13.58 -34.00
CA ILE A 323 4.20 13.96 -34.92
C ILE A 323 3.01 13.07 -34.54
N LYS A 324 1.89 13.68 -34.11
CA LYS A 324 0.68 12.94 -33.74
C LYS A 324 0.25 12.01 -34.89
N GLY A 325 0.03 10.74 -34.60
CA GLY A 325 -0.38 9.78 -35.62
C GLY A 325 0.76 9.17 -36.42
N SER A 326 2.02 9.61 -36.22
CA SER A 326 3.17 9.07 -36.95
C SER A 326 4.07 8.28 -36.01
N TYR A 327 4.32 7.00 -36.32
CA TYR A 327 5.16 6.11 -35.51
C TYR A 327 6.20 5.56 -36.50
N PRO A 328 7.19 6.38 -36.91
CA PRO A 328 8.14 5.92 -37.92
C PRO A 328 9.03 4.78 -37.49
N GLN A 329 9.61 4.09 -38.47
CA GLN A 329 10.50 2.98 -38.18
C GLN A 329 11.78 3.47 -37.51
N HIS A 330 12.35 4.59 -37.97
CA HIS A 330 13.63 5.05 -37.43
C HIS A 330 13.65 6.52 -37.04
N ILE A 331 14.64 6.90 -36.20
CA ILE A 331 14.89 8.28 -35.83
C ILE A 331 15.80 8.88 -36.92
N ASN A 332 15.53 10.12 -37.34
CA ASN A 332 16.31 10.78 -38.37
C ASN A 332 17.07 11.98 -37.77
N ILE A 333 18.36 11.75 -37.45
CA ILE A 333 19.27 12.72 -36.83
C ILE A 333 20.18 13.34 -37.90
N SER A 334 20.16 14.66 -38.06
CA SER A 334 20.99 15.35 -39.04
C SER A 334 22.47 15.10 -38.82
N ARG A 335 23.25 15.06 -39.92
CA ARG A 335 24.71 14.98 -39.83
C ARG A 335 25.26 16.22 -39.06
N ASN A 336 24.53 17.37 -39.06
CA ASN A 336 24.93 18.58 -38.37
C ASN A 336 25.01 18.42 -36.84
N PHE A 337 24.45 17.35 -36.25
CA PHE A 337 24.63 17.09 -34.82
C PHE A 337 26.15 16.89 -34.48
N SER A 338 26.95 16.45 -35.47
CA SER A 338 28.40 16.30 -35.31
C SER A 338 29.13 17.64 -35.04
N LYS A 339 28.46 18.78 -35.27
CA LYS A 339 29.01 20.11 -35.03
C LYS A 339 28.82 20.58 -33.58
N LEU A 340 28.01 19.84 -32.77
CA LEU A 340 27.81 20.18 -31.37
C LEU A 340 28.98 19.63 -30.55
N LEU A 341 30.17 20.22 -30.80
CA LEU A 341 31.44 19.79 -30.21
C LEU A 341 31.43 19.64 -28.68
N SER A 342 30.78 20.56 -27.96
CA SER A 342 30.75 20.54 -26.49
C SER A 342 29.55 19.79 -25.88
N LEU A 343 28.69 19.15 -26.70
CA LEU A 343 27.51 18.49 -26.16
C LEU A 343 27.82 17.44 -25.10
N ARG A 344 27.13 17.53 -23.96
CA ARG A 344 27.28 16.64 -22.81
C ARG A 344 26.02 15.79 -22.63
N ALA A 345 24.82 16.35 -22.89
CA ALA A 345 23.58 15.61 -22.67
C ALA A 345 22.59 15.92 -23.77
N LEU A 346 21.99 14.88 -24.35
CA LEU A 346 21.00 15.03 -25.40
C LEU A 346 19.72 14.34 -24.94
N HIS A 347 18.63 15.11 -24.83
CA HIS A 347 17.36 14.55 -24.42
C HIS A 347 16.44 14.44 -25.62
N LEU A 348 16.05 13.22 -25.96
CA LEU A 348 15.17 12.94 -27.09
C LEU A 348 14.02 12.03 -26.64
N ARG A 349 13.38 12.37 -25.51
CA ARG A 349 12.20 11.59 -25.08
C ARG A 349 11.06 11.95 -26.05
N GLY A 350 10.07 11.09 -26.20
CA GLY A 350 8.89 11.42 -26.98
C GLY A 350 9.05 11.90 -28.41
N TYR A 351 10.08 11.41 -29.13
CA TYR A 351 10.24 11.60 -30.58
C TYR A 351 9.28 10.58 -31.24
N VAL A 352 9.31 9.31 -30.73
CA VAL A 352 8.43 8.18 -31.09
C VAL A 352 8.89 7.49 -32.36
N PHE A 353 9.56 6.34 -32.20
CA PHE A 353 10.07 5.54 -33.32
C PHE A 353 10.22 4.09 -32.87
N GLN A 354 10.19 3.16 -33.84
CA GLN A 354 10.16 1.73 -33.55
C GLN A 354 11.51 1.07 -33.34
N GLU A 355 12.57 1.52 -34.02
CA GLU A 355 13.86 0.82 -33.94
C GLU A 355 15.04 1.78 -33.96
N LEU A 356 16.06 1.52 -33.10
CA LEU A 356 17.28 2.32 -33.11
C LEU A 356 18.39 1.48 -33.76
N ARG A 357 18.90 1.95 -34.90
CA ARG A 357 19.98 1.25 -35.63
C ARG A 357 21.28 1.98 -35.41
N GLU A 358 22.41 1.26 -35.56
CA GLU A 358 23.73 1.86 -35.38
C GLU A 358 23.97 3.04 -36.33
N ASP A 359 23.57 2.91 -37.60
CA ASP A 359 23.74 4.01 -38.56
C ASP A 359 22.98 5.29 -38.16
N ASP A 360 21.89 5.16 -37.38
CA ASP A 360 21.08 6.32 -37.03
C ASP A 360 21.76 7.32 -36.07
N PHE A 361 22.69 6.87 -35.21
CA PHE A 361 23.38 7.78 -34.28
C PHE A 361 24.85 8.06 -34.66
N GLN A 362 25.23 7.82 -35.93
CA GLN A 362 26.60 8.11 -36.39
C GLN A 362 27.00 9.58 -36.17
N PRO A 363 26.12 10.58 -36.42
CA PRO A 363 26.51 11.98 -36.19
C PRO A 363 26.92 12.31 -34.74
N LEU A 364 26.48 11.55 -33.74
CA LEU A 364 26.81 11.80 -32.34
C LEU A 364 28.07 11.06 -31.83
N MET A 365 28.55 10.06 -32.57
CA MET A 365 29.59 9.14 -32.07
C MET A 365 30.99 9.70 -31.88
N GLN A 366 31.30 10.84 -32.49
CA GLN A 366 32.61 11.45 -32.32
C GLN A 366 32.56 12.66 -31.35
N LEU A 367 31.40 12.94 -30.69
CA LEU A 367 31.29 14.05 -29.75
C LEU A 367 32.01 13.61 -28.48
N PRO A 368 33.14 14.24 -28.11
CA PRO A 368 33.96 13.70 -27.02
C PRO A 368 33.36 13.76 -25.62
N ASN A 369 32.48 14.70 -25.32
CA ASN A 369 31.91 14.81 -23.96
C ASN A 369 30.46 14.40 -23.84
N LEU A 370 29.86 13.80 -24.90
CA LEU A 370 28.48 13.37 -24.84
C LEU A 370 28.39 12.18 -23.87
N SER A 371 27.98 12.44 -22.63
CA SER A 371 27.93 11.41 -21.60
C SER A 371 26.51 10.93 -21.29
N THR A 372 25.46 11.71 -21.63
CA THR A 372 24.08 11.31 -21.37
C THR A 372 23.26 11.28 -22.64
N ILE A 373 22.54 10.16 -22.87
CA ILE A 373 21.60 10.00 -23.98
C ILE A 373 20.29 9.56 -23.36
N ASN A 374 19.24 10.37 -23.55
CA ASN A 374 17.95 10.06 -22.94
C ASN A 374 16.91 9.79 -24.04
N LEU A 375 16.51 8.51 -24.17
CA LEU A 375 15.50 8.10 -25.13
C LEU A 375 14.29 7.49 -24.42
N GLY A 376 13.91 8.05 -23.27
CA GLY A 376 12.73 7.58 -22.56
C GLY A 376 11.45 7.88 -23.34
N ILE A 377 10.43 7.02 -23.20
CA ILE A 377 9.10 7.26 -23.76
C ILE A 377 9.10 7.50 -25.29
N ASN A 378 9.67 6.56 -26.03
CA ASN A 378 9.69 6.63 -27.50
C ASN A 378 8.99 5.43 -28.15
N PHE A 379 8.40 4.50 -27.36
CA PHE A 379 7.77 3.29 -27.86
C PHE A 379 8.74 2.49 -28.74
N ILE A 380 10.06 2.51 -28.39
CA ILE A 380 11.08 1.80 -29.14
C ILE A 380 10.88 0.32 -28.87
N LYS A 381 10.79 -0.50 -29.92
CA LYS A 381 10.61 -1.94 -29.80
C LYS A 381 11.94 -2.70 -29.88
N GLN A 382 12.95 -2.15 -30.59
CA GLN A 382 14.23 -2.82 -30.81
C GLN A 382 15.42 -1.86 -30.87
N ILE A 383 16.55 -2.27 -30.31
CA ILE A 383 17.76 -1.47 -30.35
C ILE A 383 18.94 -2.37 -30.73
N ASP A 384 19.81 -1.89 -31.61
CA ASP A 384 21.05 -2.58 -31.94
C ASP A 384 22.00 -2.07 -30.84
N PHE A 385 22.05 -2.75 -29.69
CA PHE A 385 22.85 -2.27 -28.55
C PHE A 385 24.35 -2.08 -28.82
N LYS A 386 24.92 -2.76 -29.82
CA LYS A 386 26.34 -2.59 -30.15
C LYS A 386 26.71 -1.13 -30.49
N LEU A 387 25.73 -0.30 -30.88
CA LEU A 387 26.00 1.08 -31.25
C LEU A 387 26.53 1.94 -30.09
N PHE A 388 26.15 1.64 -28.84
CA PHE A 388 26.57 2.45 -27.68
C PHE A 388 28.08 2.40 -27.39
N GLN A 389 28.75 1.27 -27.67
CA GLN A 389 30.20 1.19 -27.46
C GLN A 389 30.97 2.05 -28.49
N ASN A 390 30.35 2.36 -29.65
CA ASN A 390 31.03 3.21 -30.64
C ASN A 390 30.92 4.72 -30.31
N PHE A 391 30.21 5.11 -29.23
CA PHE A 391 30.19 6.51 -28.80
C PHE A 391 31.52 6.78 -28.09
N SER A 392 31.96 8.05 -28.03
CA SER A 392 33.25 8.35 -27.40
C SER A 392 33.30 7.99 -25.91
N ASN A 393 32.35 8.47 -25.10
CA ASN A 393 32.33 8.16 -23.66
C ASN A 393 30.94 8.31 -23.03
N LEU A 394 30.01 7.40 -23.37
CA LEU A 394 28.68 7.43 -22.75
C LEU A 394 28.80 6.95 -21.29
N GLU A 395 28.15 7.66 -20.35
CA GLU A 395 28.11 7.30 -18.93
C GLU A 395 26.66 6.98 -18.48
N ILE A 396 25.65 7.53 -19.17
CA ILE A 396 24.24 7.32 -18.84
C ILE A 396 23.48 7.00 -20.13
N ILE A 397 23.01 5.75 -20.27
CA ILE A 397 22.21 5.33 -21.42
C ILE A 397 20.82 5.13 -20.84
N TYR A 398 19.95 6.13 -20.98
CA TYR A 398 18.63 6.07 -20.39
C TYR A 398 17.57 5.67 -21.42
N LEU A 399 17.04 4.43 -21.28
CA LEU A 399 16.05 3.86 -22.21
C LEU A 399 14.77 3.42 -21.47
N SER A 400 14.49 4.01 -20.30
CA SER A 400 13.34 3.65 -19.48
C SER A 400 12.05 3.97 -20.22
N GLU A 401 11.04 3.11 -20.04
CA GLU A 401 9.70 3.33 -20.58
C GLU A 401 9.65 3.29 -22.09
N ASN A 402 9.95 2.13 -22.64
CA ASN A 402 9.88 1.88 -24.07
C ASN A 402 9.16 0.52 -24.23
N ARG A 403 9.33 -0.18 -25.36
CA ARG A 403 8.73 -1.50 -25.62
C ARG A 403 9.84 -2.50 -25.97
N ILE A 404 11.02 -2.37 -25.32
CA ILE A 404 12.15 -3.23 -25.64
C ILE A 404 11.81 -4.63 -25.11
N SER A 405 11.92 -5.60 -25.98
CA SER A 405 11.58 -6.98 -25.65
C SER A 405 12.83 -7.87 -25.76
N PRO A 406 12.78 -9.16 -25.35
CA PRO A 406 13.98 -10.01 -25.45
C PRO A 406 14.65 -10.01 -26.83
N LEU A 407 15.98 -9.84 -26.86
CA LEU A 407 16.76 -9.75 -28.09
C LEU A 407 16.67 -11.05 -28.91
N PHE A 433 -2.46 24.17 -5.46
CA PHE A 433 -1.97 24.14 -6.84
C PHE A 433 -1.26 22.80 -7.19
N GLU A 434 -1.33 22.38 -8.47
CA GLU A 434 -0.76 21.12 -8.97
C GLU A 434 0.75 21.18 -9.33
N PHE A 435 1.21 22.31 -9.88
CA PHE A 435 2.57 22.46 -10.36
C PHE A 435 3.42 23.27 -9.40
N ASP A 436 4.60 22.75 -9.03
CA ASP A 436 5.50 23.44 -8.14
C ASP A 436 6.06 24.66 -8.89
N PRO A 437 5.79 25.90 -8.43
CA PRO A 437 6.30 27.07 -9.17
C PRO A 437 7.81 27.26 -9.15
N HIS A 438 8.53 26.54 -8.25
CA HIS A 438 9.99 26.60 -8.17
C HIS A 438 10.69 25.46 -8.94
N SER A 439 9.95 24.65 -9.72
CA SER A 439 10.49 23.55 -10.51
C SER A 439 10.34 23.83 -12.01
N ASN A 440 10.99 23.01 -12.84
CA ASN A 440 10.88 23.09 -14.29
C ASN A 440 9.51 22.52 -14.64
N PHE A 441 8.73 23.27 -15.42
CA PHE A 441 7.38 22.87 -15.82
C PHE A 441 7.36 21.79 -16.89
N TYR A 442 8.36 21.76 -17.81
CA TYR A 442 8.33 20.83 -18.94
C TYR A 442 9.01 19.48 -18.73
N HIS A 443 9.88 19.31 -17.72
CA HIS A 443 10.47 18.00 -17.42
C HIS A 443 10.86 17.92 -15.96
N PHE A 444 10.98 16.68 -15.44
CA PHE A 444 11.41 16.45 -14.06
C PHE A 444 12.89 16.82 -13.97
N THR A 445 13.34 17.33 -12.82
CA THR A 445 14.74 17.71 -12.62
C THR A 445 15.54 16.72 -11.77
N ARG A 446 14.92 15.64 -11.28
CA ARG A 446 15.65 14.63 -10.50
C ARG A 446 16.66 13.89 -11.41
N PRO A 447 17.75 13.29 -10.87
CA PRO A 447 18.69 12.57 -11.75
C PRO A 447 17.99 11.44 -12.52
N LEU A 448 18.42 11.17 -13.75
CA LEU A 448 17.82 10.10 -14.56
C LEU A 448 18.03 8.74 -13.88
N ILE A 449 19.23 8.55 -13.34
CA ILE A 449 19.64 7.33 -12.67
C ILE A 449 19.99 7.67 -11.24
N LYS A 450 19.65 6.78 -10.27
CA LYS A 450 19.94 7.05 -8.85
C LYS A 450 21.42 7.36 -8.64
N PRO A 451 21.79 8.45 -7.96
CA PRO A 451 23.23 8.76 -7.82
C PRO A 451 24.05 7.61 -7.23
N GLN A 452 23.47 6.82 -6.32
CA GLN A 452 24.19 5.70 -5.70
C GLN A 452 24.56 4.62 -6.73
N CYS A 453 23.75 4.45 -7.77
CA CYS A 453 24.00 3.49 -8.84
C CYS A 453 24.98 4.11 -9.85
N ALA A 454 24.71 5.35 -10.32
CA ALA A 454 25.58 6.02 -11.29
C ALA A 454 27.01 6.23 -10.76
N ALA A 455 27.19 6.41 -9.44
CA ALA A 455 28.53 6.61 -8.83
C ALA A 455 29.48 5.46 -9.12
N TYR A 456 28.95 4.24 -9.38
CA TYR A 456 29.77 3.09 -9.69
C TYR A 456 30.37 3.10 -11.09
N GLY A 457 29.82 3.87 -12.03
CA GLY A 457 30.36 3.91 -13.38
C GLY A 457 29.27 3.95 -14.42
N LYS A 458 29.56 3.43 -15.62
CA LYS A 458 28.62 3.48 -16.76
C LYS A 458 27.28 2.83 -16.40
N ALA A 459 26.19 3.55 -16.71
CA ALA A 459 24.86 3.11 -16.36
C ALA A 459 23.97 2.87 -17.57
N LEU A 460 23.18 1.81 -17.51
CA LEU A 460 22.24 1.44 -18.54
C LEU A 460 20.90 1.25 -17.85
N ASP A 461 19.93 2.10 -18.19
CA ASP A 461 18.61 2.01 -17.57
C ASP A 461 17.60 1.47 -18.59
N LEU A 462 17.18 0.22 -18.39
CA LEU A 462 16.18 -0.45 -19.23
C LEU A 462 14.90 -0.72 -18.42
N SER A 463 14.63 0.09 -17.39
CA SER A 463 13.45 -0.11 -16.57
C SER A 463 12.19 0.18 -17.35
N LEU A 464 11.07 -0.43 -16.93
CA LEU A 464 9.78 -0.20 -17.57
C LEU A 464 9.80 -0.51 -19.06
N ASN A 465 10.32 -1.69 -19.38
CA ASN A 465 10.30 -2.20 -20.76
C ASN A 465 9.60 -3.59 -20.66
N SER A 466 9.79 -4.47 -21.64
CA SER A 466 9.20 -5.80 -21.69
C SER A 466 10.29 -6.86 -21.90
N ILE A 467 11.42 -6.74 -21.21
CA ILE A 467 12.49 -7.76 -21.32
C ILE A 467 12.08 -8.80 -20.27
N PHE A 468 11.05 -9.57 -20.60
N PHE A 468 11.06 -9.60 -20.63
CA PHE A 468 10.48 -10.58 -19.70
CA PHE A 468 10.46 -10.65 -19.80
C PHE A 468 11.37 -11.83 -19.49
C PHE A 468 11.41 -11.79 -19.47
N PHE A 469 12.42 -11.99 -20.32
CA PHE A 469 13.36 -13.10 -20.22
C PHE A 469 14.68 -12.59 -20.80
N ILE A 470 15.78 -12.80 -20.07
CA ILE A 470 17.12 -12.40 -20.49
C ILE A 470 17.72 -13.62 -21.16
N GLY A 471 17.87 -13.54 -22.48
CA GLY A 471 18.46 -14.61 -23.28
C GLY A 471 19.98 -14.50 -23.32
N PRO A 472 20.67 -15.52 -23.86
CA PRO A 472 22.14 -15.49 -23.87
C PRO A 472 22.81 -14.33 -24.61
N ASN A 473 22.14 -13.64 -25.55
CA ASN A 473 22.76 -12.52 -26.30
C ASN A 473 22.22 -11.15 -25.91
N GLN A 474 21.37 -11.04 -24.88
CA GLN A 474 20.76 -9.76 -24.49
C GLN A 474 21.76 -8.62 -24.26
N PHE A 475 22.86 -8.90 -23.53
CA PHE A 475 23.82 -7.85 -23.17
C PHE A 475 25.14 -7.92 -23.94
N GLU A 476 25.10 -8.50 -25.15
CA GLU A 476 26.28 -8.62 -25.98
C GLU A 476 26.64 -7.25 -26.58
N ASN A 477 27.95 -7.02 -26.81
CA ASN A 477 28.48 -5.81 -27.45
C ASN A 477 28.18 -4.51 -26.67
N LEU A 478 28.02 -4.63 -25.36
CA LEU A 478 27.71 -3.50 -24.49
C LEU A 478 29.02 -2.98 -23.87
N PRO A 479 29.13 -1.68 -23.52
CA PRO A 479 30.35 -1.25 -22.80
C PRO A 479 30.39 -1.86 -21.38
N ASP A 480 31.46 -1.56 -20.60
CA ASP A 480 31.61 -2.12 -19.25
C ASP A 480 30.57 -1.47 -18.33
N ILE A 481 29.37 -2.05 -18.28
CA ILE A 481 28.29 -1.52 -17.47
C ILE A 481 28.53 -1.84 -16.00
N ALA A 482 28.48 -0.80 -15.15
CA ALA A 482 28.60 -0.89 -13.69
C ALA A 482 27.24 -0.77 -12.98
N CYS A 483 26.30 -0.04 -13.59
CA CYS A 483 25.00 0.23 -12.99
C CYS A 483 23.94 -0.21 -13.99
N LEU A 484 23.10 -1.19 -13.62
CA LEU A 484 22.10 -1.73 -14.54
C LEU A 484 20.74 -1.73 -13.88
N ASN A 485 19.76 -1.15 -14.56
CA ASN A 485 18.41 -1.12 -14.05
C ASN A 485 17.47 -1.89 -14.98
N LEU A 486 16.96 -3.03 -14.48
CA LEU A 486 15.97 -3.86 -15.20
C LEU A 486 14.65 -3.90 -14.39
N SER A 487 14.37 -2.85 -13.59
CA SER A 487 13.15 -2.78 -12.81
C SER A 487 11.93 -2.81 -13.72
N ALA A 488 10.83 -3.44 -13.27
CA ALA A 488 9.54 -3.42 -13.98
C ALA A 488 9.63 -3.84 -15.45
N ASN A 489 10.17 -5.01 -15.68
CA ASN A 489 10.24 -5.62 -17.01
C ASN A 489 9.39 -6.91 -17.09
N SER A 490 8.48 -7.13 -16.10
CA SER A 490 7.61 -8.31 -16.04
C SER A 490 8.41 -9.61 -16.18
N ASN A 491 9.65 -9.62 -15.64
CA ASN A 491 10.54 -10.75 -15.76
C ASN A 491 10.16 -11.85 -14.77
N ALA A 492 9.80 -13.02 -15.28
CA ALA A 492 9.41 -14.17 -14.45
C ALA A 492 10.38 -15.35 -14.61
N GLN A 493 11.62 -15.11 -15.06
CA GLN A 493 12.55 -16.21 -15.30
C GLN A 493 13.26 -16.71 -14.02
N VAL A 494 13.88 -17.88 -14.14
CA VAL A 494 14.71 -18.46 -13.11
C VAL A 494 16.12 -18.08 -13.52
N LEU A 495 16.72 -17.05 -12.88
CA LEU A 495 18.10 -16.67 -13.15
C LEU A 495 18.99 -17.84 -12.68
N SER A 496 19.99 -18.21 -13.49
CA SER A 496 20.76 -19.40 -13.24
C SER A 496 22.28 -19.26 -13.34
N GLY A 497 22.80 -18.03 -13.27
CA GLY A 497 24.24 -17.81 -13.28
C GLY A 497 24.93 -17.59 -14.62
N THR A 498 24.19 -17.39 -15.72
CA THR A 498 24.80 -17.14 -17.04
C THR A 498 24.25 -15.91 -17.76
N GLU A 499 23.11 -15.38 -17.32
CA GLU A 499 22.41 -14.28 -17.98
C GLU A 499 23.22 -13.00 -18.11
N PHE A 500 24.11 -12.71 -17.16
CA PHE A 500 24.88 -11.47 -17.15
C PHE A 500 26.37 -11.66 -17.49
N SER A 501 26.73 -12.81 -18.09
CA SER A 501 28.13 -13.09 -18.44
C SER A 501 28.79 -12.09 -19.42
N ALA A 502 28.02 -11.39 -20.27
CA ALA A 502 28.59 -10.39 -21.19
C ALA A 502 28.90 -9.04 -20.51
N ILE A 503 28.29 -8.77 -19.34
CA ILE A 503 28.53 -7.56 -18.54
C ILE A 503 28.81 -8.07 -17.12
N PRO A 504 29.93 -8.78 -16.90
CA PRO A 504 30.16 -9.40 -15.59
C PRO A 504 30.66 -8.46 -14.48
N HIS A 505 30.92 -7.18 -14.80
CA HIS A 505 31.41 -6.22 -13.81
C HIS A 505 30.33 -5.27 -13.32
N VAL A 506 29.04 -5.68 -13.37
CA VAL A 506 27.95 -4.88 -12.83
C VAL A 506 28.18 -4.82 -11.29
N LYS A 507 28.14 -3.62 -10.74
CA LYS A 507 28.36 -3.36 -9.32
C LYS A 507 27.04 -3.12 -8.60
N TYR A 508 26.07 -2.48 -9.28
CA TYR A 508 24.78 -2.11 -8.70
C TYR A 508 23.70 -2.59 -9.67
N LEU A 509 22.94 -3.61 -9.23
CA LEU A 509 21.90 -4.22 -10.05
C LEU A 509 20.52 -4.01 -9.44
N ASP A 510 19.62 -3.35 -10.19
CA ASP A 510 18.25 -3.12 -9.74
C ASP A 510 17.31 -4.07 -10.54
N LEU A 511 16.73 -5.08 -9.85
CA LEU A 511 15.78 -6.01 -10.46
C LEU A 511 14.40 -5.90 -9.79
N THR A 512 14.07 -4.72 -9.24
CA THR A 512 12.83 -4.55 -8.52
C THR A 512 11.61 -4.62 -9.40
N ASN A 513 10.45 -4.91 -8.79
CA ASN A 513 9.17 -4.86 -9.46
C ASN A 513 9.09 -5.75 -10.68
N ASN A 514 9.56 -6.98 -10.55
CA ASN A 514 9.45 -7.99 -11.60
C ASN A 514 8.60 -9.15 -10.98
N ARG A 515 8.64 -10.36 -11.56
CA ARG A 515 7.96 -11.56 -11.06
C ARG A 515 9.04 -12.68 -10.99
N LEU A 516 10.27 -12.34 -10.56
CA LEU A 516 11.39 -13.28 -10.60
C LEU A 516 11.15 -14.56 -9.79
N ASP A 517 11.54 -15.67 -10.37
CA ASP A 517 11.35 -16.98 -9.76
C ASP A 517 12.70 -17.40 -9.25
N PHE A 518 12.97 -17.15 -7.96
CA PHE A 518 14.26 -17.52 -7.37
C PHE A 518 14.27 -19.03 -7.12
N ASP A 519 14.68 -19.81 -8.13
CA ASP A 519 14.66 -21.27 -8.07
C ASP A 519 15.97 -21.92 -8.50
N ASN A 520 17.10 -21.24 -8.33
CA ASN A 520 18.40 -21.80 -8.70
C ASN A 520 19.49 -21.21 -7.82
N ALA A 521 20.23 -22.06 -7.07
CA ALA A 521 21.28 -21.61 -6.16
C ALA A 521 22.43 -20.84 -6.82
N SER A 522 22.59 -20.91 -8.16
CA SER A 522 23.66 -20.21 -8.86
C SER A 522 23.21 -18.86 -9.46
N ALA A 523 21.99 -18.40 -9.18
CA ALA A 523 21.49 -17.13 -9.71
C ALA A 523 22.43 -15.95 -9.45
N LEU A 524 22.72 -15.13 -10.47
CA LEU A 524 23.53 -13.92 -10.34
C LEU A 524 24.99 -14.09 -9.93
N THR A 525 25.45 -15.35 -9.69
CA THR A 525 26.83 -15.62 -9.24
C THR A 525 27.90 -15.28 -10.29
N GLU A 526 27.53 -15.07 -11.57
CA GLU A 526 28.46 -14.60 -12.59
C GLU A 526 28.90 -13.13 -12.32
N LEU A 527 28.14 -12.37 -11.51
CA LEU A 527 28.44 -10.99 -11.16
C LEU A 527 29.35 -10.96 -9.94
N SER A 528 30.63 -11.33 -10.14
CA SER A 528 31.61 -11.44 -9.05
C SER A 528 31.89 -10.12 -8.31
N ASP A 529 31.79 -8.97 -8.98
CA ASP A 529 32.02 -7.67 -8.35
C ASP A 529 30.74 -7.01 -7.79
N LEU A 530 29.62 -7.74 -7.72
CA LEU A 530 28.35 -7.14 -7.26
C LEU A 530 28.48 -6.61 -5.83
N GLU A 531 28.08 -5.34 -5.62
CA GLU A 531 28.13 -4.64 -4.32
C GLU A 531 26.72 -4.31 -3.81
N VAL A 532 25.79 -3.98 -4.71
CA VAL A 532 24.43 -3.62 -4.31
C VAL A 532 23.48 -4.40 -5.19
N LEU A 533 22.52 -5.11 -4.56
CA LEU A 533 21.52 -5.89 -5.27
C LEU A 533 20.16 -5.53 -4.71
N ASP A 534 19.24 -5.06 -5.59
CA ASP A 534 17.89 -4.70 -5.17
C ASP A 534 16.87 -5.68 -5.79
N LEU A 535 16.31 -6.58 -4.96
CA LEU A 535 15.29 -7.56 -5.39
C LEU A 535 13.90 -7.21 -4.84
N SER A 536 13.67 -5.94 -4.43
CA SER A 536 12.39 -5.50 -3.85
C SER A 536 11.23 -5.78 -4.80
N TYR A 537 10.04 -6.08 -4.24
CA TYR A 537 8.83 -6.27 -5.03
C TYR A 537 8.94 -7.35 -6.12
N ASN A 538 9.38 -8.56 -5.73
CA ASN A 538 9.39 -9.74 -6.58
C ASN A 538 8.65 -10.86 -5.79
N SER A 539 7.51 -10.53 -5.20
CA SER A 539 6.76 -11.46 -4.37
C SER A 539 6.04 -12.57 -5.14
N HIS A 540 5.81 -12.43 -6.46
CA HIS A 540 5.02 -13.38 -7.26
C HIS A 540 5.15 -14.87 -6.86
N TYR A 541 6.38 -15.40 -6.85
CA TYR A 541 6.58 -16.82 -6.56
C TYR A 541 6.83 -17.10 -5.08
N PHE A 542 7.41 -16.13 -4.33
CA PHE A 542 7.59 -16.33 -2.88
C PHE A 542 6.24 -16.53 -2.17
N ARG A 543 5.15 -15.92 -2.69
CA ARG A 543 3.79 -16.04 -2.12
C ARG A 543 3.20 -17.44 -2.21
N ILE A 544 3.69 -18.25 -3.15
CA ILE A 544 3.14 -19.57 -3.43
C ILE A 544 3.88 -20.60 -2.58
N ALA A 545 3.22 -21.23 -1.61
CA ALA A 545 3.89 -22.21 -0.76
C ALA A 545 4.41 -23.43 -1.53
N GLY A 546 3.61 -23.92 -2.48
CA GLY A 546 3.89 -25.15 -3.21
C GLY A 546 5.03 -25.13 -4.21
N VAL A 547 5.53 -23.94 -4.58
CA VAL A 547 6.67 -23.87 -5.49
C VAL A 547 7.95 -23.76 -4.67
N THR A 548 9.08 -24.19 -5.24
CA THR A 548 10.36 -24.11 -4.52
C THR A 548 10.94 -22.69 -4.56
N HIS A 549 11.69 -22.30 -3.50
CA HIS A 549 12.28 -20.97 -3.40
C HIS A 549 13.72 -21.15 -2.91
N HIS A 550 14.68 -20.51 -3.58
CA HIS A 550 16.08 -20.67 -3.26
C HIS A 550 16.81 -19.32 -3.18
N LEU A 551 17.39 -19.01 -2.01
CA LEU A 551 18.18 -17.80 -1.82
C LEU A 551 19.66 -18.09 -1.50
N GLU A 552 20.16 -19.32 -1.79
CA GLU A 552 21.54 -19.73 -1.52
C GLU A 552 22.60 -18.90 -2.22
N PHE A 553 22.28 -18.32 -3.39
CA PHE A 553 23.26 -17.55 -4.16
C PHE A 553 23.88 -16.38 -3.40
N ILE A 554 23.19 -15.84 -2.38
CA ILE A 554 23.69 -14.68 -1.59
C ILE A 554 25.11 -14.93 -1.04
N GLN A 555 25.40 -16.17 -0.64
CA GLN A 555 26.70 -16.59 -0.08
C GLN A 555 27.89 -16.48 -1.04
N ASN A 556 27.66 -16.62 -2.35
CA ASN A 556 28.75 -16.65 -3.33
C ASN A 556 29.47 -15.33 -3.59
N PHE A 557 28.88 -14.19 -3.21
CA PHE A 557 29.49 -12.90 -3.47
C PHE A 557 30.50 -12.48 -2.41
N THR A 558 31.71 -12.10 -2.83
CA THR A 558 32.75 -11.64 -1.91
C THR A 558 32.72 -10.13 -1.66
N ASN A 559 32.08 -9.34 -2.53
CA ASN A 559 32.03 -7.88 -2.37
C ASN A 559 30.59 -7.36 -2.13
N LEU A 560 29.59 -8.24 -1.92
CA LEU A 560 28.21 -7.78 -1.74
C LEU A 560 28.08 -7.04 -0.42
N LYS A 561 27.69 -5.77 -0.48
CA LYS A 561 27.54 -4.91 0.70
C LYS A 561 26.08 -4.68 1.10
N VAL A 562 25.19 -4.43 0.11
CA VAL A 562 23.79 -4.08 0.37
C VAL A 562 22.87 -5.00 -0.41
N LEU A 563 21.90 -5.59 0.29
CA LEU A 563 20.91 -6.47 -0.31
C LEU A 563 19.54 -6.05 0.16
N ASN A 564 18.64 -5.80 -0.78
CA ASN A 564 17.28 -5.41 -0.45
C ASN A 564 16.32 -6.50 -0.91
N LEU A 565 15.75 -7.24 0.06
CA LEU A 565 14.73 -8.25 -0.18
C LEU A 565 13.33 -7.73 0.23
N SER A 566 13.11 -6.40 0.26
CA SER A 566 11.84 -5.87 0.73
C SER A 566 10.62 -6.22 -0.12
N HIS A 567 9.47 -6.31 0.56
CA HIS A 567 8.16 -6.53 -0.05
C HIS A 567 8.13 -7.72 -0.99
N ASN A 568 8.74 -8.81 -0.54
CA ASN A 568 8.77 -10.06 -1.26
C ASN A 568 7.83 -11.11 -0.66
N ASN A 569 7.19 -10.82 0.50
CA ASN A 569 6.26 -11.76 1.14
C ASN A 569 6.95 -13.11 1.40
N ILE A 570 8.23 -13.08 1.78
CA ILE A 570 9.00 -14.30 2.02
C ILE A 570 8.52 -14.95 3.31
N TYR A 571 8.02 -16.19 3.21
CA TYR A 571 7.57 -16.96 4.38
C TYR A 571 8.01 -18.41 4.35
N THR A 572 8.62 -18.90 3.27
CA THR A 572 9.04 -20.29 3.16
C THR A 572 10.18 -20.40 2.15
N LEU A 573 11.21 -21.18 2.51
CA LEU A 573 12.37 -21.46 1.67
C LEU A 573 12.55 -22.99 1.57
N THR A 574 13.16 -23.43 0.47
CA THR A 574 13.38 -24.85 0.19
C THR A 574 14.78 -25.27 0.64
N ASP A 575 14.88 -26.28 1.52
CA ASP A 575 16.13 -26.89 2.01
C ASP A 575 17.08 -25.96 2.82
N LYS A 576 17.55 -24.83 2.24
CA LYS A 576 18.44 -23.93 2.96
C LYS A 576 17.58 -22.81 3.54
N TYR A 577 17.46 -22.82 4.85
CA TYR A 577 16.60 -21.87 5.56
C TYR A 577 17.33 -20.59 5.99
N ASN A 578 18.67 -20.55 5.84
CA ASN A 578 19.51 -19.45 6.28
C ASN A 578 20.12 -18.61 5.18
N LEU A 579 20.22 -17.29 5.45
CA LEU A 579 20.90 -16.34 4.58
C LEU A 579 22.33 -16.26 5.10
N GLU A 580 23.31 -16.38 4.22
CA GLU A 580 24.71 -16.37 4.61
C GLU A 580 25.53 -15.48 3.70
N SER A 581 26.45 -14.71 4.30
CA SER A 581 27.36 -13.84 3.57
C SER A 581 28.47 -13.38 4.47
N LYS A 582 29.73 -13.59 4.06
CA LYS A 582 30.86 -13.10 4.82
C LYS A 582 31.06 -11.57 4.64
N SER A 583 30.50 -10.96 3.57
CA SER A 583 30.69 -9.53 3.28
C SER A 583 29.53 -8.59 3.60
N LEU A 584 28.28 -9.04 3.44
CA LEU A 584 27.10 -8.18 3.56
C LEU A 584 27.08 -7.28 4.80
N VAL A 585 26.86 -5.96 4.61
CA VAL A 585 26.80 -5.01 5.72
C VAL A 585 25.36 -4.58 5.99
N GLU A 586 24.49 -4.52 4.95
CA GLU A 586 23.11 -4.08 5.13
C GLU A 586 22.12 -5.04 4.47
N LEU A 587 21.10 -5.46 5.26
CA LEU A 587 20.02 -6.29 4.75
C LEU A 587 18.71 -5.56 5.01
N VAL A 588 17.93 -5.32 3.95
CA VAL A 588 16.60 -4.78 4.10
C VAL A 588 15.64 -5.95 3.91
N PHE A 589 14.97 -6.36 4.98
CA PHE A 589 14.03 -7.50 4.94
C PHE A 589 12.57 -7.05 5.21
N SER A 590 12.27 -5.77 5.01
CA SER A 590 10.94 -5.25 5.32
C SER A 590 9.89 -5.82 4.39
N GLY A 591 8.66 -5.90 4.87
CA GLY A 591 7.55 -6.35 4.03
C GLY A 591 7.61 -7.83 3.70
N ASN A 592 8.17 -8.63 4.60
CA ASN A 592 8.22 -10.07 4.47
C ASN A 592 7.36 -10.66 5.61
N ARG A 593 7.47 -11.96 5.88
CA ARG A 593 6.66 -12.58 6.91
C ARG A 593 7.48 -13.29 7.98
N LEU A 594 8.29 -12.52 8.71
CA LEU A 594 9.00 -13.08 9.86
C LEU A 594 8.03 -13.56 10.95
N ASP A 595 6.75 -13.09 10.94
CA ASP A 595 5.74 -13.64 11.88
C ASP A 595 5.54 -15.15 11.60
N ILE A 596 5.60 -15.55 10.31
CA ILE A 596 5.47 -16.95 9.92
C ILE A 596 6.83 -17.67 10.08
N LEU A 597 7.93 -17.09 9.53
CA LEU A 597 9.25 -17.73 9.64
C LEU A 597 9.65 -18.00 11.10
N TRP A 598 9.34 -17.06 12.01
CA TRP A 598 9.67 -17.19 13.42
C TRP A 598 8.44 -17.59 14.25
N ASN A 599 7.51 -18.35 13.67
CA ASN A 599 6.36 -18.88 14.41
C ASN A 599 6.88 -19.76 15.56
N ASP A 600 6.29 -19.61 16.76
CA ASP A 600 6.72 -20.33 17.96
C ASP A 600 6.87 -21.83 17.79
N ASP A 601 6.11 -22.44 16.88
CA ASP A 601 6.14 -23.89 16.68
C ASP A 601 7.10 -24.35 15.57
N ASP A 602 7.96 -23.45 15.04
CA ASP A 602 8.90 -23.80 13.99
C ASP A 602 10.31 -23.36 14.37
N ASN A 603 11.26 -24.30 14.42
CA ASN A 603 12.65 -23.97 14.72
C ASN A 603 13.52 -23.80 13.46
N ARG A 604 12.96 -24.02 12.24
CA ARG A 604 13.79 -24.03 11.03
C ARG A 604 14.49 -22.71 10.66
N TYR A 605 13.89 -21.56 10.95
CA TYR A 605 14.44 -20.24 10.59
C TYR A 605 14.99 -19.45 11.77
N ILE A 606 15.27 -20.14 12.89
CA ILE A 606 15.73 -19.51 14.12
C ILE A 606 17.12 -18.84 13.98
N SER A 607 17.93 -19.24 12.98
CA SER A 607 19.23 -18.64 12.71
C SER A 607 19.27 -18.03 11.28
N ILE A 608 18.11 -17.61 10.75
CA ILE A 608 18.02 -17.09 9.38
C ILE A 608 19.06 -16.00 9.03
N PHE A 609 19.38 -15.09 9.94
CA PHE A 609 20.34 -14.01 9.67
C PHE A 609 21.72 -14.20 10.35
N LYS A 610 21.89 -15.25 11.17
CA LYS A 610 23.14 -15.47 11.91
C LYS A 610 24.39 -15.56 11.02
N GLY A 611 24.26 -16.19 9.84
CA GLY A 611 25.34 -16.36 8.88
C GLY A 611 25.74 -15.08 8.16
N LEU A 612 25.03 -13.96 8.39
CA LEU A 612 25.39 -12.67 7.81
C LEU A 612 26.41 -12.08 8.81
N LYS A 613 27.60 -12.69 8.81
CA LYS A 613 28.66 -12.46 9.80
C LYS A 613 29.20 -11.03 9.84
N ASN A 614 29.09 -10.26 8.76
CA ASN A 614 29.61 -8.90 8.71
C ASN A 614 28.48 -7.82 8.81
N LEU A 615 27.22 -8.23 9.11
CA LEU A 615 26.09 -7.33 9.07
C LEU A 615 26.08 -6.26 10.14
N THR A 616 25.89 -4.99 9.76
CA THR A 616 25.81 -3.87 10.69
C THR A 616 24.42 -3.22 10.68
N ARG A 617 23.68 -3.28 9.56
CA ARG A 617 22.36 -2.66 9.48
C ARG A 617 21.34 -3.70 9.05
N LEU A 618 20.27 -3.87 9.85
CA LEU A 618 19.22 -4.84 9.55
C LEU A 618 17.84 -4.19 9.69
N ASP A 619 16.99 -4.32 8.66
CA ASP A 619 15.65 -3.75 8.72
C ASP A 619 14.61 -4.86 8.67
N LEU A 620 13.94 -5.10 9.81
CA LEU A 620 12.88 -6.09 9.99
C LEU A 620 11.50 -5.44 10.10
N SER A 621 11.34 -4.19 9.59
CA SER A 621 10.05 -3.52 9.68
C SER A 621 8.99 -4.19 8.82
N LEU A 622 7.71 -3.93 9.09
CA LEU A 622 6.59 -4.42 8.28
C LEU A 622 6.62 -5.94 8.07
N ASN A 623 6.89 -6.69 9.13
CA ASN A 623 6.90 -8.15 9.06
C ASN A 623 5.77 -8.80 9.92
N ARG A 624 4.78 -7.99 10.35
CA ARG A 624 3.61 -8.44 11.14
C ARG A 624 3.99 -9.14 12.44
N LEU A 625 5.16 -8.82 12.99
CA LEU A 625 5.66 -9.48 14.20
C LEU A 625 4.89 -9.07 15.45
N LYS A 626 4.38 -10.05 16.19
CA LYS A 626 3.73 -9.82 17.49
C LYS A 626 4.74 -10.03 18.64
N HIS A 627 5.71 -10.92 18.43
CA HIS A 627 6.83 -11.13 19.35
C HIS A 627 7.95 -11.85 18.59
N ILE A 628 9.19 -11.70 19.04
CA ILE A 628 10.32 -12.37 18.42
C ILE A 628 10.74 -13.45 19.40
N PRO A 629 10.85 -14.75 19.01
CA PRO A 629 11.32 -15.75 19.99
C PRO A 629 12.68 -15.38 20.54
N ASN A 630 12.91 -15.56 21.84
CA ASN A 630 14.17 -15.18 22.47
C ASN A 630 15.40 -15.76 21.76
N GLU A 631 15.33 -17.03 21.34
CA GLU A 631 16.42 -17.70 20.63
C GLU A 631 16.66 -17.05 19.26
N ALA A 632 15.58 -16.64 18.56
CA ALA A 632 15.74 -15.98 17.26
C ALA A 632 16.39 -14.62 17.42
N PHE A 633 16.04 -13.84 18.47
CA PHE A 633 16.66 -12.52 18.66
C PHE A 633 18.15 -12.70 18.98
N LEU A 634 18.47 -13.69 19.81
CA LEU A 634 19.86 -13.99 20.16
C LEU A 634 20.69 -14.45 18.97
N ASN A 635 20.04 -14.98 17.90
CA ASN A 635 20.78 -15.40 16.72
C ASN A 635 20.91 -14.29 15.67
N LEU A 636 20.56 -13.03 15.99
CA LEU A 636 20.81 -11.93 15.08
C LEU A 636 22.34 -11.67 15.15
N PRO A 637 22.99 -11.24 14.05
CA PRO A 637 24.46 -11.04 14.09
C PRO A 637 24.92 -10.13 15.21
N ALA A 638 25.88 -10.60 16.05
CA ALA A 638 26.41 -9.77 17.15
C ALA A 638 27.16 -8.52 16.63
N SER A 639 27.43 -8.44 15.32
CA SER A 639 28.08 -7.30 14.67
C SER A 639 27.11 -6.09 14.45
N LEU A 640 25.80 -6.27 14.69
CA LEU A 640 24.83 -5.19 14.44
C LEU A 640 25.12 -3.86 15.14
N THR A 641 25.05 -2.75 14.39
CA THR A 641 25.14 -1.40 14.93
C THR A 641 23.76 -0.68 14.82
N GLU A 642 22.91 -1.09 13.86
CA GLU A 642 21.62 -0.44 13.63
C GLU A 642 20.56 -1.51 13.36
N LEU A 643 19.50 -1.56 14.17
CA LEU A 643 18.44 -2.56 14.04
C LEU A 643 17.07 -1.89 14.02
N HIS A 644 16.31 -2.07 12.94
CA HIS A 644 14.96 -1.54 12.83
C HIS A 644 13.96 -2.67 12.89
N ILE A 645 12.99 -2.55 13.79
CA ILE A 645 11.87 -3.50 13.92
C ILE A 645 10.55 -2.65 14.00
N ASN A 646 10.52 -1.49 13.34
CA ASN A 646 9.42 -0.57 13.38
C ASN A 646 8.24 -1.08 12.56
N ASP A 647 7.04 -0.55 12.83
CA ASP A 647 5.83 -0.91 12.09
C ASP A 647 5.58 -2.43 12.03
N ASN A 648 5.59 -3.04 13.20
CA ASN A 648 5.19 -4.42 13.43
C ASN A 648 4.01 -4.28 14.46
N MET A 649 3.69 -5.33 15.22
N MET A 649 3.69 -5.33 15.22
CA MET A 649 2.66 -5.28 16.25
CA MET A 649 2.65 -5.30 16.25
C MET A 649 3.25 -5.86 17.55
C MET A 649 3.25 -5.86 17.55
N LEU A 650 4.51 -5.50 17.87
CA LEU A 650 5.18 -6.05 19.05
C LEU A 650 4.51 -5.63 20.34
N LYS A 651 4.11 -6.62 21.17
CA LYS A 651 3.53 -6.39 22.48
C LYS A 651 4.61 -6.52 23.58
N PHE A 652 5.67 -7.32 23.33
CA PHE A 652 6.76 -7.52 24.27
C PHE A 652 8.11 -7.37 23.55
N PHE A 653 9.13 -6.93 24.29
CA PHE A 653 10.50 -6.79 23.81
C PHE A 653 11.40 -7.16 24.97
N ASN A 654 12.21 -8.21 24.82
CA ASN A 654 13.05 -8.68 25.91
C ASN A 654 14.34 -7.83 25.90
N TRP A 655 14.35 -6.75 26.71
CA TRP A 655 15.47 -5.81 26.78
C TRP A 655 16.77 -6.45 27.26
N THR A 656 16.68 -7.52 28.07
CA THR A 656 17.86 -8.21 28.58
C THR A 656 18.77 -8.73 27.47
N LEU A 657 18.20 -9.09 26.30
CA LEU A 657 18.95 -9.64 25.18
C LEU A 657 19.87 -8.64 24.50
N LEU A 658 19.75 -7.33 24.78
CA LEU A 658 20.68 -6.35 24.20
C LEU A 658 22.13 -6.53 24.69
N GLN A 659 22.34 -7.33 25.77
CA GLN A 659 23.66 -7.66 26.30
C GLN A 659 24.55 -8.33 25.27
N GLN A 660 23.96 -9.17 24.40
CA GLN A 660 24.69 -9.88 23.35
C GLN A 660 25.00 -9.05 22.13
N PHE A 661 24.67 -7.74 22.13
CA PHE A 661 24.90 -6.85 21.00
C PHE A 661 25.71 -5.65 21.49
N PRO A 662 27.03 -5.85 21.71
CA PRO A 662 27.86 -4.77 22.28
C PRO A 662 28.17 -3.59 21.36
N ARG A 663 27.87 -3.72 20.07
CA ARG A 663 28.09 -2.64 19.10
C ARG A 663 26.77 -1.92 18.72
N LEU A 664 25.60 -2.33 19.29
CA LEU A 664 24.32 -1.72 18.94
C LEU A 664 24.22 -0.26 19.36
N GLU A 665 24.14 0.64 18.36
CA GLU A 665 24.04 2.09 18.53
C GLU A 665 22.63 2.61 18.31
N LEU A 666 21.86 2.00 17.40
CA LEU A 666 20.52 2.48 17.09
C LEU A 666 19.51 1.35 17.15
N LEU A 667 18.44 1.55 17.95
CA LEU A 667 17.38 0.55 18.07
C LEU A 667 16.08 1.28 17.75
N ASP A 668 15.40 0.84 16.68
CA ASP A 668 14.18 1.49 16.23
C ASP A 668 12.98 0.54 16.39
N LEU A 669 12.15 0.82 17.39
CA LEU A 669 10.94 0.04 17.70
C LEU A 669 9.67 0.90 17.53
N ARG A 670 9.71 1.93 16.69
CA ARG A 670 8.54 2.78 16.45
C ARG A 670 7.37 1.99 15.85
N GLY A 671 6.14 2.48 16.06
CA GLY A 671 4.96 1.87 15.46
C GLY A 671 4.71 0.43 15.86
N ASN A 672 4.74 0.16 17.16
CA ASN A 672 4.47 -1.17 17.70
C ASN A 672 3.38 -1.02 18.82
N LYS A 673 3.21 -2.00 19.73
CA LYS A 673 2.23 -1.93 20.81
C LYS A 673 2.91 -2.16 22.17
N LEU A 674 4.17 -1.74 22.31
CA LEU A 674 4.92 -1.97 23.54
C LEU A 674 4.27 -1.23 24.71
N LEU A 675 4.08 -1.94 25.82
CA LEU A 675 3.36 -1.43 26.99
C LEU A 675 4.24 -0.90 28.09
N PHE A 676 5.50 -1.34 28.17
CA PHE A 676 6.40 -0.86 29.21
C PHE A 676 7.86 -0.96 28.78
N LEU A 677 8.73 -0.27 29.53
CA LEU A 677 10.16 -0.19 29.31
C LEU A 677 10.90 -0.80 30.49
N THR A 678 12.08 -1.39 30.25
CA THR A 678 12.87 -1.98 31.32
C THR A 678 13.38 -0.89 32.27
N ASP A 679 13.47 -1.23 33.57
CA ASP A 679 13.95 -0.30 34.59
C ASP A 679 15.48 -0.42 34.84
N SER A 680 16.22 -1.15 33.98
CA SER A 680 17.66 -1.38 34.15
C SER A 680 18.34 -1.53 32.79
N LEU A 681 18.10 -0.56 31.87
CA LEU A 681 18.68 -0.59 30.54
C LEU A 681 20.21 -0.50 30.55
N SER A 682 20.82 0.19 31.55
CA SER A 682 22.28 0.28 31.65
C SER A 682 22.93 -1.09 31.93
N ASP A 683 22.20 -2.01 32.57
CA ASP A 683 22.71 -3.36 32.80
C ASP A 683 22.75 -4.19 31.50
N PHE A 684 21.92 -3.83 30.50
CA PHE A 684 21.82 -4.58 29.26
C PHE A 684 22.56 -3.91 28.09
N THR A 685 22.87 -2.62 28.16
CA THR A 685 23.58 -1.95 27.07
C THR A 685 24.37 -0.74 27.53
N SER A 686 25.55 -0.54 26.94
CA SER A 686 26.42 0.62 27.17
C SER A 686 26.84 1.29 25.84
N SER A 687 26.30 0.84 24.68
CA SER A 687 26.62 1.39 23.37
C SER A 687 25.43 2.10 22.72
N LEU A 688 24.19 1.78 23.14
CA LEU A 688 23.00 2.37 22.53
C LEU A 688 23.00 3.90 22.63
N ARG A 689 22.96 4.58 21.48
CA ARG A 689 22.98 6.04 21.36
C ARG A 689 21.60 6.57 20.95
N THR A 690 20.86 5.84 20.10
CA THR A 690 19.55 6.27 19.63
C THR A 690 18.51 5.16 19.94
N LEU A 691 17.38 5.54 20.59
CA LEU A 691 16.31 4.60 20.91
C LEU A 691 15.01 5.22 20.43
N LEU A 692 14.43 4.67 19.37
CA LEU A 692 13.19 5.22 18.82
C LEU A 692 11.99 4.36 19.26
N LEU A 693 11.08 4.97 20.04
CA LEU A 693 9.92 4.27 20.57
C LEU A 693 8.60 4.98 20.28
N SER A 694 8.56 5.95 19.34
CA SER A 694 7.33 6.66 19.04
C SER A 694 6.24 5.72 18.50
N HIS A 695 4.99 6.07 18.75
CA HIS A 695 3.86 5.27 18.29
C HIS A 695 3.86 3.90 18.94
N ASN A 696 3.87 3.89 20.27
CA ASN A 696 3.77 2.67 21.07
C ASN A 696 2.70 2.96 22.18
N ARG A 697 2.60 2.13 23.23
CA ARG A 697 1.61 2.33 24.28
C ARG A 697 2.28 2.45 25.64
N ILE A 698 3.43 3.13 25.71
CA ILE A 698 4.13 3.31 26.97
C ILE A 698 3.35 4.34 27.77
N SER A 699 2.78 3.94 28.92
CA SER A 699 2.01 4.85 29.78
C SER A 699 2.79 5.37 30.99
N HIS A 700 4.00 4.83 31.25
CA HIS A 700 4.77 5.25 32.41
C HIS A 700 6.26 4.95 32.20
N LEU A 701 7.13 5.87 32.63
CA LEU A 701 8.57 5.66 32.55
C LEU A 701 9.02 5.16 33.92
N PRO A 702 9.76 4.03 34.02
CA PRO A 702 10.18 3.56 35.35
C PRO A 702 11.16 4.50 36.07
N SER A 703 11.41 4.29 37.37
CA SER A 703 12.34 5.13 38.12
C SER A 703 13.76 4.97 37.59
N GLY A 704 14.47 6.08 37.46
CA GLY A 704 15.84 6.09 36.96
C GLY A 704 15.96 5.54 35.56
N PHE A 705 15.21 6.11 34.61
CA PHE A 705 15.24 5.66 33.23
C PHE A 705 16.16 6.54 32.36
N LEU A 706 15.90 7.85 32.30
CA LEU A 706 16.65 8.78 31.46
C LEU A 706 18.08 9.11 31.95
N SER A 707 18.37 8.92 33.24
CA SER A 707 19.66 9.28 33.84
C SER A 707 20.80 8.26 33.69
N GLU A 708 20.54 6.97 33.94
CA GLU A 708 21.59 5.95 33.98
C GLU A 708 22.19 5.53 32.62
N VAL A 709 21.43 5.56 31.51
CA VAL A 709 21.99 5.16 30.20
C VAL A 709 22.89 6.31 29.71
N SER A 710 24.18 6.24 30.04
CA SER A 710 25.14 7.29 29.68
C SER A 710 25.34 7.50 28.18
N SER A 711 25.36 6.43 27.39
CA SER A 711 25.57 6.55 25.94
C SER A 711 24.33 7.08 25.18
N LEU A 712 23.13 7.04 25.77
CA LEU A 712 21.90 7.47 25.06
C LEU A 712 21.86 8.99 24.79
N LYS A 713 21.91 9.38 23.52
CA LYS A 713 21.88 10.77 23.06
C LYS A 713 20.48 11.17 22.57
N HIS A 714 19.78 10.26 21.88
CA HIS A 714 18.46 10.54 21.30
C HIS A 714 17.44 9.50 21.78
N LEU A 715 16.41 9.94 22.52
CA LEU A 715 15.33 9.10 22.99
C LEU A 715 14.04 9.69 22.42
N ASP A 716 13.33 8.90 21.60
CA ASP A 716 12.09 9.37 21.01
C ASP A 716 10.91 8.63 21.66
N LEU A 717 10.17 9.34 22.52
CA LEU A 717 8.98 8.81 23.19
C LEU A 717 7.69 9.48 22.69
N SER A 718 7.71 10.16 21.52
CA SER A 718 6.52 10.83 21.01
C SER A 718 5.39 9.83 20.67
N SER A 719 4.15 10.31 20.68
CA SER A 719 2.97 9.51 20.37
C SER A 719 2.87 8.21 21.15
N ASN A 720 3.04 8.31 22.46
CA ASN A 720 2.86 7.18 23.37
C ASN A 720 1.64 7.52 24.29
N LEU A 721 1.49 6.93 25.49
CA LEU A 721 0.36 7.22 26.36
C LEU A 721 0.86 7.78 27.70
N LEU A 722 1.95 8.58 27.68
CA LEU A 722 2.50 9.15 28.90
C LEU A 722 1.58 10.26 29.40
N LYS A 723 1.11 10.15 30.67
CA LYS A 723 0.28 11.15 31.33
C LYS A 723 1.19 12.17 32.07
N THR A 724 2.38 11.73 32.52
CA THR A 724 3.34 12.59 33.22
C THR A 724 4.74 11.92 33.22
N ILE A 725 5.76 12.63 33.73
CA ILE A 725 7.10 12.09 33.91
C ILE A 725 7.49 12.51 35.34
N ASN A 726 7.55 11.55 36.27
CA ASN A 726 7.86 11.83 37.68
C ASN A 726 9.32 12.22 37.88
N LYS A 727 9.61 13.00 38.94
CA LYS A 727 10.97 13.45 39.28
C LYS A 727 11.95 12.27 39.39
N SER A 728 11.50 11.09 39.87
CA SER A 728 12.36 9.92 39.99
C SER A 728 12.83 9.36 38.63
N ALA A 729 12.01 9.47 37.57
CA ALA A 729 12.37 8.96 36.25
C ALA A 729 13.48 9.79 35.57
N LEU A 730 13.50 11.12 35.78
CA LEU A 730 14.50 11.97 35.14
C LEU A 730 15.92 11.85 35.75
N GLU A 731 16.07 12.12 37.06
CA GLU A 731 17.39 12.12 37.72
C GLU A 731 17.54 11.02 38.76
N THR A 732 18.79 10.63 39.05
CA THR A 732 19.11 9.62 40.07
C THR A 732 20.50 9.95 40.71
N LYS A 733 21.63 9.62 40.02
CA LYS A 733 22.99 9.88 40.53
C LYS A 733 23.83 10.66 39.50
N THR A 734 23.81 10.21 38.23
CA THR A 734 24.52 10.87 37.14
C THR A 734 23.48 11.54 36.25
N THR A 735 23.60 12.86 36.00
CA THR A 735 22.63 13.57 35.16
C THR A 735 22.59 13.01 33.73
N THR A 736 21.53 13.36 32.98
CA THR A 736 21.30 12.84 31.63
C THR A 736 22.31 13.30 30.58
N LYS A 737 22.86 12.34 29.79
CA LYS A 737 23.72 12.69 28.64
C LYS A 737 22.86 12.79 27.34
N LEU A 738 21.52 12.88 27.45
CA LEU A 738 20.64 13.06 26.32
C LEU A 738 20.84 14.45 25.74
N SER A 739 20.70 14.57 24.44
CA SER A 739 20.71 15.83 23.72
C SER A 739 19.36 16.07 22.99
N MET A 740 18.52 15.00 22.80
CA MET A 740 17.21 15.13 22.18
C MET A 740 16.21 14.15 22.81
N LEU A 741 15.10 14.70 23.28
CA LEU A 741 14.02 13.95 23.90
C LEU A 741 12.73 14.38 23.19
N GLU A 742 12.13 13.48 22.41
CA GLU A 742 10.89 13.78 21.71
C GLU A 742 9.71 13.27 22.55
N LEU A 743 8.69 14.13 22.75
CA LEU A 743 7.53 13.81 23.57
C LEU A 743 6.19 14.31 23.00
N HIS A 744 6.17 14.88 21.79
CA HIS A 744 4.91 15.37 21.20
C HIS A 744 3.92 14.22 20.99
N GLY A 745 2.64 14.49 21.15
CA GLY A 745 1.60 13.48 20.96
C GLY A 745 1.26 12.64 22.18
N ASN A 746 1.82 12.93 23.38
CA ASN A 746 1.49 12.18 24.59
C ASN A 746 0.34 12.88 25.30
N PRO A 747 -0.63 12.13 25.86
CA PRO A 747 -1.77 12.77 26.52
C PRO A 747 -1.42 13.24 27.95
N PHE A 748 -0.60 14.28 28.05
CA PHE A 748 -0.15 14.80 29.33
C PHE A 748 -1.28 15.35 30.20
N GLU A 749 -1.19 15.10 31.52
CA GLU A 749 -2.12 15.56 32.55
C GLU A 749 -1.47 16.85 33.08
N CYS A 750 -2.12 17.98 32.82
CA CYS A 750 -1.61 19.29 33.19
C CYS A 750 -2.21 19.82 34.45
N THR A 751 -1.82 19.20 35.55
CA THR A 751 -2.13 19.58 36.92
C THR A 751 -0.76 19.93 37.55
N CYS A 752 -0.70 20.23 38.86
CA CYS A 752 0.58 20.50 39.51
C CYS A 752 1.53 19.26 39.46
N ASP A 753 1.01 18.07 39.10
CA ASP A 753 1.82 16.85 38.95
C ASP A 753 2.82 16.96 37.78
N ILE A 754 2.58 17.84 36.80
CA ILE A 754 3.55 18.04 35.70
C ILE A 754 4.69 19.03 36.11
N GLY A 755 4.57 19.68 37.28
CA GLY A 755 5.55 20.67 37.75
C GLY A 755 6.97 20.18 37.81
N ASP A 756 7.18 18.95 38.30
CA ASP A 756 8.52 18.38 38.40
C ASP A 756 9.19 18.28 37.01
N PHE A 757 8.46 17.80 35.97
CA PHE A 757 9.05 17.73 34.63
C PHE A 757 9.28 19.12 34.06
N ARG A 758 8.39 20.09 34.35
CA ARG A 758 8.59 21.47 33.90
C ARG A 758 9.86 22.06 34.51
N ARG A 759 10.11 21.79 35.79
CA ARG A 759 11.32 22.26 36.45
C ARG A 759 12.55 21.56 35.87
N TRP A 760 12.45 20.26 35.56
CA TRP A 760 13.54 19.51 34.94
C TRP A 760 13.87 20.11 33.57
N MET A 761 12.86 20.48 32.77
CA MET A 761 13.07 21.09 31.47
C MET A 761 13.87 22.40 31.59
N ASP A 762 13.59 23.20 32.65
CA ASP A 762 14.32 24.45 32.91
C ASP A 762 15.78 24.19 33.34
N GLU A 763 16.01 23.13 34.13
CA GLU A 763 17.35 22.77 34.59
C GLU A 763 18.18 22.02 33.54
N HIS A 764 17.57 21.55 32.43
CA HIS A 764 18.25 20.79 31.39
C HIS A 764 17.97 21.40 30.02
N LEU A 765 18.38 22.67 29.83
CA LEU A 765 18.20 23.35 28.55
C LEU A 765 19.03 22.74 27.42
N ASN A 766 20.07 21.94 27.75
CA ASN A 766 20.88 21.25 26.74
C ASN A 766 20.13 20.05 26.11
N VAL A 767 19.08 19.52 26.79
CA VAL A 767 18.27 18.43 26.25
C VAL A 767 17.19 19.07 25.38
N LYS A 768 17.33 18.99 24.06
CA LYS A 768 16.37 19.59 23.14
C LYS A 768 15.07 18.78 23.10
N ILE A 769 13.91 19.48 23.13
CA ILE A 769 12.58 18.87 23.03
C ILE A 769 11.91 19.61 21.87
N PRO A 770 11.93 19.06 20.65
CA PRO A 770 11.31 19.79 19.52
C PRO A 770 9.79 19.85 19.57
N ARG A 771 9.23 20.81 18.81
CA ARG A 771 7.80 21.00 18.64
C ARG A 771 7.03 21.04 19.95
N LEU A 772 7.39 21.96 20.85
CA LEU A 772 6.69 22.13 22.13
C LEU A 772 5.21 22.49 21.92
N VAL A 773 4.87 23.14 20.79
CA VAL A 773 3.48 23.41 20.41
C VAL A 773 2.66 22.12 20.34
N ASP A 774 3.29 20.97 20.00
CA ASP A 774 2.65 19.66 19.89
C ASP A 774 2.77 18.78 21.15
N VAL A 775 3.47 19.25 22.21
CA VAL A 775 3.58 18.56 23.49
C VAL A 775 2.43 19.19 24.28
N ILE A 776 1.22 18.64 24.11
CA ILE A 776 -0.08 19.19 24.52
C ILE A 776 -0.75 18.50 25.73
N CYS A 777 -1.55 19.28 26.48
CA CYS A 777 -2.33 18.81 27.61
C CYS A 777 -3.57 18.12 27.08
N ALA A 778 -3.85 16.90 27.54
CA ALA A 778 -5.10 16.20 27.22
C ALA A 778 -6.15 16.41 28.33
N SER A 779 -5.72 16.76 29.57
CA SER A 779 -6.58 16.96 30.72
C SER A 779 -5.92 17.92 31.72
N PRO A 780 -6.67 18.61 32.62
CA PRO A 780 -8.14 18.70 32.68
C PRO A 780 -8.70 19.53 31.51
N GLY A 781 -10.03 19.62 31.42
CA GLY A 781 -10.71 20.34 30.34
C GLY A 781 -10.22 21.76 30.11
N ASP A 782 -10.02 22.52 31.19
CA ASP A 782 -9.53 23.91 31.09
C ASP A 782 -8.13 24.05 30.46
N GLN A 783 -7.30 22.99 30.50
CA GLN A 783 -5.93 23.02 29.95
C GLN A 783 -5.80 22.29 28.60
N ARG A 784 -6.82 21.51 28.18
CA ARG A 784 -6.79 20.78 26.92
C ARG A 784 -6.44 21.68 25.72
N GLY A 785 -5.60 21.16 24.82
CA GLY A 785 -5.17 21.89 23.63
C GLY A 785 -3.90 22.72 23.81
N LYS A 786 -3.64 23.17 25.03
CA LYS A 786 -2.47 24.01 25.32
C LYS A 786 -1.18 23.21 25.51
N SER A 787 -0.05 23.79 25.11
CA SER A 787 1.25 23.18 25.31
C SER A 787 1.55 23.07 26.81
N ILE A 788 2.26 22.02 27.22
CA ILE A 788 2.59 21.85 28.64
C ILE A 788 3.45 23.02 29.15
N VAL A 789 4.27 23.64 28.29
CA VAL A 789 5.11 24.77 28.66
C VAL A 789 4.29 26.08 28.87
N SER A 790 3.03 26.14 28.38
CA SER A 790 2.15 27.30 28.57
C SER A 790 1.37 27.27 29.91
N LEU A 791 1.35 26.12 30.61
CA LEU A 791 0.62 25.96 31.86
C LEU A 791 1.12 26.94 32.95
N GLU A 792 0.18 27.50 33.76
CA GLU A 792 0.46 28.48 34.81
C GLU A 792 0.89 29.81 34.21
N ARG B 6 -29.39 -0.01 29.74
CA ARG B 6 -28.38 -0.21 28.69
C ARG B 6 -27.35 -1.23 29.17
N SER B 7 -27.12 -2.30 28.39
CA SER B 7 -26.21 -3.39 28.78
C SER B 7 -24.76 -2.92 28.84
N TYR B 8 -24.02 -3.33 29.88
CA TYR B 8 -22.60 -2.98 30.03
C TYR B 8 -21.89 -4.09 30.82
N PRO B 9 -20.69 -4.59 30.40
CA PRO B 9 -19.88 -4.20 29.24
C PRO B 9 -20.21 -4.85 27.89
N CYS B 10 -21.13 -5.83 27.85
CA CYS B 10 -21.47 -6.56 26.62
C CYS B 10 -22.57 -5.87 25.79
N ASP B 11 -22.66 -6.19 24.49
CA ASP B 11 -23.71 -5.71 23.58
C ASP B 11 -24.67 -6.88 23.33
N GLU B 12 -25.99 -6.72 23.54
CA GLU B 12 -26.97 -7.81 23.39
C GLU B 12 -27.78 -7.82 22.08
N LYS B 13 -27.63 -8.88 21.26
CA LYS B 13 -28.37 -9.09 20.00
C LYS B 13 -29.39 -10.21 20.20
N LYS B 14 -30.62 -10.05 19.68
CA LYS B 14 -31.69 -11.05 19.82
C LYS B 14 -31.89 -11.80 18.51
N ASP B 17 -34.46 -17.79 18.36
CA ASP B 17 -34.81 -18.43 19.62
C ASP B 17 -33.63 -18.34 20.61
N SER B 18 -33.04 -17.14 20.78
CA SER B 18 -31.91 -16.93 21.69
C SER B 18 -31.54 -15.43 21.82
N VAL B 19 -30.71 -15.09 22.82
CA VAL B 19 -30.22 -13.73 23.06
C VAL B 19 -28.71 -13.85 23.36
N ILE B 20 -27.89 -13.21 22.52
CA ILE B 20 -26.44 -13.28 22.60
C ILE B 20 -25.84 -12.05 23.26
N ALA B 21 -24.92 -12.26 24.21
CA ALA B 21 -24.16 -11.19 24.84
C ALA B 21 -22.79 -11.15 24.17
N GLU B 22 -22.60 -10.19 23.26
CA GLU B 22 -21.35 -10.01 22.55
C GLU B 22 -20.44 -9.25 23.49
N CYS B 23 -19.48 -9.96 24.09
CA CYS B 23 -18.59 -9.37 25.09
C CYS B 23 -17.12 -9.61 24.76
N SER B 24 -16.77 -9.89 23.49
CA SER B 24 -15.40 -10.20 23.12
C SER B 24 -14.54 -8.96 22.91
N ASN B 25 -13.22 -9.13 23.04
CA ASN B 25 -12.23 -8.11 22.74
C ASN B 25 -12.50 -6.74 23.38
N ARG B 26 -12.74 -6.72 24.68
CA ARG B 26 -13.06 -5.51 25.44
C ARG B 26 -12.12 -5.31 26.64
N ARG B 27 -10.96 -5.98 26.67
CA ARG B 27 -9.99 -5.81 27.76
C ARG B 27 -10.53 -6.19 29.14
N LEU B 28 -11.45 -7.16 29.19
CA LEU B 28 -12.04 -7.58 30.46
C LEU B 28 -11.02 -8.42 31.22
N GLN B 29 -10.72 -8.04 32.47
CA GLN B 29 -9.77 -8.75 33.33
C GLN B 29 -10.44 -9.89 34.12
N GLU B 30 -11.78 -9.83 34.28
CA GLU B 30 -12.57 -10.85 34.96
C GLU B 30 -13.90 -11.04 34.21
N VAL B 31 -14.62 -12.13 34.50
CA VAL B 31 -15.93 -12.36 33.90
C VAL B 31 -16.88 -11.26 34.47
N PRO B 32 -17.58 -10.48 33.63
CA PRO B 32 -18.41 -9.40 34.20
C PRO B 32 -19.57 -9.92 35.02
N GLN B 33 -19.78 -9.32 36.20
CA GLN B 33 -20.91 -9.68 37.06
C GLN B 33 -22.16 -8.85 36.72
N THR B 34 -22.27 -8.32 35.48
CA THR B 34 -23.41 -7.52 35.03
C THR B 34 -24.00 -8.08 33.72
N VAL B 35 -23.84 -9.39 33.45
CA VAL B 35 -24.43 -10.02 32.26
C VAL B 35 -25.94 -10.16 32.52
N GLY B 36 -26.74 -9.99 31.48
CA GLY B 36 -28.20 -10.07 31.62
C GLY B 36 -28.69 -11.45 32.04
N LYS B 37 -29.65 -11.48 32.97
CA LYS B 37 -30.28 -12.71 33.48
C LYS B 37 -30.88 -13.58 32.36
N TYR B 38 -31.38 -12.93 31.30
CA TYR B 38 -32.01 -13.60 30.16
C TYR B 38 -31.00 -14.06 29.08
N VAL B 39 -29.72 -13.64 29.15
CA VAL B 39 -28.70 -14.04 28.16
C VAL B 39 -28.57 -15.57 28.10
N THR B 40 -28.53 -16.13 26.88
CA THR B 40 -28.40 -17.57 26.64
C THR B 40 -27.05 -17.93 26.01
N GLU B 41 -26.35 -16.98 25.35
CA GLU B 41 -25.05 -17.26 24.73
C GLU B 41 -24.11 -16.13 25.12
N LEU B 42 -23.00 -16.46 25.76
CA LEU B 42 -22.06 -15.45 26.24
C LEU B 42 -20.73 -15.63 25.55
N ASP B 43 -20.31 -14.60 24.78
CA ASP B 43 -19.06 -14.61 24.08
C ASP B 43 -18.09 -13.71 24.81
N LEU B 44 -17.15 -14.31 25.54
CA LEU B 44 -16.09 -13.59 26.25
C LEU B 44 -14.71 -13.81 25.64
N SER B 45 -14.64 -14.20 24.37
CA SER B 45 -13.37 -14.49 23.73
C SER B 45 -12.46 -13.25 23.60
N ASP B 46 -11.14 -13.46 23.48
CA ASP B 46 -10.17 -12.39 23.25
C ASP B 46 -10.18 -11.28 24.31
N ASN B 47 -10.26 -11.67 25.58
CA ASN B 47 -10.20 -10.73 26.68
C ASN B 47 -8.95 -11.07 27.53
N PHE B 48 -8.79 -10.47 28.71
CA PHE B 48 -7.64 -10.73 29.58
C PHE B 48 -8.05 -11.52 30.84
N ILE B 49 -9.12 -12.33 30.76
CA ILE B 49 -9.58 -13.13 31.89
C ILE B 49 -8.54 -14.21 32.21
N THR B 50 -8.11 -14.29 33.49
CA THR B 50 -7.11 -15.25 33.95
C THR B 50 -7.69 -16.34 34.85
N HIS B 51 -8.88 -16.14 35.44
CA HIS B 51 -9.48 -17.10 36.35
C HIS B 51 -10.96 -17.32 36.10
N ILE B 52 -11.40 -18.57 36.23
CA ILE B 52 -12.81 -18.97 36.17
C ILE B 52 -13.07 -19.78 37.44
N THR B 53 -14.04 -19.37 38.26
CA THR B 53 -14.41 -20.06 39.49
C THR B 53 -15.92 -20.42 39.48
N ASN B 54 -16.41 -21.11 40.53
CA ASN B 54 -17.86 -21.42 40.64
C ASN B 54 -18.72 -20.14 40.87
N GLU B 55 -18.09 -18.97 41.10
CA GLU B 55 -18.79 -17.68 41.24
C GLU B 55 -18.76 -16.84 39.95
N SER B 56 -17.98 -17.25 38.91
CA SER B 56 -17.88 -16.49 37.66
C SER B 56 -19.21 -16.35 36.90
N PHE B 57 -19.96 -17.45 36.76
CA PHE B 57 -21.26 -17.44 36.05
C PHE B 57 -22.42 -17.67 37.02
N GLN B 58 -22.29 -17.17 38.26
CA GLN B 58 -23.32 -17.34 39.30
C GLN B 58 -24.61 -16.61 38.90
N GLY B 59 -25.75 -17.29 39.02
CA GLY B 59 -27.05 -16.73 38.68
C GLY B 59 -27.31 -16.56 37.20
N LEU B 60 -26.53 -17.23 36.31
CA LEU B 60 -26.72 -17.15 34.87
C LEU B 60 -27.13 -18.55 34.35
N GLN B 61 -28.21 -19.10 34.92
CA GLN B 61 -28.71 -20.43 34.58
C GLN B 61 -29.24 -20.58 33.15
N ASN B 62 -29.64 -19.48 32.49
CA ASN B 62 -30.12 -19.56 31.11
C ASN B 62 -28.98 -19.80 30.09
N LEU B 63 -27.71 -19.73 30.50
CA LEU B 63 -26.60 -19.91 29.55
C LEU B 63 -26.55 -21.32 28.97
N THR B 64 -26.66 -21.42 27.64
CA THR B 64 -26.53 -22.66 26.88
C THR B 64 -25.17 -22.70 26.14
N LYS B 65 -24.47 -21.55 25.98
CA LYS B 65 -23.21 -21.51 25.28
C LYS B 65 -22.29 -20.47 25.90
N ILE B 66 -21.02 -20.83 26.09
CA ILE B 66 -20.01 -19.91 26.59
C ILE B 66 -18.82 -20.04 25.67
N ASN B 67 -18.30 -18.91 25.20
CA ASN B 67 -17.09 -18.91 24.40
C ASN B 67 -16.03 -18.13 25.19
N LEU B 68 -15.02 -18.84 25.67
CA LEU B 68 -13.90 -18.25 26.42
C LEU B 68 -12.58 -18.39 25.66
N ASN B 69 -12.62 -18.53 24.32
CA ASN B 69 -11.42 -18.65 23.50
C ASN B 69 -10.46 -17.49 23.64
N HIS B 70 -9.16 -17.78 23.51
CA HIS B 70 -8.12 -16.76 23.49
C HIS B 70 -8.16 -15.86 24.75
N ASN B 71 -8.04 -16.49 25.91
CA ASN B 71 -8.04 -15.86 27.23
C ASN B 71 -6.93 -16.46 28.11
N PRO B 72 -5.97 -15.69 28.68
CA PRO B 72 -5.75 -14.24 28.54
C PRO B 72 -5.23 -13.83 27.16
N ASN B 73 -5.13 -12.52 26.92
CA ASN B 73 -4.68 -11.92 25.66
C ASN B 73 -5.68 -12.15 24.54
N GLY B 87 -1.75 -18.55 31.38
CA GLY B 87 -2.91 -19.27 30.88
C GLY B 87 -4.13 -19.14 31.75
N LEU B 88 -5.30 -19.56 31.24
CA LEU B 88 -6.55 -19.50 31.97
C LEU B 88 -6.57 -20.56 33.07
N ASN B 89 -6.85 -20.16 34.30
CA ASN B 89 -6.90 -21.10 35.41
C ASN B 89 -8.38 -21.31 35.78
N ILE B 90 -8.88 -22.53 35.52
CA ILE B 90 -10.26 -22.91 35.77
C ILE B 90 -10.25 -23.87 36.96
N THR B 91 -11.00 -23.54 38.02
CA THR B 91 -11.07 -24.40 39.19
C THR B 91 -11.99 -25.60 38.92
N ASP B 92 -11.82 -26.67 39.73
CA ASP B 92 -12.62 -27.89 39.64
C ASP B 92 -14.10 -27.53 39.87
N GLY B 93 -14.96 -27.95 38.95
CA GLY B 93 -16.39 -27.70 39.05
C GLY B 93 -16.81 -26.25 38.86
N ALA B 94 -16.01 -25.42 38.16
CA ALA B 94 -16.37 -24.01 37.97
C ALA B 94 -17.69 -23.82 37.20
N PHE B 95 -17.92 -24.64 36.17
CA PHE B 95 -19.13 -24.57 35.33
C PHE B 95 -20.20 -25.60 35.74
N LEU B 96 -20.00 -26.36 36.83
CA LEU B 96 -20.91 -27.43 37.24
C LEU B 96 -22.35 -26.97 37.51
N ASN B 97 -22.53 -25.78 38.09
CA ASN B 97 -23.86 -25.25 38.41
C ASN B 97 -24.71 -24.84 37.17
N LEU B 98 -24.09 -24.67 36.01
CA LEU B 98 -24.80 -24.26 34.80
C LEU B 98 -25.48 -25.50 34.17
N LYS B 99 -26.74 -25.73 34.54
CA LYS B 99 -27.50 -26.91 34.16
C LYS B 99 -27.95 -27.00 32.70
N ASN B 100 -28.03 -25.89 31.94
CA ASN B 100 -28.40 -25.94 30.51
C ASN B 100 -27.19 -25.63 29.60
N LEU B 101 -25.94 -25.65 30.12
CA LEU B 101 -24.77 -25.37 29.30
C LEU B 101 -24.57 -26.54 28.34
N ARG B 102 -24.64 -26.27 27.04
CA ARG B 102 -24.50 -27.25 25.96
C ARG B 102 -23.18 -27.09 25.21
N GLU B 103 -22.77 -25.85 24.94
CA GLU B 103 -21.55 -25.61 24.17
C GLU B 103 -20.53 -24.82 24.99
N LEU B 104 -19.29 -25.34 25.09
CA LEU B 104 -18.22 -24.68 25.81
C LEU B 104 -16.98 -24.65 24.94
N LEU B 105 -16.55 -23.44 24.55
CA LEU B 105 -15.39 -23.27 23.70
C LEU B 105 -14.27 -22.70 24.55
N LEU B 106 -13.17 -23.45 24.66
CA LEU B 106 -12.03 -23.07 25.47
C LEU B 106 -10.73 -23.24 24.68
N GLU B 107 -10.71 -22.71 23.47
CA GLU B 107 -9.55 -22.80 22.60
C GLU B 107 -8.50 -21.76 22.91
N ASP B 108 -7.23 -22.10 22.66
CA ASP B 108 -6.12 -21.17 22.81
C ASP B 108 -6.06 -20.53 24.20
N ASN B 109 -6.13 -21.38 25.22
CA ASN B 109 -6.11 -20.94 26.62
C ASN B 109 -4.91 -21.48 27.41
N GLN B 110 -3.94 -22.16 26.75
CA GLN B 110 -2.79 -22.78 27.42
C GLN B 110 -3.22 -23.69 28.58
N LEU B 111 -4.37 -24.38 28.47
CA LEU B 111 -4.83 -25.25 29.55
C LEU B 111 -3.89 -26.45 29.70
N PRO B 112 -3.42 -26.77 30.93
CA PRO B 112 -2.56 -27.94 31.09
C PRO B 112 -3.30 -29.28 31.16
N GLN B 113 -4.61 -29.25 31.42
CA GLN B 113 -5.44 -30.44 31.56
C GLN B 113 -6.85 -30.13 31.09
N ILE B 114 -7.66 -31.18 30.86
CA ILE B 114 -9.09 -31.00 30.59
C ILE B 114 -9.69 -30.53 31.94
N PRO B 115 -10.47 -29.42 32.01
CA PRO B 115 -11.01 -29.00 33.31
C PRO B 115 -11.82 -30.09 34.01
N SER B 116 -11.65 -30.22 35.33
CA SER B 116 -12.36 -31.20 36.14
C SER B 116 -13.77 -30.72 36.48
N GLY B 117 -14.69 -31.67 36.61
CA GLY B 117 -16.06 -31.39 37.00
C GLY B 117 -16.84 -30.54 36.01
N LEU B 118 -16.70 -30.83 34.71
CA LEU B 118 -17.47 -30.10 33.70
C LEU B 118 -18.94 -30.56 33.74
N PRO B 119 -19.90 -29.68 33.37
CA PRO B 119 -21.30 -30.08 33.47
C PRO B 119 -21.67 -31.18 32.50
N GLU B 120 -22.45 -32.14 33.00
CA GLU B 120 -22.94 -33.30 32.27
C GLU B 120 -23.90 -32.93 31.10
N SER B 121 -24.43 -31.71 31.09
CA SER B 121 -25.31 -31.26 30.01
C SER B 121 -24.55 -30.90 28.72
N LEU B 122 -23.21 -30.89 28.71
CA LEU B 122 -22.44 -30.52 27.53
C LEU B 122 -22.66 -31.45 26.35
N THR B 123 -22.93 -30.87 25.16
CA THR B 123 -23.03 -31.59 23.89
C THR B 123 -21.83 -31.22 22.97
N GLU B 124 -21.18 -30.04 23.19
CA GLU B 124 -20.05 -29.61 22.38
C GLU B 124 -18.98 -29.02 23.27
N LEU B 125 -17.75 -29.56 23.19
CA LEU B 125 -16.63 -29.10 23.99
C LEU B 125 -15.45 -28.92 23.08
N SER B 126 -14.90 -27.70 22.97
CA SER B 126 -13.73 -27.47 22.14
C SER B 126 -12.55 -27.07 23.00
N LEU B 127 -11.47 -27.86 22.94
CA LEU B 127 -10.23 -27.63 23.66
C LEU B 127 -9.05 -27.55 22.69
N ILE B 128 -9.28 -27.03 21.47
CA ILE B 128 -8.26 -26.86 20.43
C ILE B 128 -7.18 -25.90 20.91
N GLN B 129 -5.93 -26.14 20.54
CA GLN B 129 -4.83 -25.23 20.82
C GLN B 129 -4.61 -24.95 22.32
N ASN B 130 -4.46 -26.02 23.09
CA ASN B 130 -4.11 -25.93 24.51
C ASN B 130 -2.83 -26.78 24.75
N ASN B 131 -2.47 -27.08 26.01
CA ASN B 131 -1.31 -27.91 26.36
C ASN B 131 -1.78 -29.20 27.03
N ILE B 132 -2.87 -29.80 26.53
CA ILE B 132 -3.47 -31.00 27.09
C ILE B 132 -2.83 -32.21 26.45
N TYR B 133 -2.09 -33.00 27.23
CA TYR B 133 -1.42 -34.21 26.73
C TYR B 133 -1.96 -35.49 27.39
N ASN B 134 -3.04 -35.42 28.18
CA ASN B 134 -3.61 -36.56 28.86
C ASN B 134 -5.14 -36.45 28.74
N ILE B 135 -5.78 -37.46 28.12
CA ILE B 135 -7.23 -37.52 27.95
C ILE B 135 -7.68 -38.64 28.90
N THR B 136 -8.29 -38.27 30.03
CA THR B 136 -8.66 -39.23 31.07
C THR B 136 -10.16 -39.38 31.29
N LYS B 137 -10.57 -40.51 31.88
CA LYS B 137 -11.95 -40.80 32.24
C LYS B 137 -12.48 -39.77 33.22
N GLU B 138 -11.62 -39.32 34.16
CA GLU B 138 -11.99 -38.30 35.14
C GLU B 138 -12.46 -37.01 34.45
N GLY B 139 -11.80 -36.65 33.34
CA GLY B 139 -12.13 -35.45 32.58
C GLY B 139 -13.36 -35.51 31.71
N ILE B 140 -13.55 -36.59 30.90
CA ILE B 140 -14.66 -36.61 29.94
C ILE B 140 -15.63 -37.81 30.00
N SER B 141 -15.37 -38.89 30.76
CA SER B 141 -16.31 -40.04 30.75
C SER B 141 -17.68 -39.70 31.35
N ARG B 142 -17.74 -38.76 32.31
CA ARG B 142 -19.05 -38.35 32.85
C ARG B 142 -19.86 -37.48 31.85
N LEU B 143 -19.24 -37.01 30.75
CA LEU B 143 -19.94 -36.18 29.76
C LEU B 143 -20.64 -37.07 28.73
N ILE B 144 -21.64 -37.81 29.18
CA ILE B 144 -22.38 -38.78 28.37
C ILE B 144 -23.24 -38.16 27.24
N ASN B 145 -23.57 -36.85 27.28
CA ASN B 145 -24.33 -36.22 26.21
C ASN B 145 -23.41 -35.59 25.13
N LEU B 146 -22.07 -35.73 25.22
CA LEU B 146 -21.16 -35.16 24.23
C LEU B 146 -21.44 -35.69 22.82
N LYS B 147 -21.58 -34.77 21.87
CA LYS B 147 -21.82 -35.03 20.45
C LYS B 147 -20.54 -34.65 19.67
N ASN B 148 -19.94 -33.49 19.96
CA ASN B 148 -18.74 -33.04 19.26
C ASN B 148 -17.62 -32.73 20.25
N LEU B 149 -16.46 -33.38 20.10
CA LEU B 149 -15.33 -33.17 20.98
C LEU B 149 -14.11 -32.81 20.16
N TYR B 150 -13.59 -31.58 20.33
CA TYR B 150 -12.42 -31.11 19.60
C TYR B 150 -11.23 -31.00 20.53
N LEU B 151 -10.19 -31.79 20.27
CA LEU B 151 -8.95 -31.77 21.04
C LEU B 151 -7.71 -31.56 20.12
N ALA B 152 -7.92 -31.05 18.91
CA ALA B 152 -6.85 -30.87 17.94
C ALA B 152 -5.82 -29.79 18.32
N TRP B 153 -4.61 -29.92 17.78
CA TRP B 153 -3.55 -28.92 17.92
C TRP B 153 -3.08 -28.67 19.36
N ASN B 154 -2.86 -29.75 20.13
CA ASN B 154 -2.29 -29.60 21.47
C ASN B 154 -0.79 -29.97 21.46
N CYS B 155 -0.32 -30.82 20.52
CA CYS B 155 1.09 -31.18 20.45
C CYS B 155 1.48 -31.43 18.99
N TYR B 156 2.26 -30.54 18.38
CA TYR B 156 2.56 -30.63 16.95
C TYR B 156 3.78 -29.82 16.57
N PHE B 157 4.32 -30.08 15.36
CA PHE B 157 5.47 -29.35 14.79
C PHE B 157 6.66 -29.37 15.79
N ASN B 158 7.31 -28.22 16.11
CA ASN B 158 8.40 -28.19 17.08
C ASN B 158 7.95 -27.65 18.44
N LYS B 159 6.64 -27.68 18.76
CA LYS B 159 6.17 -27.29 20.09
C LYS B 159 6.77 -28.23 21.14
N VAL B 160 7.17 -27.67 22.28
CA VAL B 160 7.71 -28.47 23.37
C VAL B 160 6.47 -29.06 24.02
N CYS B 161 6.25 -30.36 23.83
CA CYS B 161 5.05 -31.00 24.34
C CYS B 161 5.25 -32.51 24.49
N GLU B 162 4.41 -33.12 25.32
CA GLU B 162 4.48 -34.55 25.59
C GLU B 162 3.61 -35.31 24.61
N LYS B 163 3.91 -36.61 24.42
CA LYS B 163 3.08 -37.51 23.63
C LYS B 163 1.71 -37.63 24.33
N THR B 164 0.63 -37.70 23.56
CA THR B 164 -0.70 -37.76 24.14
C THR B 164 -1.00 -39.11 24.73
N ASN B 165 -1.44 -39.13 25.99
CA ASN B 165 -1.84 -40.36 26.65
C ASN B 165 -3.36 -40.42 26.63
N ILE B 166 -3.93 -41.34 25.84
CA ILE B 166 -5.37 -41.54 25.77
C ILE B 166 -5.66 -42.69 26.74
N GLU B 167 -6.39 -42.44 27.85
CA GLU B 167 -6.70 -43.51 28.79
C GLU B 167 -7.59 -44.57 28.12
N ASP B 168 -7.24 -45.86 28.28
CA ASP B 168 -7.97 -46.96 27.63
C ASP B 168 -9.49 -46.90 27.86
N GLY B 169 -10.26 -46.87 26.79
CA GLY B 169 -11.71 -46.81 26.88
C GLY B 169 -12.29 -45.46 27.28
N VAL B 170 -11.48 -44.37 27.25
CA VAL B 170 -11.97 -43.06 27.66
C VAL B 170 -13.21 -42.60 26.85
N PHE B 171 -13.20 -42.83 25.53
CA PHE B 171 -14.33 -42.43 24.68
C PHE B 171 -15.46 -43.47 24.59
N GLU B 172 -15.19 -44.72 25.02
CA GLU B 172 -16.11 -45.85 24.91
C GLU B 172 -17.52 -45.59 25.44
N THR B 173 -17.64 -44.91 26.59
CA THR B 173 -18.94 -44.63 27.20
C THR B 173 -19.61 -43.36 26.66
N LEU B 174 -18.98 -42.65 25.71
CA LEU B 174 -19.57 -41.47 25.09
C LEU B 174 -20.39 -41.99 23.90
N THR B 175 -21.53 -42.63 24.23
CA THR B 175 -22.38 -43.30 23.25
C THR B 175 -23.24 -42.37 22.37
N ASN B 176 -23.15 -41.06 22.53
CA ASN B 176 -23.80 -40.09 21.63
C ASN B 176 -22.75 -39.28 20.81
N LEU B 177 -21.44 -39.63 20.92
CA LEU B 177 -20.37 -38.90 20.23
C LEU B 177 -20.42 -39.15 18.75
N GLU B 178 -20.58 -38.07 17.98
CA GLU B 178 -20.65 -38.08 16.52
C GLU B 178 -19.39 -37.51 15.88
N LEU B 179 -18.69 -36.56 16.53
CA LEU B 179 -17.48 -35.98 15.97
C LEU B 179 -16.36 -36.01 17.01
N LEU B 180 -15.21 -36.60 16.65
CA LEU B 180 -14.05 -36.64 17.51
C LEU B 180 -12.89 -36.15 16.69
N SER B 181 -12.25 -35.07 17.12
CA SER B 181 -11.09 -34.53 16.42
C SER B 181 -9.88 -34.56 17.33
N LEU B 182 -8.88 -35.39 16.98
CA LEU B 182 -7.60 -35.48 17.72
C LEU B 182 -6.41 -35.10 16.84
N SER B 183 -6.64 -34.44 15.69
CA SER B 183 -5.58 -34.07 14.76
C SER B 183 -4.50 -33.20 15.38
N PHE B 184 -3.27 -33.26 14.85
CA PHE B 184 -2.17 -32.43 15.32
C PHE B 184 -1.88 -32.65 16.80
N ASN B 185 -1.75 -33.92 17.13
CA ASN B 185 -1.35 -34.46 18.45
C ASN B 185 -0.46 -35.67 18.15
N SER B 186 0.46 -36.05 19.05
CA SER B 186 1.30 -37.23 18.81
C SER B 186 0.59 -38.43 19.42
N LEU B 187 -0.16 -39.18 18.59
CA LEU B 187 -0.91 -40.34 19.06
C LEU B 187 -0.19 -41.69 18.83
N SER B 188 0.51 -41.86 17.68
CA SER B 188 1.20 -43.11 17.31
C SER B 188 0.27 -44.25 16.85
N HIS B 189 -0.91 -44.38 17.43
CA HIS B 189 -1.87 -45.42 17.04
C HIS B 189 -3.29 -44.89 17.12
N VAL B 190 -4.21 -45.48 16.33
CA VAL B 190 -5.62 -45.11 16.40
C VAL B 190 -6.13 -45.54 17.79
N PRO B 191 -6.79 -44.67 18.57
CA PRO B 191 -7.22 -45.10 19.91
C PRO B 191 -8.22 -46.25 19.85
N PRO B 192 -8.03 -47.29 20.68
CA PRO B 192 -9.04 -48.37 20.69
C PRO B 192 -10.31 -47.96 21.42
N LYS B 193 -11.34 -48.78 21.29
CA LYS B 193 -12.61 -48.62 21.99
C LYS B 193 -13.27 -47.27 21.71
N LEU B 194 -13.51 -47.01 20.43
CA LEU B 194 -14.22 -45.80 20.02
C LEU B 194 -15.70 -46.13 19.95
N PRO B 195 -16.59 -45.18 20.29
CA PRO B 195 -18.03 -45.48 20.26
C PRO B 195 -18.54 -45.60 18.84
N SER B 196 -19.42 -46.59 18.61
CA SER B 196 -20.01 -46.85 17.29
C SER B 196 -20.95 -45.74 16.80
N SER B 197 -21.27 -44.75 17.64
CA SER B 197 -22.08 -43.60 17.23
C SER B 197 -21.25 -42.64 16.32
N LEU B 198 -19.90 -42.76 16.30
CA LEU B 198 -19.08 -41.83 15.52
C LEU B 198 -19.46 -41.72 14.06
N ARG B 199 -19.49 -40.46 13.58
CA ARG B 199 -19.78 -40.08 12.20
C ARG B 199 -18.53 -39.44 11.57
N LYS B 200 -17.76 -38.66 12.33
CA LYS B 200 -16.58 -37.98 11.82
C LYS B 200 -15.41 -38.20 12.76
N LEU B 201 -14.34 -38.80 12.24
CA LEU B 201 -13.14 -39.06 13.04
C LEU B 201 -11.95 -38.37 12.39
N PHE B 202 -11.38 -37.35 13.08
CA PHE B 202 -10.23 -36.63 12.54
C PHE B 202 -8.93 -37.02 13.25
N LEU B 203 -7.99 -37.62 12.51
CA LEU B 203 -6.69 -38.08 13.02
C LEU B 203 -5.56 -37.62 12.09
N SER B 204 -5.65 -36.37 11.62
CA SER B 204 -4.62 -35.84 10.73
C SER B 204 -3.37 -35.49 11.51
N ASN B 205 -2.16 -35.73 10.96
CA ASN B 205 -0.90 -35.33 11.60
C ASN B 205 -0.79 -35.84 13.04
N THR B 206 -1.02 -37.15 13.21
CA THR B 206 -1.00 -37.81 14.51
C THR B 206 0.10 -38.87 14.67
N GLN B 207 1.06 -38.94 13.72
CA GLN B 207 2.14 -39.93 13.73
C GLN B 207 1.67 -41.38 13.75
N ILE B 208 0.53 -41.67 13.09
CA ILE B 208 0.01 -43.04 13.00
C ILE B 208 0.63 -43.62 11.71
N LYS B 209 1.50 -44.60 11.83
CA LYS B 209 2.21 -45.18 10.68
C LYS B 209 1.51 -46.40 10.07
N TYR B 210 0.67 -47.10 10.86
CA TYR B 210 0.01 -48.32 10.42
C TYR B 210 -1.46 -48.29 10.79
N ILE B 211 -2.32 -48.73 9.87
CA ILE B 211 -3.74 -48.87 10.10
C ILE B 211 -4.05 -50.35 10.00
N SER B 212 -4.42 -50.96 11.12
CA SER B 212 -4.73 -52.37 11.20
C SER B 212 -6.18 -52.66 10.78
N GLU B 213 -6.50 -53.94 10.65
CA GLU B 213 -7.84 -54.38 10.31
C GLU B 213 -8.87 -53.97 11.39
N GLU B 214 -8.48 -53.97 12.68
CA GLU B 214 -9.38 -53.65 13.81
C GLU B 214 -9.47 -52.18 14.22
N ASP B 215 -8.62 -51.28 13.70
CA ASP B 215 -8.64 -49.88 14.13
C ASP B 215 -10.02 -49.18 14.03
N PHE B 216 -10.86 -49.53 13.05
CA PHE B 216 -12.19 -48.90 12.88
C PHE B 216 -13.33 -49.93 12.77
N LYS B 217 -13.12 -51.19 13.22
CA LYS B 217 -14.11 -52.27 13.00
C LYS B 217 -15.58 -52.00 13.39
N GLY B 218 -15.83 -51.36 14.53
CA GLY B 218 -17.20 -51.12 14.98
C GLY B 218 -17.81 -49.80 14.51
N LEU B 219 -17.07 -49.00 13.74
CA LEU B 219 -17.53 -47.69 13.29
C LEU B 219 -18.40 -47.76 12.02
N ILE B 220 -19.55 -48.42 12.14
CA ILE B 220 -20.48 -48.65 11.05
C ILE B 220 -21.27 -47.41 10.58
N ASN B 221 -21.30 -46.31 11.36
CA ASN B 221 -21.97 -45.06 10.95
C ASN B 221 -20.98 -43.98 10.47
N LEU B 222 -19.68 -44.30 10.39
CA LEU B 222 -18.67 -43.30 10.01
C LEU B 222 -18.88 -42.81 8.59
N THR B 223 -19.03 -41.49 8.43
CA THR B 223 -19.18 -40.83 7.13
C THR B 223 -17.88 -40.09 6.73
N LEU B 224 -16.99 -39.74 7.70
CA LEU B 224 -15.75 -39.06 7.39
C LEU B 224 -14.61 -39.66 8.16
N LEU B 225 -13.47 -39.87 7.48
CA LEU B 225 -12.24 -40.34 8.08
C LEU B 225 -11.11 -39.50 7.51
N ASP B 226 -10.35 -38.87 8.39
CA ASP B 226 -9.23 -38.05 7.96
C ASP B 226 -7.95 -38.63 8.56
N LEU B 227 -7.15 -39.31 7.72
CA LEU B 227 -5.84 -39.85 8.11
C LEU B 227 -4.68 -39.08 7.42
N SER B 228 -4.91 -37.83 7.01
CA SER B 228 -3.88 -37.05 6.33
C SER B 228 -2.68 -36.73 7.22
N GLY B 229 -1.53 -36.47 6.61
CA GLY B 229 -0.33 -36.08 7.32
C GLY B 229 0.36 -37.15 8.15
N ASN B 230 -0.03 -38.44 7.96
CA ASN B 230 0.59 -39.56 8.68
C ASN B 230 1.52 -40.21 7.67
N CYS B 231 2.84 -40.18 7.95
CA CYS B 231 3.92 -40.48 6.98
C CYS B 231 3.88 -39.39 5.92
N PRO B 232 4.15 -38.14 6.30
CA PRO B 232 4.02 -37.03 5.34
C PRO B 232 5.06 -36.95 4.23
N ARG B 233 4.69 -36.24 3.15
CA ARG B 233 5.59 -35.94 2.03
C ARG B 233 6.17 -34.59 2.46
N CYS B 234 7.46 -34.55 2.79
CA CYS B 234 8.07 -33.38 3.41
C CYS B 234 8.87 -32.45 2.52
N PHE B 235 9.16 -32.79 1.24
CA PHE B 235 9.95 -31.88 0.41
C PHE B 235 9.22 -30.55 0.23
N ASN B 236 9.92 -29.45 0.49
CA ASN B 236 9.38 -28.10 0.36
C ASN B 236 8.15 -27.84 1.26
N ALA B 237 8.05 -28.50 2.42
CA ALA B 237 6.90 -28.31 3.29
C ALA B 237 6.93 -26.91 3.89
N PRO B 238 5.78 -26.20 3.96
CA PRO B 238 5.77 -24.87 4.60
C PRO B 238 5.59 -24.94 6.14
N PHE B 239 5.94 -26.09 6.76
CA PHE B 239 5.84 -26.30 8.20
C PHE B 239 6.88 -27.36 8.63
N PRO B 240 7.25 -27.48 9.92
CA PRO B 240 8.20 -28.53 10.33
C PRO B 240 7.59 -29.90 10.05
N CYS B 241 8.25 -30.69 9.21
CA CYS B 241 7.73 -31.94 8.70
C CYS B 241 8.70 -33.09 8.99
N VAL B 242 8.21 -34.17 9.64
CA VAL B 242 9.02 -35.34 9.96
C VAL B 242 8.48 -36.51 9.14
N PRO B 243 9.20 -37.01 8.13
CA PRO B 243 8.67 -38.14 7.37
C PRO B 243 8.81 -39.46 8.11
N CYS B 244 8.07 -40.47 7.66
CA CYS B 244 8.24 -41.83 8.19
C CYS B 244 9.62 -42.34 7.73
N ASP B 245 10.23 -43.29 8.45
CA ASP B 245 11.59 -43.75 8.12
C ASP B 245 11.77 -44.12 6.63
N GLY B 246 12.77 -43.50 5.99
CA GLY B 246 13.02 -43.68 4.56
C GLY B 246 11.98 -43.02 3.65
N GLY B 247 11.25 -42.04 4.17
CA GLY B 247 10.15 -41.41 3.44
C GLY B 247 9.05 -42.39 3.08
N ALA B 248 8.89 -43.47 3.89
CA ALA B 248 7.94 -44.55 3.64
C ALA B 248 6.48 -44.08 3.65
N SER B 249 5.65 -44.84 2.95
CA SER B 249 4.21 -44.63 2.87
C SER B 249 3.54 -45.02 4.17
N ILE B 250 2.30 -44.54 4.40
CA ILE B 250 1.46 -45.03 5.49
C ILE B 250 1.12 -46.49 5.11
N ASN B 251 1.07 -47.37 6.08
CA ASN B 251 0.82 -48.80 5.81
C ASN B 251 -0.63 -49.09 6.20
N ILE B 252 -1.54 -49.18 5.23
CA ILE B 252 -2.95 -49.44 5.51
C ILE B 252 -3.26 -50.89 5.15
N ASP B 253 -3.70 -51.69 6.12
CA ASP B 253 -4.05 -53.08 5.88
C ASP B 253 -5.17 -53.19 4.82
N ARG B 254 -5.07 -54.21 3.96
CA ARG B 254 -6.03 -54.51 2.90
C ARG B 254 -7.50 -54.45 3.38
N PHE B 255 -7.77 -54.88 4.63
CA PHE B 255 -9.12 -54.92 5.22
C PHE B 255 -9.45 -53.78 6.20
N ALA B 256 -8.60 -52.76 6.34
CA ALA B 256 -8.83 -51.66 7.28
C ALA B 256 -10.17 -50.92 7.12
N PHE B 257 -10.69 -50.80 5.91
CA PHE B 257 -11.94 -50.07 5.68
C PHE B 257 -13.07 -51.00 5.19
N GLN B 258 -12.96 -52.32 5.43
CA GLN B 258 -13.95 -53.29 4.95
C GLN B 258 -15.36 -53.09 5.51
N ASN B 259 -15.48 -52.55 6.73
CA ASN B 259 -16.79 -52.31 7.37
C ASN B 259 -17.20 -50.82 7.34
N LEU B 260 -16.46 -49.94 6.64
CA LEU B 260 -16.79 -48.52 6.59
C LEU B 260 -17.72 -48.25 5.39
N THR B 261 -18.88 -48.91 5.41
CA THR B 261 -19.88 -48.85 4.35
C THR B 261 -20.51 -47.47 4.17
N GLN B 262 -20.54 -46.66 5.22
CA GLN B 262 -21.16 -45.33 5.15
C GLN B 262 -20.19 -44.18 4.87
N LEU B 263 -18.91 -44.47 4.58
CA LEU B 263 -17.94 -43.41 4.34
C LEU B 263 -18.28 -42.60 3.06
N ARG B 264 -18.36 -41.27 3.22
CA ARG B 264 -18.59 -40.29 2.14
C ARG B 264 -17.30 -39.47 1.90
N TYR B 265 -16.49 -39.21 2.96
CA TYR B 265 -15.28 -38.40 2.86
C TYR B 265 -14.08 -39.17 3.37
N LEU B 266 -13.00 -39.23 2.58
CA LEU B 266 -11.78 -39.88 2.99
C LEU B 266 -10.63 -38.97 2.65
N ASN B 267 -9.83 -38.60 3.65
CA ASN B 267 -8.68 -37.74 3.43
C ASN B 267 -7.38 -38.49 3.70
N LEU B 268 -6.64 -38.80 2.64
CA LEU B 268 -5.32 -39.44 2.72
C LEU B 268 -4.24 -38.51 2.13
N SER B 269 -4.41 -37.17 2.28
CA SER B 269 -3.43 -36.23 1.80
C SER B 269 -2.16 -36.37 2.62
N SER B 270 -1.01 -36.27 1.96
CA SER B 270 0.28 -36.32 2.61
C SER B 270 0.48 -37.55 3.52
N THR B 271 0.17 -38.70 3.00
CA THR B 271 0.47 -40.00 3.58
C THR B 271 1.58 -40.78 2.80
N SER B 272 2.26 -40.08 1.84
CA SER B 272 3.35 -40.58 1.02
C SER B 272 2.97 -41.83 0.22
N LEU B 273 1.71 -41.91 -0.21
CA LEU B 273 1.25 -43.06 -0.99
C LEU B 273 1.82 -43.08 -2.41
N ARG B 274 2.34 -44.24 -2.84
N ARG B 274 2.35 -44.24 -2.82
CA ARG B 274 2.77 -44.49 -4.22
CA ARG B 274 2.83 -44.52 -4.17
C ARG B 274 1.77 -45.44 -4.91
C ARG B 274 1.85 -45.49 -4.89
N LYS B 275 1.11 -46.33 -4.13
CA LYS B 275 0.15 -47.28 -4.65
C LYS B 275 -1.13 -47.17 -3.82
N ILE B 276 -2.27 -47.28 -4.49
CA ILE B 276 -3.56 -47.23 -3.83
C ILE B 276 -4.14 -48.63 -4.04
N ASN B 277 -4.45 -49.33 -2.96
CA ASN B 277 -5.04 -50.66 -3.05
C ASN B 277 -6.52 -50.48 -3.41
N ALA B 278 -6.94 -50.90 -4.61
CA ALA B 278 -8.33 -50.80 -5.06
C ALA B 278 -9.31 -51.47 -4.07
N ALA B 279 -8.86 -52.54 -3.39
CA ALA B 279 -9.67 -53.26 -2.41
C ALA B 279 -10.10 -52.40 -1.20
N TRP B 280 -9.39 -51.30 -0.91
CA TRP B 280 -9.79 -50.37 0.17
C TRP B 280 -11.20 -49.81 -0.07
N PHE B 281 -11.62 -49.68 -1.34
CA PHE B 281 -12.91 -49.09 -1.72
C PHE B 281 -13.97 -50.13 -2.10
N LYS B 282 -13.70 -51.43 -1.91
CA LYS B 282 -14.62 -52.50 -2.28
C LYS B 282 -15.98 -52.38 -1.58
N ASN B 283 -16.00 -51.95 -0.29
CA ASN B 283 -17.24 -51.83 0.46
C ASN B 283 -17.57 -50.37 0.83
N MET B 284 -17.16 -49.39 -0.02
CA MET B 284 -17.47 -47.96 0.15
C MET B 284 -18.33 -47.51 -1.06
N PRO B 285 -19.60 -47.97 -1.14
CA PRO B 285 -20.42 -47.62 -2.31
C PRO B 285 -20.84 -46.16 -2.38
N HIS B 286 -20.77 -45.41 -1.26
CA HIS B 286 -21.20 -44.01 -1.23
C HIS B 286 -20.04 -43.01 -1.20
N LEU B 287 -18.75 -43.41 -1.39
CA LEU B 287 -17.63 -42.45 -1.29
C LEU B 287 -17.82 -41.30 -2.27
N LYS B 288 -17.85 -40.06 -1.74
CA LYS B 288 -18.13 -38.85 -2.50
C LYS B 288 -16.92 -37.93 -2.69
N VAL B 289 -16.05 -37.80 -1.66
CA VAL B 289 -14.88 -36.91 -1.70
C VAL B 289 -13.65 -37.72 -1.30
N LEU B 290 -12.64 -37.74 -2.18
CA LEU B 290 -11.40 -38.47 -1.94
C LEU B 290 -10.24 -37.48 -2.12
N ASP B 291 -9.56 -37.18 -1.02
CA ASP B 291 -8.45 -36.23 -1.02
C ASP B 291 -7.15 -37.04 -0.96
N LEU B 292 -6.34 -36.93 -2.03
CA LEU B 292 -5.04 -37.63 -2.15
C LEU B 292 -3.93 -36.65 -2.54
N GLU B 293 -3.98 -35.44 -1.99
CA GLU B 293 -2.97 -34.43 -2.29
C GLU B 293 -1.65 -34.75 -1.63
N PHE B 294 -0.55 -34.18 -2.13
CA PHE B 294 0.75 -34.31 -1.50
C PHE B 294 1.18 -35.75 -1.27
N ASN B 295 0.99 -36.58 -2.30
CA ASN B 295 1.42 -37.96 -2.30
C ASN B 295 2.40 -38.15 -3.49
N TYR B 296 2.70 -39.39 -3.90
CA TYR B 296 3.61 -39.66 -5.02
C TYR B 296 2.82 -40.52 -6.03
N LEU B 297 1.65 -40.02 -6.45
CA LEU B 297 0.74 -40.81 -7.27
C LEU B 297 0.76 -40.54 -8.78
N VAL B 298 1.85 -40.01 -9.39
CA VAL B 298 1.91 -39.84 -10.86
C VAL B 298 1.68 -41.20 -11.57
N GLY B 299 2.36 -42.26 -11.09
CA GLY B 299 2.18 -43.61 -11.64
C GLY B 299 0.75 -44.10 -11.51
N GLU B 300 0.14 -43.92 -10.32
CA GLU B 300 -1.26 -44.31 -10.09
C GLU B 300 -2.25 -43.47 -10.93
N ILE B 301 -1.93 -42.22 -11.23
CA ILE B 301 -2.79 -41.40 -12.07
C ILE B 301 -2.77 -41.95 -13.50
N ALA B 302 -1.64 -42.49 -13.97
CA ALA B 302 -1.52 -43.08 -15.29
C ALA B 302 -2.15 -44.50 -15.40
N SER B 303 -2.27 -45.25 -14.29
CA SER B 303 -2.76 -46.65 -14.37
C SER B 303 -3.57 -47.11 -13.15
N GLY B 304 -4.37 -46.21 -12.62
CA GLY B 304 -5.14 -46.45 -11.41
C GLY B 304 -6.28 -47.43 -11.47
N ALA B 305 -6.07 -48.63 -10.93
CA ALA B 305 -7.12 -49.63 -10.81
C ALA B 305 -8.19 -49.16 -9.79
N PHE B 306 -7.79 -48.38 -8.76
CA PHE B 306 -8.74 -47.87 -7.76
C PHE B 306 -9.82 -46.96 -8.38
N LEU B 307 -9.54 -46.34 -9.54
CA LEU B 307 -10.49 -45.47 -10.23
C LEU B 307 -11.74 -46.22 -10.71
N THR B 308 -11.67 -47.56 -10.87
CA THR B 308 -12.81 -48.37 -11.30
C THR B 308 -13.77 -48.68 -10.11
N MET B 309 -13.33 -48.44 -8.86
CA MET B 309 -14.10 -48.72 -7.64
C MET B 309 -14.90 -47.53 -7.12
N LEU B 310 -14.92 -46.39 -7.83
CA LEU B 310 -15.49 -45.16 -7.34
C LEU B 310 -16.54 -44.54 -8.29
N PRO B 311 -17.64 -45.27 -8.59
CA PRO B 311 -18.63 -44.72 -9.53
C PRO B 311 -19.52 -43.59 -9.00
N ARG B 312 -19.58 -43.38 -7.66
CA ARG B 312 -20.36 -42.30 -7.03
C ARG B 312 -19.47 -41.12 -6.56
N LEU B 313 -18.15 -41.18 -6.81
CA LEU B 313 -17.26 -40.10 -6.37
C LEU B 313 -17.56 -38.82 -7.13
N GLU B 314 -17.67 -37.71 -6.40
CA GLU B 314 -17.96 -36.40 -6.98
C GLU B 314 -16.74 -35.48 -6.97
N ILE B 315 -15.87 -35.54 -5.95
CA ILE B 315 -14.69 -34.68 -5.90
C ILE B 315 -13.44 -35.53 -5.71
N LEU B 316 -12.46 -35.37 -6.60
CA LEU B 316 -11.21 -36.10 -6.54
C LEU B 316 -10.08 -35.08 -6.51
N ASP B 317 -9.31 -35.03 -5.43
CA ASP B 317 -8.20 -34.07 -5.33
C ASP B 317 -6.87 -34.80 -5.39
N LEU B 318 -6.15 -34.64 -6.51
CA LEU B 318 -4.83 -35.25 -6.71
C LEU B 318 -3.74 -34.18 -6.83
N SER B 319 -3.93 -33.00 -6.21
CA SER B 319 -2.98 -31.92 -6.31
C SER B 319 -1.65 -32.22 -5.63
N PHE B 320 -0.58 -31.60 -6.13
CA PHE B 320 0.76 -31.68 -5.62
C PHE B 320 1.28 -33.10 -5.47
N ASN B 321 1.17 -33.86 -6.55
CA ASN B 321 1.77 -35.20 -6.62
C ASN B 321 3.00 -35.18 -7.57
N TYR B 322 3.53 -33.98 -7.92
CA TYR B 322 4.67 -33.88 -8.82
C TYR B 322 5.89 -34.69 -8.38
N ILE B 323 6.69 -35.08 -9.36
CA ILE B 323 7.94 -35.80 -9.11
C ILE B 323 9.02 -34.71 -9.08
N LYS B 324 9.70 -34.52 -7.93
CA LYS B 324 10.77 -33.53 -7.79
C LYS B 324 11.83 -33.73 -8.91
N GLY B 325 12.17 -32.66 -9.62
CA GLY B 325 13.16 -32.75 -10.69
C GLY B 325 12.63 -33.23 -12.03
N SER B 326 11.33 -33.60 -12.13
CA SER B 326 10.74 -34.07 -13.38
C SER B 326 9.72 -33.06 -13.89
N TYR B 327 9.92 -32.55 -15.12
CA TYR B 327 9.04 -31.57 -15.77
C TYR B 327 8.63 -32.17 -17.12
N PRO B 328 7.72 -33.17 -17.12
CA PRO B 328 7.41 -33.86 -18.39
C PRO B 328 6.66 -33.02 -19.39
N GLN B 329 6.74 -33.41 -20.67
CA GLN B 329 6.04 -32.69 -21.72
C GLN B 329 4.52 -32.70 -21.53
N HIS B 330 3.95 -33.86 -21.14
CA HIS B 330 2.51 -34.05 -21.05
C HIS B 330 2.05 -34.70 -19.75
N ILE B 331 0.76 -34.52 -19.43
CA ILE B 331 0.09 -35.17 -18.31
C ILE B 331 -0.39 -36.56 -18.80
N ASN B 332 -0.24 -37.60 -17.96
CA ASN B 332 -0.63 -38.94 -18.33
C ASN B 332 -1.81 -39.40 -17.43
N ILE B 333 -3.03 -39.28 -17.98
CA ILE B 333 -4.30 -39.61 -17.32
C ILE B 333 -4.80 -40.99 -17.79
N SER B 334 -4.99 -41.93 -16.85
CA SER B 334 -5.47 -43.28 -17.18
C SER B 334 -6.81 -43.25 -17.88
N ARG B 335 -7.02 -44.21 -18.80
CA ARG B 335 -8.34 -44.40 -19.42
C ARG B 335 -9.41 -44.72 -18.33
N ASN B 336 -9.00 -45.28 -17.16
CA ASN B 336 -9.90 -45.59 -16.05
C ASN B 336 -10.58 -44.36 -15.44
N PHE B 337 -10.10 -43.14 -15.72
CA PHE B 337 -10.81 -41.92 -15.26
C PHE B 337 -12.23 -41.87 -15.88
N SER B 338 -12.45 -42.51 -17.04
CA SER B 338 -13.76 -42.59 -17.69
C SER B 338 -14.81 -43.38 -16.86
N LYS B 339 -14.36 -44.12 -15.83
CA LYS B 339 -15.23 -44.88 -14.93
C LYS B 339 -15.75 -44.04 -13.77
N LEU B 340 -15.24 -42.80 -13.57
CA LEU B 340 -15.71 -41.91 -12.51
C LEU B 340 -16.98 -41.20 -13.02
N LEU B 341 -18.04 -42.00 -13.20
CA LEU B 341 -19.32 -41.56 -13.77
C LEU B 341 -19.92 -40.30 -13.10
N SER B 342 -19.84 -40.20 -11.76
CA SER B 342 -20.42 -39.06 -11.03
C SER B 342 -19.46 -37.90 -10.76
N LEU B 343 -18.23 -37.94 -11.30
CA LEU B 343 -17.26 -36.87 -11.03
C LEU B 343 -17.77 -35.48 -11.41
N ARG B 344 -17.66 -34.55 -10.48
CA ARG B 344 -18.07 -33.15 -10.63
C ARG B 344 -16.85 -32.23 -10.65
N ALA B 345 -15.82 -32.52 -9.85
CA ALA B 345 -14.64 -31.64 -9.77
C ALA B 345 -13.38 -32.46 -9.68
N LEU B 346 -12.38 -32.11 -10.51
CA LEU B 346 -11.10 -32.80 -10.51
C LEU B 346 -10.02 -31.76 -10.27
N HIS B 347 -9.27 -31.94 -9.18
CA HIS B 347 -8.20 -31.01 -8.85
C HIS B 347 -6.86 -31.65 -9.14
N LEU B 348 -6.11 -31.06 -10.07
CA LEU B 348 -4.80 -31.55 -10.49
C LEU B 348 -3.79 -30.42 -10.47
N ARG B 349 -3.76 -29.63 -9.37
CA ARG B 349 -2.73 -28.59 -9.24
C ARG B 349 -1.40 -29.30 -8.97
N GLY B 350 -0.28 -28.67 -9.28
CA GLY B 350 1.03 -29.21 -8.94
C GLY B 350 1.38 -30.63 -9.36
N TYR B 351 0.88 -31.08 -10.54
CA TYR B 351 1.30 -32.32 -11.21
C TYR B 351 2.64 -31.98 -11.91
N VAL B 352 2.68 -30.81 -12.61
CA VAL B 352 3.83 -30.19 -13.27
C VAL B 352 4.11 -30.82 -14.63
N PHE B 353 3.70 -30.12 -15.69
CA PHE B 353 3.89 -30.57 -17.07
C PHE B 353 3.86 -29.36 -18.00
N GLN B 354 4.46 -29.52 -19.18
CA GLN B 354 4.67 -28.39 -20.09
C GLN B 354 3.54 -28.07 -21.05
N GLU B 355 2.80 -29.07 -21.54
CA GLU B 355 1.77 -28.83 -22.55
C GLU B 355 0.56 -29.71 -22.33
N LEU B 356 -0.64 -29.14 -22.52
CA LEU B 356 -1.88 -29.90 -22.43
C LEU B 356 -2.40 -30.09 -23.85
N ARG B 357 -2.43 -31.33 -24.34
CA ARG B 357 -2.96 -31.63 -25.67
C ARG B 357 -4.38 -32.19 -25.54
N GLU B 358 -5.16 -32.15 -26.63
CA GLU B 358 -6.53 -32.67 -26.63
C GLU B 358 -6.59 -34.17 -26.33
N ASP B 359 -5.68 -34.96 -26.89
CA ASP B 359 -5.65 -36.41 -26.63
C ASP B 359 -5.42 -36.74 -25.15
N ASP B 360 -4.78 -35.83 -24.40
CA ASP B 360 -4.44 -36.09 -22.99
C ASP B 360 -5.65 -36.14 -22.04
N PHE B 361 -6.75 -35.44 -22.33
CA PHE B 361 -7.93 -35.46 -21.47
C PHE B 361 -9.13 -36.22 -22.08
N GLN B 362 -8.89 -37.12 -23.06
CA GLN B 362 -9.96 -37.91 -23.65
C GLN B 362 -10.71 -38.76 -22.60
N PRO B 363 -10.04 -39.38 -21.60
CA PRO B 363 -10.80 -40.15 -20.60
C PRO B 363 -11.84 -39.37 -19.79
N LEU B 364 -11.70 -38.04 -19.67
CA LEU B 364 -12.64 -37.21 -18.91
C LEU B 364 -13.80 -36.63 -19.73
N MET B 365 -13.71 -36.66 -21.08
CA MET B 365 -14.63 -35.93 -21.95
C MET B 365 -16.06 -36.43 -22.03
N GLN B 366 -16.33 -37.65 -21.60
CA GLN B 366 -17.69 -38.18 -21.62
C GLN B 366 -18.31 -38.20 -20.20
N LEU B 367 -17.62 -37.63 -19.15
CA LEU B 367 -18.15 -37.61 -17.79
C LEU B 367 -19.22 -36.51 -17.79
N PRO B 368 -20.50 -36.87 -17.60
CA PRO B 368 -21.57 -35.88 -17.80
C PRO B 368 -21.65 -34.73 -16.81
N ASN B 369 -21.20 -34.91 -15.56
CA ASN B 369 -21.29 -33.84 -14.56
C ASN B 369 -19.97 -33.20 -14.19
N LEU B 370 -18.88 -33.49 -14.93
CA LEU B 370 -17.59 -32.89 -14.63
C LEU B 370 -17.65 -31.41 -15.01
N SER B 371 -17.88 -30.56 -14.01
CA SER B 371 -18.05 -29.13 -14.24
C SER B 371 -16.83 -28.31 -13.84
N THR B 372 -15.92 -28.83 -12.99
CA THR B 372 -14.72 -28.09 -12.57
C THR B 372 -13.45 -28.86 -12.89
N ILE B 373 -12.48 -28.18 -13.55
CA ILE B 373 -11.16 -28.74 -13.83
C ILE B 373 -10.18 -27.72 -13.29
N ASN B 374 -9.33 -28.13 -12.35
CA ASN B 374 -8.38 -27.24 -11.74
C ASN B 374 -6.95 -27.68 -12.05
N LEU B 375 -6.26 -26.88 -12.91
CA LEU B 375 -4.88 -27.13 -13.28
C LEU B 375 -3.99 -25.96 -12.87
N GLY B 376 -4.26 -25.36 -11.70
CA GLY B 376 -3.41 -24.30 -11.19
C GLY B 376 -2.03 -24.81 -10.84
N ILE B 377 -1.00 -23.95 -10.97
CA ILE B 377 0.37 -24.25 -10.51
C ILE B 377 0.96 -25.55 -11.12
N ASN B 378 0.96 -25.64 -12.44
CA ASN B 378 1.53 -26.78 -13.14
C ASN B 378 2.69 -26.38 -14.08
N PHE B 379 3.07 -25.08 -14.11
CA PHE B 379 4.10 -24.56 -15.02
C PHE B 379 3.78 -24.93 -16.48
N ILE B 380 2.47 -24.95 -16.84
CA ILE B 380 2.03 -25.29 -18.19
C ILE B 380 2.41 -24.12 -19.08
N LYS B 381 3.09 -24.38 -20.18
CA LYS B 381 3.49 -23.33 -21.11
C LYS B 381 2.51 -23.16 -22.25
N GLN B 382 1.82 -24.24 -22.68
CA GLN B 382 0.90 -24.17 -23.80
C GLN B 382 -0.26 -25.15 -23.63
N ILE B 383 -1.44 -24.75 -24.14
CA ILE B 383 -2.66 -25.55 -24.07
C ILE B 383 -3.35 -25.51 -25.42
N ASP B 384 -3.85 -26.67 -25.88
CA ASP B 384 -4.67 -26.74 -27.10
C ASP B 384 -6.07 -26.43 -26.55
N PHE B 385 -6.46 -25.15 -26.50
CA PHE B 385 -7.73 -24.75 -25.90
C PHE B 385 -8.98 -25.39 -26.52
N LYS B 386 -8.93 -25.84 -27.80
CA LYS B 386 -10.08 -26.49 -28.43
C LYS B 386 -10.56 -27.73 -27.66
N LEU B 387 -9.71 -28.34 -26.82
CA LEU B 387 -10.10 -29.53 -26.08
C LEU B 387 -11.24 -29.31 -25.08
N PHE B 388 -11.37 -28.11 -24.50
CA PHE B 388 -12.39 -27.83 -23.49
C PHE B 388 -13.82 -27.90 -24.01
N GLN B 389 -14.07 -27.54 -25.28
CA GLN B 389 -15.41 -27.63 -25.85
C GLN B 389 -15.84 -29.09 -26.05
N ASN B 390 -14.87 -30.05 -26.15
CA ASN B 390 -15.24 -31.46 -26.29
C ASN B 390 -15.61 -32.13 -24.95
N PHE B 391 -15.51 -31.41 -23.81
CA PHE B 391 -15.98 -31.95 -22.53
C PHE B 391 -17.50 -31.87 -22.53
N SER B 392 -18.18 -32.74 -21.77
CA SER B 392 -19.64 -32.74 -21.71
C SER B 392 -20.24 -31.39 -21.26
N ASN B 393 -19.85 -30.85 -20.09
CA ASN B 393 -20.38 -29.57 -19.59
C ASN B 393 -19.44 -28.90 -18.56
N LEU B 394 -18.28 -28.40 -19.02
CA LEU B 394 -17.39 -27.67 -18.13
C LEU B 394 -18.00 -26.29 -17.80
N GLU B 395 -17.97 -25.90 -16.52
CA GLU B 395 -18.46 -24.60 -16.05
C GLU B 395 -17.31 -23.77 -15.45
N ILE B 396 -16.22 -24.42 -14.96
CA ILE B 396 -15.07 -23.75 -14.35
C ILE B 396 -13.80 -24.36 -14.92
N ILE B 397 -13.06 -23.58 -15.74
CA ILE B 397 -11.78 -24.03 -16.30
C ILE B 397 -10.76 -23.16 -15.58
N TYR B 398 -10.13 -23.72 -14.52
CA TYR B 398 -9.20 -22.95 -13.71
C TYR B 398 -7.76 -23.26 -14.10
N LEU B 399 -7.09 -22.27 -14.73
CA LEU B 399 -5.71 -22.40 -15.21
C LEU B 399 -4.79 -21.31 -14.61
N SER B 400 -5.18 -20.73 -13.47
CA SER B 400 -4.41 -19.67 -12.84
C SER B 400 -3.02 -20.15 -12.46
N GLU B 401 -2.03 -19.26 -12.55
CA GLU B 401 -0.67 -19.52 -12.10
C GLU B 401 0.02 -20.62 -12.89
N ASN B 402 0.23 -20.37 -14.15
CA ASN B 402 0.95 -21.28 -15.04
C ASN B 402 1.95 -20.39 -15.85
N ARG B 403 2.45 -20.85 -17.00
N ARG B 403 2.46 -20.86 -17.00
CA ARG B 403 3.36 -20.08 -17.84
CA ARG B 403 3.37 -20.11 -17.88
C ARG B 403 2.77 -19.97 -19.25
C ARG B 403 2.77 -19.97 -19.27
N ILE B 404 1.44 -19.79 -19.36
CA ILE B 404 0.76 -19.71 -20.62
C ILE B 404 1.10 -18.38 -21.24
N SER B 405 1.59 -18.40 -22.47
CA SER B 405 2.01 -17.18 -23.15
C SER B 405 1.13 -16.98 -24.42
N PRO B 406 1.30 -15.89 -25.21
CA PRO B 406 0.44 -15.70 -26.40
C PRO B 406 0.43 -16.91 -27.34
N LEU B 407 -0.77 -17.29 -27.81
CA LEU B 407 -0.96 -18.43 -28.68
C LEU B 407 -0.24 -18.23 -30.02
N PHE B 433 -0.59 -18.65 16.46
CA PHE B 433 -0.44 -19.77 15.52
C PHE B 433 -0.64 -19.34 14.05
N GLU B 434 0.04 -20.03 13.12
CA GLU B 434 0.01 -19.74 11.67
C GLU B 434 -1.17 -20.34 10.90
N PHE B 435 -1.60 -21.56 11.28
CA PHE B 435 -2.65 -22.29 10.56
C PHE B 435 -3.96 -22.24 11.31
N ASP B 436 -5.04 -21.88 10.62
CA ASP B 436 -6.37 -21.81 11.20
C ASP B 436 -6.81 -23.25 11.51
N PRO B 437 -7.01 -23.62 12.78
CA PRO B 437 -7.41 -25.01 13.07
C PRO B 437 -8.80 -25.42 12.59
N HIS B 438 -9.65 -24.45 12.19
CA HIS B 438 -10.99 -24.73 11.68
C HIS B 438 -11.05 -24.74 10.13
N SER B 439 -9.88 -24.67 9.43
CA SER B 439 -9.80 -24.68 7.96
C SER B 439 -9.12 -25.97 7.47
N ASN B 440 -9.18 -26.20 6.15
CA ASN B 440 -8.50 -27.31 5.51
C ASN B 440 -7.02 -26.95 5.47
N PHE B 441 -6.17 -27.85 5.95
CA PHE B 441 -4.73 -27.62 6.03
C PHE B 441 -4.03 -27.75 4.67
N TYR B 442 -4.53 -28.63 3.76
CA TYR B 442 -3.84 -28.91 2.49
C TYR B 442 -4.24 -28.04 1.29
N HIS B 443 -5.40 -27.35 1.33
CA HIS B 443 -5.76 -26.43 0.24
C HIS B 443 -6.70 -25.35 0.75
N PHE B 444 -6.77 -24.23 0.04
CA PHE B 444 -7.69 -23.17 0.42
C PHE B 444 -9.12 -23.59 0.09
N THR B 445 -10.09 -23.14 0.89
CA THR B 445 -11.49 -23.52 0.71
C THR B 445 -12.36 -22.45 0.03
N ARG B 446 -11.79 -21.29 -0.29
CA ARG B 446 -12.55 -20.23 -0.98
C ARG B 446 -12.89 -20.68 -2.42
N PRO B 447 -13.95 -20.14 -3.05
CA PRO B 447 -14.25 -20.56 -4.44
C PRO B 447 -13.08 -20.28 -5.38
N LEU B 448 -12.89 -21.13 -6.40
CA LEU B 448 -11.79 -20.93 -7.36
C LEU B 448 -11.98 -19.61 -8.12
N ILE B 449 -13.23 -19.34 -8.51
CA ILE B 449 -13.62 -18.16 -9.25
C ILE B 449 -14.61 -17.37 -8.40
N LYS B 450 -14.53 -16.02 -8.40
CA LYS B 450 -15.45 -15.18 -7.60
C LYS B 450 -16.91 -15.54 -7.92
N PRO B 451 -17.76 -15.84 -6.91
CA PRO B 451 -19.16 -16.23 -7.23
C PRO B 451 -19.89 -15.24 -8.13
N GLN B 452 -19.60 -13.94 -8.03
CA GLN B 452 -20.24 -12.93 -8.85
C GLN B 452 -19.91 -13.09 -10.33
N CYS B 453 -18.71 -13.60 -10.65
CA CYS B 453 -18.28 -13.84 -12.02
C CYS B 453 -18.84 -15.20 -12.49
N ALA B 454 -18.67 -16.26 -11.69
CA ALA B 454 -19.17 -17.59 -12.05
C ALA B 454 -20.70 -17.63 -12.23
N ALA B 455 -21.47 -16.79 -11.50
CA ALA B 455 -22.94 -16.74 -11.61
C ALA B 455 -23.41 -16.44 -13.03
N TYR B 456 -22.58 -15.77 -13.84
CA TYR B 456 -22.93 -15.45 -15.21
C TYR B 456 -22.86 -16.61 -16.17
N GLY B 457 -22.14 -17.68 -15.84
CA GLY B 457 -22.05 -18.83 -16.72
C GLY B 457 -20.66 -19.41 -16.76
N LYS B 458 -20.30 -20.05 -17.88
CA LYS B 458 -19.01 -20.71 -18.09
C LYS B 458 -17.84 -19.76 -17.77
N ALA B 459 -16.90 -20.21 -16.92
CA ALA B 459 -15.78 -19.40 -16.51
C ALA B 459 -14.44 -19.97 -16.93
N LEU B 460 -13.55 -19.09 -17.37
CA LEU B 460 -12.20 -19.44 -17.78
C LEU B 460 -11.26 -18.52 -17.00
N ASP B 461 -10.45 -19.09 -16.11
CA ASP B 461 -9.53 -18.31 -15.31
C ASP B 461 -8.10 -18.52 -15.81
N LEU B 462 -7.54 -17.50 -16.46
CA LEU B 462 -6.16 -17.50 -16.98
C LEU B 462 -5.32 -16.46 -16.23
N SER B 463 -5.67 -16.15 -14.96
CA SER B 463 -4.94 -15.17 -14.20
C SER B 463 -3.56 -15.66 -13.87
N LEU B 464 -2.62 -14.73 -13.65
CA LEU B 464 -1.26 -15.09 -13.25
C LEU B 464 -0.58 -16.00 -14.25
N ASN B 465 -0.67 -15.62 -15.52
CA ASN B 465 0.04 -16.32 -16.59
C ASN B 465 0.91 -15.23 -17.30
N SER B 466 1.38 -15.47 -18.54
CA SER B 466 2.20 -14.53 -19.28
C SER B 466 1.56 -14.23 -20.65
N ILE B 467 0.22 -14.01 -20.68
CA ILE B 467 -0.46 -13.67 -21.93
C ILE B 467 -0.29 -12.16 -22.04
N PHE B 468 0.93 -11.71 -22.36
N PHE B 468 0.92 -11.72 -22.39
CA PHE B 468 1.24 -10.28 -22.45
CA PHE B 468 1.24 -10.28 -22.48
C PHE B 468 0.57 -9.57 -23.64
C PHE B 468 0.51 -9.57 -23.62
N PHE B 469 0.05 -10.34 -24.63
CA PHE B 469 -0.60 -9.79 -25.81
C PHE B 469 -1.64 -10.78 -26.27
N ILE B 470 -2.87 -10.31 -26.52
CA ILE B 470 -3.96 -11.15 -26.99
C ILE B 470 -3.96 -11.02 -28.50
N GLY B 471 -3.53 -12.09 -29.17
CA GLY B 471 -3.49 -12.16 -30.63
C GLY B 471 -4.83 -12.58 -31.21
N PRO B 472 -5.00 -12.50 -32.54
CA PRO B 472 -6.29 -12.83 -33.14
C PRO B 472 -6.81 -14.27 -32.94
N ASN B 473 -5.95 -15.26 -32.61
CA ASN B 473 -6.41 -16.64 -32.40
C ASN B 473 -6.40 -17.10 -30.94
N GLN B 474 -6.11 -16.20 -29.98
CA GLN B 474 -6.01 -16.58 -28.56
C GLN B 474 -7.22 -17.32 -28.01
N PHE B 475 -8.44 -16.84 -28.32
CA PHE B 475 -9.66 -17.43 -27.76
C PHE B 475 -10.48 -18.24 -28.76
N GLU B 476 -9.82 -18.77 -29.78
CA GLU B 476 -10.48 -19.58 -30.80
C GLU B 476 -10.85 -20.96 -30.24
N ASN B 477 -11.95 -21.55 -30.74
CA ASN B 477 -12.40 -22.90 -30.37
C ASN B 477 -12.75 -23.06 -28.88
N LEU B 478 -13.13 -21.97 -28.23
CA LEU B 478 -13.47 -21.97 -26.81
C LEU B 478 -14.99 -22.09 -26.66
N PRO B 479 -15.51 -22.66 -25.56
CA PRO B 479 -16.98 -22.64 -25.39
C PRO B 479 -17.50 -21.20 -25.15
N ASP B 480 -18.83 -21.02 -24.97
CA ASP B 480 -19.41 -19.70 -24.76
C ASP B 480 -19.02 -19.20 -23.37
N ILE B 481 -17.86 -18.55 -23.27
CA ILE B 481 -17.36 -18.04 -22.00
C ILE B 481 -18.13 -16.81 -21.59
N ALA B 482 -18.66 -16.80 -20.36
CA ALA B 482 -19.37 -15.68 -19.74
C ALA B 482 -18.49 -14.94 -18.71
N CYS B 483 -17.55 -15.66 -18.07
CA CYS B 483 -16.72 -15.10 -17.01
C CYS B 483 -15.27 -15.35 -17.40
N LEU B 484 -14.48 -14.29 -17.60
CA LEU B 484 -13.10 -14.43 -18.05
C LEU B 484 -12.17 -13.66 -17.14
N ASN B 485 -11.14 -14.32 -16.63
CA ASN B 485 -10.18 -13.67 -15.78
C ASN B 485 -8.80 -13.68 -16.45
N LEU B 486 -8.31 -12.50 -16.83
CA LEU B 486 -6.98 -12.30 -17.40
C LEU B 486 -6.13 -11.40 -16.46
N SER B 487 -6.45 -11.39 -15.16
CA SER B 487 -5.70 -10.60 -14.20
C SER B 487 -4.25 -11.01 -14.15
N ALA B 488 -3.33 -10.05 -13.94
CA ALA B 488 -1.89 -10.33 -13.75
C ALA B 488 -1.26 -11.18 -14.84
N ASN B 489 -1.40 -10.73 -16.09
CA ASN B 489 -0.76 -11.35 -17.24
C ASN B 489 0.28 -10.43 -17.88
N SER B 490 0.72 -9.35 -17.17
CA SER B 490 1.68 -8.38 -17.66
C SER B 490 1.30 -7.84 -19.04
N ASN B 491 -0.01 -7.70 -19.30
CA ASN B 491 -0.50 -7.28 -20.59
C ASN B 491 -0.39 -5.77 -20.75
N ALA B 492 0.40 -5.33 -21.74
CA ALA B 492 0.64 -3.90 -22.02
C ALA B 492 0.09 -3.49 -23.39
N GLN B 493 -0.86 -4.23 -23.97
CA GLN B 493 -1.35 -3.93 -25.30
C GLN B 493 -2.40 -2.80 -25.32
N VAL B 494 -2.66 -2.28 -26.52
CA VAL B 494 -3.71 -1.32 -26.79
C VAL B 494 -4.86 -2.15 -27.30
N LEU B 495 -5.87 -2.44 -26.45
CA LEU B 495 -7.07 -3.17 -26.88
C LEU B 495 -7.80 -2.28 -27.89
N SER B 496 -8.27 -2.86 -28.99
CA SER B 496 -8.81 -2.08 -30.08
C SER B 496 -10.14 -2.57 -30.67
N GLY B 497 -10.88 -3.39 -29.94
CA GLY B 497 -12.19 -3.85 -30.38
C GLY B 497 -12.27 -5.13 -31.19
N THR B 498 -11.20 -5.93 -31.29
CA THR B 498 -11.23 -7.21 -32.03
C THR B 498 -10.68 -8.40 -31.25
N GLU B 499 -9.97 -8.17 -30.15
CA GLU B 499 -9.31 -9.21 -29.37
C GLU B 499 -10.23 -10.28 -28.82
N PHE B 500 -11.47 -9.93 -28.48
CA PHE B 500 -12.41 -10.86 -27.87
C PHE B 500 -13.53 -11.32 -28.81
N SER B 501 -13.37 -11.14 -30.13
CA SER B 501 -14.40 -11.51 -31.10
C SER B 501 -14.77 -13.01 -31.14
N ALA B 502 -13.88 -13.93 -30.70
CA ALA B 502 -14.19 -15.36 -30.66
C ALA B 502 -15.03 -15.76 -29.43
N ILE B 503 -15.04 -14.92 -28.38
CA ILE B 503 -15.85 -15.13 -27.17
C ILE B 503 -16.59 -13.80 -26.94
N PRO B 504 -17.52 -13.42 -27.84
CA PRO B 504 -18.15 -12.10 -27.73
C PRO B 504 -19.24 -11.96 -26.68
N HIS B 505 -19.61 -13.07 -25.99
CA HIS B 505 -20.66 -13.02 -24.97
C HIS B 505 -20.12 -13.02 -23.55
N VAL B 506 -18.89 -12.53 -23.35
CA VAL B 506 -18.32 -12.40 -22.00
C VAL B 506 -19.17 -11.34 -21.26
N LYS B 507 -19.66 -11.67 -20.07
CA LYS B 507 -20.50 -10.78 -19.25
C LYS B 507 -19.69 -10.16 -18.09
N TYR B 508 -18.66 -10.86 -17.59
CA TYR B 508 -17.85 -10.39 -16.48
C TYR B 508 -16.38 -10.57 -16.89
N LEU B 509 -15.68 -9.46 -17.10
CA LEU B 509 -14.30 -9.46 -17.53
C LEU B 509 -13.38 -8.85 -16.50
N ASP B 510 -12.40 -9.63 -16.00
CA ASP B 510 -11.43 -9.15 -15.03
C ASP B 510 -10.06 -8.96 -15.74
N LEU B 511 -9.64 -7.70 -15.91
CA LEU B 511 -8.35 -7.36 -16.53
C LEU B 511 -7.43 -6.66 -15.52
N THR B 512 -7.62 -6.91 -14.22
CA THR B 512 -6.86 -6.21 -13.20
C THR B 512 -5.39 -6.57 -13.18
N ASN B 513 -4.58 -5.69 -12.61
CA ASN B 513 -3.17 -5.97 -12.38
C ASN B 513 -2.40 -6.29 -13.63
N ASN B 514 -2.61 -5.52 -14.68
CA ASN B 514 -1.87 -5.64 -15.93
C ASN B 514 -1.13 -4.28 -16.14
N ARG B 515 -0.70 -3.96 -17.34
CA ARG B 515 -0.11 -2.66 -17.67
C ARG B 515 -0.81 -2.16 -18.97
N LEU B 516 -2.13 -2.33 -19.02
CA LEU B 516 -2.90 -1.99 -20.21
C LEU B 516 -2.77 -0.54 -20.65
N ASP B 517 -2.63 -0.35 -21.95
CA ASP B 517 -2.45 0.97 -22.55
C ASP B 517 -3.79 1.33 -23.17
N PHE B 518 -4.61 2.09 -22.44
CA PHE B 518 -5.92 2.48 -22.94
C PHE B 518 -5.72 3.62 -23.95
N ASP B 519 -5.50 3.26 -25.24
CA ASP B 519 -5.20 4.24 -26.27
C ASP B 519 -6.06 4.05 -27.54
N ASN B 520 -7.26 3.51 -27.41
CA ASN B 520 -8.14 3.32 -28.57
C ASN B 520 -9.60 3.38 -28.13
N ALA B 521 -10.39 4.32 -28.70
CA ALA B 521 -11.80 4.50 -28.33
C ALA B 521 -12.70 3.27 -28.57
N SER B 522 -12.26 2.29 -29.38
CA SER B 522 -13.05 1.10 -29.66
C SER B 522 -12.68 -0.11 -28.77
N ALA B 523 -11.80 0.07 -27.76
CA ALA B 523 -11.41 -1.02 -26.88
C ALA B 523 -12.59 -1.76 -26.26
N LEU B 524 -12.58 -3.11 -26.30
CA LEU B 524 -13.60 -3.93 -25.65
C LEU B 524 -15.03 -3.82 -26.19
N THR B 525 -15.28 -2.96 -27.19
CA THR B 525 -16.62 -2.74 -27.76
C THR B 525 -17.21 -3.97 -28.45
N GLU B 526 -16.38 -4.97 -28.82
CA GLU B 526 -16.87 -6.24 -29.39
C GLU B 526 -17.67 -7.04 -28.33
N LEU B 527 -17.48 -6.76 -27.02
CA LEU B 527 -18.20 -7.42 -25.94
C LEU B 527 -19.52 -6.71 -25.67
N SER B 528 -20.49 -6.91 -26.59
CA SER B 528 -21.79 -6.23 -26.52
C SER B 528 -22.63 -6.57 -25.26
N ASP B 529 -22.49 -7.77 -24.70
CA ASP B 529 -23.24 -8.16 -23.51
C ASP B 529 -22.47 -7.90 -22.19
N LEU B 530 -21.36 -7.14 -22.23
CA LEU B 530 -20.56 -6.90 -21.02
C LEU B 530 -21.39 -6.19 -19.93
N GLU B 531 -21.40 -6.78 -18.72
CA GLU B 531 -22.11 -6.24 -17.55
C GLU B 531 -21.15 -5.75 -16.46
N VAL B 532 -20.03 -6.43 -16.25
CA VAL B 532 -19.07 -6.08 -15.21
C VAL B 532 -17.70 -6.04 -15.84
N LEU B 533 -16.98 -4.93 -15.65
CA LEU B 533 -15.64 -4.76 -16.18
C LEU B 533 -14.73 -4.28 -15.06
N ASP B 534 -13.66 -5.04 -14.77
CA ASP B 534 -12.71 -4.67 -13.72
C ASP B 534 -11.34 -4.31 -14.34
N LEU B 535 -11.01 -3.01 -14.35
CA LEU B 535 -9.72 -2.50 -14.88
C LEU B 535 -8.80 -2.01 -13.77
N SER B 536 -9.02 -2.45 -12.51
CA SER B 536 -8.22 -2.01 -11.37
C SER B 536 -6.74 -2.31 -11.55
N TYR B 537 -5.87 -1.48 -10.99
CA TYR B 537 -4.43 -1.69 -11.03
C TYR B 537 -3.84 -1.85 -12.45
N ASN B 538 -4.15 -0.89 -13.33
CA ASN B 538 -3.55 -0.79 -14.66
C ASN B 538 -3.00 0.65 -14.79
N SER B 539 -2.29 1.13 -13.75
CA SER B 539 -1.80 2.50 -13.70
C SER B 539 -0.62 2.80 -14.61
N HIS B 540 0.07 1.76 -15.13
CA HIS B 540 1.31 1.93 -15.90
C HIS B 540 1.34 3.12 -16.86
N TYR B 541 0.38 3.20 -17.80
CA TYR B 541 0.38 4.26 -18.79
C TYR B 541 -0.40 5.49 -18.34
N PHE B 542 -1.43 5.32 -17.49
CA PHE B 542 -2.16 6.48 -16.97
C PHE B 542 -1.23 7.43 -16.19
N ARG B 543 -0.20 6.89 -15.52
CA ARG B 543 0.68 7.74 -14.72
C ARG B 543 1.68 8.57 -15.58
N ILE B 544 1.80 8.30 -16.89
CA ILE B 544 2.69 9.05 -17.80
C ILE B 544 1.88 10.18 -18.46
N ALA B 545 2.18 11.44 -18.16
CA ALA B 545 1.43 12.56 -18.75
C ALA B 545 1.54 12.64 -20.27
N GLY B 546 2.74 12.40 -20.79
CA GLY B 546 3.07 12.57 -22.20
C GLY B 546 2.49 11.57 -23.18
N VAL B 547 1.95 10.44 -22.69
CA VAL B 547 1.32 9.48 -23.56
C VAL B 547 -0.19 9.76 -23.59
N THR B 548 -0.87 9.36 -24.66
CA THR B 548 -2.32 9.59 -24.79
C THR B 548 -3.10 8.54 -23.98
N HIS B 549 -4.29 8.93 -23.47
CA HIS B 549 -5.15 8.03 -22.67
C HIS B 549 -6.58 8.22 -23.15
N HIS B 550 -7.27 7.11 -23.42
CA HIS B 550 -8.62 7.15 -23.96
C HIS B 550 -9.57 6.21 -23.21
N LEU B 551 -10.65 6.78 -22.63
CA LEU B 551 -11.68 5.99 -21.95
C LEU B 551 -13.06 6.11 -22.62
N GLU B 552 -13.12 6.53 -23.90
CA GLU B 552 -14.38 6.72 -24.64
C GLU B 552 -15.20 5.46 -24.85
N PHE B 553 -14.53 4.29 -24.85
CA PHE B 553 -15.23 3.02 -25.08
C PHE B 553 -16.34 2.74 -24.08
N ILE B 554 -16.27 3.30 -22.85
CA ILE B 554 -17.28 3.06 -21.79
C ILE B 554 -18.73 3.33 -22.29
N GLN B 555 -18.89 4.34 -23.13
CA GLN B 555 -20.19 4.76 -23.69
C GLN B 555 -20.87 3.72 -24.62
N ASN B 556 -20.08 2.88 -25.30
CA ASN B 556 -20.63 1.94 -26.27
C ASN B 556 -21.43 0.76 -25.72
N PHE B 557 -21.30 0.46 -24.43
CA PHE B 557 -21.99 -0.69 -23.85
C PHE B 557 -23.41 -0.37 -23.41
N THR B 558 -24.38 -1.20 -23.85
CA THR B 558 -25.79 -1.00 -23.47
C THR B 558 -26.17 -1.76 -22.20
N ASN B 559 -25.40 -2.78 -21.79
CA ASN B 559 -25.73 -3.58 -20.59
C ASN B 559 -24.66 -3.42 -19.48
N LEU B 560 -23.68 -2.49 -19.60
CA LEU B 560 -22.64 -2.34 -18.58
C LEU B 560 -23.24 -1.80 -17.30
N LYS B 561 -23.12 -2.54 -16.19
CA LYS B 561 -23.66 -2.17 -14.88
C LYS B 561 -22.57 -1.71 -13.90
N VAL B 562 -21.45 -2.43 -13.85
CA VAL B 562 -20.38 -2.16 -12.87
C VAL B 562 -19.05 -1.98 -13.58
N LEU B 563 -18.35 -0.88 -13.25
CA LEU B 563 -17.06 -0.57 -13.81
C LEU B 563 -16.14 -0.19 -12.68
N ASN B 564 -15.00 -0.86 -12.61
CA ASN B 564 -14.02 -0.57 -11.57
C ASN B 564 -12.75 -0.04 -12.22
N LEU B 565 -12.49 1.28 -12.04
CA LEU B 565 -11.27 1.94 -12.50
C LEU B 565 -10.33 2.21 -11.32
N SER B 566 -10.41 1.46 -10.21
CA SER B 566 -9.60 1.73 -9.04
C SER B 566 -8.08 1.57 -9.24
N HIS B 567 -7.33 2.37 -8.47
CA HIS B 567 -5.87 2.32 -8.40
C HIS B 567 -5.21 2.38 -9.77
N ASN B 568 -5.72 3.28 -10.60
CA ASN B 568 -5.18 3.52 -11.93
C ASN B 568 -4.39 4.82 -12.01
N ASN B 569 -4.36 5.65 -10.93
CA ASN B 569 -3.61 6.90 -10.93
C ASN B 569 -4.05 7.80 -12.09
N ILE B 570 -5.36 7.79 -12.42
CA ILE B 570 -5.90 8.59 -13.52
C ILE B 570 -5.87 10.07 -13.16
N TYR B 571 -5.13 10.87 -13.92
CA TYR B 571 -5.07 12.32 -13.71
C TYR B 571 -5.14 13.13 -14.99
N THR B 572 -5.13 12.48 -16.18
CA THR B 572 -5.18 13.20 -17.45
C THR B 572 -5.73 12.28 -18.52
N LEU B 573 -6.64 12.80 -19.35
CA LEU B 573 -7.25 12.12 -20.47
C LEU B 573 -7.05 12.96 -21.75
N THR B 574 -7.02 12.30 -22.90
CA THR B 574 -6.79 12.94 -24.19
C THR B 574 -8.10 13.26 -24.89
N ASP B 575 -8.36 14.55 -25.18
CA ASP B 575 -9.52 15.03 -25.96
C ASP B 575 -10.90 14.84 -25.30
N LYS B 576 -11.28 13.61 -24.89
CA LYS B 576 -12.55 13.40 -24.23
C LYS B 576 -12.26 13.31 -22.75
N TYR B 577 -12.74 14.29 -21.99
CA TYR B 577 -12.48 14.37 -20.57
C TYR B 577 -13.56 13.71 -19.70
N ASN B 578 -14.69 13.30 -20.30
CA ASN B 578 -15.83 12.79 -19.58
C ASN B 578 -16.12 11.31 -19.74
N LEU B 579 -16.64 10.69 -18.67
CA LEU B 579 -17.09 9.30 -18.69
C LEU B 579 -18.58 9.34 -18.94
N GLU B 580 -19.05 8.54 -19.90
CA GLU B 580 -20.46 8.54 -20.27
C GLU B 580 -20.98 7.12 -20.42
N SER B 581 -22.19 6.89 -19.93
CA SER B 581 -22.87 5.60 -20.05
C SER B 581 -24.32 5.77 -19.69
N LYS B 582 -25.22 5.29 -20.56
CA LYS B 582 -26.64 5.32 -20.28
C LYS B 582 -27.06 4.19 -19.31
N SER B 583 -26.26 3.10 -19.17
CA SER B 583 -26.60 1.95 -18.31
C SER B 583 -25.90 1.86 -16.96
N LEU B 584 -24.62 2.30 -16.86
CA LEU B 584 -23.81 2.10 -15.67
C LEU B 584 -24.50 2.47 -14.35
N VAL B 585 -24.49 1.54 -13.36
CA VAL B 585 -25.10 1.79 -12.05
C VAL B 585 -24.02 2.03 -10.98
N GLU B 586 -22.84 1.38 -11.11
CA GLU B 586 -21.77 1.52 -10.13
C GLU B 586 -20.43 1.86 -10.77
N LEU B 587 -19.77 2.92 -10.27
CA LEU B 587 -18.43 3.29 -10.69
C LEU B 587 -17.52 3.30 -9.47
N VAL B 588 -16.44 2.52 -9.52
CA VAL B 588 -15.44 2.57 -8.48
C VAL B 588 -14.26 3.36 -9.05
N PHE B 589 -14.04 4.57 -8.54
CA PHE B 589 -12.95 5.44 -9.02
C PHE B 589 -11.87 5.66 -7.93
N SER B 590 -11.83 4.81 -6.91
CA SER B 590 -10.86 4.98 -5.82
C SER B 590 -9.42 4.85 -6.30
N GLY B 591 -8.49 5.50 -5.61
CA GLY B 591 -7.07 5.39 -5.92
C GLY B 591 -6.68 6.05 -7.24
N ASN B 592 -7.39 7.12 -7.59
CA ASN B 592 -7.08 7.92 -8.77
C ASN B 592 -6.69 9.32 -8.28
N ARG B 593 -6.61 10.32 -9.15
CA ARG B 593 -6.21 11.65 -8.75
C ARG B 593 -7.24 12.72 -9.08
N LEU B 594 -8.42 12.61 -8.46
CA LEU B 594 -9.42 13.67 -8.58
C LEU B 594 -8.91 15.01 -7.97
N ASP B 595 -7.88 14.97 -7.10
CA ASP B 595 -7.27 16.23 -6.62
C ASP B 595 -6.67 17.00 -7.81
N ILE B 596 -6.09 16.28 -8.79
CA ILE B 596 -5.53 16.90 -9.99
C ILE B 596 -6.65 17.19 -11.01
N LEU B 597 -7.52 16.19 -11.32
CA LEU B 597 -8.61 16.40 -12.28
C LEU B 597 -9.51 17.57 -11.91
N TRP B 598 -9.81 17.72 -10.60
CA TRP B 598 -10.65 18.80 -10.11
C TRP B 598 -9.85 19.93 -9.48
N ASN B 599 -8.62 20.16 -9.96
CA ASN B 599 -7.80 21.28 -9.50
C ASN B 599 -8.57 22.60 -9.78
N ASP B 600 -8.56 23.52 -8.82
CA ASP B 600 -9.31 24.79 -8.92
C ASP B 600 -9.06 25.59 -10.20
N ASP B 601 -7.89 25.43 -10.82
CA ASP B 601 -7.52 26.18 -12.01
C ASP B 601 -7.82 25.44 -13.33
N ASP B 602 -8.55 24.31 -13.28
CA ASP B 602 -8.88 23.54 -14.47
C ASP B 602 -10.38 23.26 -14.52
N ASN B 603 -11.05 23.67 -15.60
CA ASN B 603 -12.48 23.40 -15.77
C ASN B 603 -12.76 22.17 -16.65
N ARG B 604 -11.71 21.50 -17.20
CA ARG B 604 -11.94 20.44 -18.19
C ARG B 604 -12.67 19.19 -17.68
N TYR B 605 -12.49 18.81 -16.41
CA TYR B 605 -13.09 17.58 -15.84
C TYR B 605 -14.24 17.86 -14.87
N ILE B 606 -14.81 19.08 -14.92
CA ILE B 606 -15.85 19.50 -14.00
C ILE B 606 -17.16 18.69 -14.14
N SER B 607 -17.38 18.02 -15.29
CA SER B 607 -18.55 17.17 -15.52
C SER B 607 -18.10 15.72 -15.82
N ILE B 608 -16.94 15.28 -15.30
CA ILE B 608 -16.38 13.96 -15.58
C ILE B 608 -17.39 12.79 -15.37
N PHE B 609 -18.24 12.83 -14.35
CA PHE B 609 -19.20 11.74 -14.08
C PHE B 609 -20.66 12.09 -14.44
N LYS B 610 -20.95 13.33 -14.86
CA LYS B 610 -22.32 13.76 -15.19
C LYS B 610 -23.03 12.89 -16.23
N GLY B 611 -22.29 12.45 -17.24
CA GLY B 611 -22.82 11.60 -18.31
C GLY B 611 -23.12 10.17 -17.91
N LEU B 612 -22.82 9.78 -16.65
CA LEU B 612 -23.17 8.46 -16.13
C LEU B 612 -24.60 8.63 -15.60
N LYS B 613 -25.53 8.75 -16.55
CA LYS B 613 -26.92 9.13 -16.30
C LYS B 613 -27.72 8.14 -15.44
N ASN B 614 -27.33 6.88 -15.37
CA ASN B 614 -28.05 5.87 -14.58
C ASN B 614 -27.31 5.51 -13.27
N LEU B 615 -26.24 6.25 -12.89
CA LEU B 615 -25.40 5.89 -11.76
C LEU B 615 -26.07 6.03 -10.40
N THR B 616 -25.99 4.98 -9.57
CA THR B 616 -26.53 4.99 -8.21
C THR B 616 -25.42 4.86 -7.16
N ARG B 617 -24.29 4.21 -7.47
CA ARG B 617 -23.20 4.04 -6.50
C ARG B 617 -21.91 4.59 -7.08
N LEU B 618 -21.26 5.51 -6.34
CA LEU B 618 -20.02 6.13 -6.79
C LEU B 618 -18.99 6.11 -5.65
N ASP B 619 -17.78 5.60 -5.92
CA ASP B 619 -16.73 5.56 -4.92
C ASP B 619 -15.56 6.45 -5.35
N LEU B 620 -15.40 7.59 -4.66
CA LEU B 620 -14.32 8.56 -4.87
C LEU B 620 -13.29 8.52 -3.76
N SER B 621 -13.17 7.40 -3.01
CA SER B 621 -12.22 7.30 -1.93
C SER B 621 -10.78 7.30 -2.44
N LEU B 622 -9.82 7.61 -1.56
CA LEU B 622 -8.39 7.54 -1.90
C LEU B 622 -8.02 8.34 -3.15
N ASN B 623 -8.55 9.54 -3.28
CA ASN B 623 -8.23 10.41 -4.42
C ASN B 623 -7.45 11.70 -4.00
N ARG B 624 -6.91 11.72 -2.76
CA ARG B 624 -6.11 12.83 -2.21
C ARG B 624 -6.85 14.16 -2.22
N LEU B 625 -8.19 14.13 -2.18
CA LEU B 625 -8.98 15.34 -2.26
C LEU B 625 -8.91 16.19 -0.99
N LYS B 626 -8.57 17.47 -1.13
CA LYS B 626 -8.56 18.43 -0.03
C LYS B 626 -9.90 19.21 -0.01
N HIS B 627 -10.50 19.41 -1.18
CA HIS B 627 -11.83 20.01 -1.32
C HIS B 627 -12.36 19.66 -2.73
N ILE B 628 -13.68 19.64 -2.89
CA ILE B 628 -14.29 19.35 -4.18
C ILE B 628 -14.86 20.68 -4.66
N PRO B 629 -14.53 21.19 -5.88
CA PRO B 629 -15.15 22.46 -6.33
C PRO B 629 -16.67 22.34 -6.33
N ASN B 630 -17.37 23.39 -5.90
CA ASN B 630 -18.83 23.36 -5.81
C ASN B 630 -19.51 22.92 -7.12
N GLU B 631 -19.01 23.43 -8.26
CA GLU B 631 -19.56 23.08 -9.57
C GLU B 631 -19.32 21.60 -9.89
N ALA B 632 -18.15 21.04 -9.49
CA ALA B 632 -17.88 19.62 -9.73
C ALA B 632 -18.79 18.75 -8.89
N PHE B 633 -19.08 19.12 -7.62
CA PHE B 633 -19.98 18.30 -6.79
C PHE B 633 -21.39 18.34 -7.39
N LEU B 634 -21.83 19.52 -7.82
CA LEU B 634 -23.14 19.68 -8.44
C LEU B 634 -23.29 18.90 -9.73
N ASN B 635 -22.17 18.56 -10.42
CA ASN B 635 -22.24 17.79 -11.66
C ASN B 635 -22.15 16.28 -11.42
N LEU B 636 -22.22 15.81 -10.16
CA LEU B 636 -22.29 14.38 -9.91
C LEU B 636 -23.73 13.95 -10.31
N PRO B 637 -23.94 12.73 -10.82
CA PRO B 637 -25.29 12.32 -11.26
C PRO B 637 -26.35 12.49 -10.18
N ALA B 638 -27.46 13.20 -10.49
CA ALA B 638 -28.55 13.39 -9.53
C ALA B 638 -29.26 12.06 -9.13
N SER B 639 -29.00 10.98 -9.87
CA SER B 639 -29.55 9.66 -9.57
C SER B 639 -28.83 8.95 -8.41
N LEU B 640 -27.70 9.49 -7.90
CA LEU B 640 -26.95 8.81 -6.83
C LEU B 640 -27.75 8.44 -5.56
N THR B 641 -27.60 7.19 -5.10
CA THR B 641 -28.18 6.72 -3.84
C THR B 641 -27.05 6.48 -2.78
N GLU B 642 -25.81 6.18 -3.23
CA GLU B 642 -24.69 5.89 -2.35
C GLU B 642 -23.44 6.61 -2.86
N LEU B 643 -22.84 7.44 -2.03
CA LEU B 643 -21.64 8.21 -2.42
C LEU B 643 -20.57 8.05 -1.35
N HIS B 644 -19.40 7.52 -1.75
CA HIS B 644 -18.27 7.38 -0.83
C HIS B 644 -17.18 8.35 -1.24
N ILE B 645 -16.71 9.14 -0.29
CA ILE B 645 -15.59 10.07 -0.47
C ILE B 645 -14.63 9.88 0.76
N ASN B 646 -14.57 8.66 1.29
CA ASN B 646 -13.78 8.34 2.46
C ASN B 646 -12.29 8.30 2.14
N ASP B 647 -11.45 8.41 3.16
CA ASP B 647 -10.00 8.33 3.01
C ASP B 647 -9.44 9.30 1.95
N ASN B 648 -9.81 10.55 2.09
CA ASN B 648 -9.28 11.68 1.33
C ASN B 648 -8.69 12.60 2.45
N MET B 649 -8.50 13.90 2.20
CA MET B 649 -8.01 14.85 3.18
C MET B 649 -8.96 16.06 3.15
N LEU B 650 -10.29 15.82 3.09
CA LEU B 650 -11.25 16.91 3.01
C LEU B 650 -11.27 17.76 4.26
N LYS B 651 -11.05 19.07 4.11
CA LYS B 651 -11.13 20.04 5.21
C LYS B 651 -12.50 20.73 5.23
N PHE B 652 -13.19 20.82 4.07
CA PHE B 652 -14.51 21.43 3.96
C PHE B 652 -15.43 20.50 3.14
N PHE B 653 -16.73 20.58 3.42
CA PHE B 653 -17.77 19.85 2.71
C PHE B 653 -18.98 20.77 2.65
N ASN B 654 -19.43 21.15 1.46
CA ASN B 654 -20.54 22.07 1.32
C ASN B 654 -21.84 21.27 1.42
N TRP B 655 -22.40 21.21 2.64
CA TRP B 655 -23.62 20.43 2.93
C TRP B 655 -24.84 20.91 2.16
N THR B 656 -24.89 22.20 1.81
CA THR B 656 -26.02 22.78 1.05
C THR B 656 -26.27 22.07 -0.28
N LEU B 657 -25.20 21.55 -0.90
CA LEU B 657 -25.29 20.89 -2.21
C LEU B 657 -26.02 19.55 -2.19
N LEU B 658 -26.29 18.97 -1.01
CA LEU B 658 -27.06 17.73 -0.95
C LEU B 658 -28.52 17.90 -1.43
N GLN B 659 -29.00 19.17 -1.56
CA GLN B 659 -30.34 19.50 -2.07
C GLN B 659 -30.55 18.95 -3.48
N GLN B 660 -29.50 18.95 -4.30
CA GLN B 660 -29.58 18.46 -5.68
C GLN B 660 -29.51 16.95 -5.81
N PHE B 661 -29.48 16.20 -4.69
CA PHE B 661 -29.39 14.74 -4.69
C PHE B 661 -30.54 14.18 -3.89
N PRO B 662 -31.76 14.19 -4.46
CA PRO B 662 -32.96 13.77 -3.70
C PRO B 662 -33.09 12.28 -3.42
N ARG B 663 -32.27 11.45 -4.04
CA ARG B 663 -32.27 10.00 -3.82
C ARG B 663 -31.09 9.55 -2.92
N LEU B 664 -30.21 10.47 -2.47
CA LEU B 664 -29.04 10.10 -1.67
C LEU B 664 -29.42 9.52 -0.29
N GLU B 665 -29.12 8.23 -0.10
CA GLU B 665 -29.41 7.47 1.12
C GLU B 665 -28.17 7.29 2.01
N LEU B 666 -26.98 7.11 1.41
CA LEU B 666 -25.76 6.88 2.18
C LEU B 666 -24.67 7.84 1.75
N LEU B 667 -24.09 8.55 2.71
CA LEU B 667 -23.00 9.49 2.46
C LEU B 667 -21.86 9.07 3.37
N ASP B 668 -20.73 8.68 2.78
CA ASP B 668 -19.59 8.19 3.53
C ASP B 668 -18.40 9.15 3.39
N LEU B 669 -18.12 9.91 4.47
CA LEU B 669 -17.03 10.88 4.53
C LEU B 669 -16.01 10.48 5.60
N ARG B 670 -15.89 9.18 5.93
CA ARG B 670 -14.94 8.72 6.93
C ARG B 670 -13.50 9.00 6.51
N GLY B 671 -12.59 9.10 7.49
CA GLY B 671 -11.17 9.28 7.21
C GLY B 671 -10.83 10.53 6.42
N ASN B 672 -11.32 11.67 6.88
CA ASN B 672 -11.04 12.97 6.27
C ASN B 672 -10.55 13.92 7.40
N LYS B 673 -10.55 15.24 7.20
CA LYS B 673 -10.14 16.19 8.23
C LYS B 673 -11.23 17.24 8.46
N LEU B 674 -12.53 16.83 8.35
CA LEU B 674 -13.65 17.75 8.50
C LEU B 674 -13.70 18.29 9.92
N LEU B 675 -13.83 19.62 10.06
CA LEU B 675 -13.78 20.32 11.33
C LEU B 675 -15.13 20.64 11.94
N PHE B 676 -16.19 20.72 11.12
CA PHE B 676 -17.52 21.02 11.63
C PHE B 676 -18.61 20.46 10.73
N LEU B 677 -19.84 20.42 11.28
CA LEU B 677 -21.04 19.91 10.63
C LEU B 677 -22.06 21.03 10.48
N THR B 678 -22.89 20.97 9.43
CA THR B 678 -23.92 21.99 9.20
C THR B 678 -24.98 21.93 10.30
N ASP B 679 -25.52 23.09 10.68
CA ASP B 679 -26.56 23.19 11.70
C ASP B 679 -27.99 23.12 11.13
N SER B 680 -28.16 22.77 9.83
CA SER B 680 -29.46 22.74 9.16
C SER B 680 -29.48 21.67 8.07
N LEU B 681 -29.08 20.44 8.42
CA LEU B 681 -29.04 19.32 7.46
C LEU B 681 -30.42 18.96 6.93
N SER B 682 -31.49 19.16 7.73
CA SER B 682 -32.88 18.90 7.32
C SER B 682 -33.32 19.79 6.15
N ASP B 683 -32.74 20.99 6.02
CA ASP B 683 -33.02 21.90 4.91
C ASP B 683 -32.36 21.43 3.61
N PHE B 684 -31.28 20.64 3.69
CA PHE B 684 -30.53 20.18 2.53
C PHE B 684 -30.83 18.75 2.11
N THR B 685 -31.40 17.92 3.01
CA THR B 685 -31.71 16.53 2.65
C THR B 685 -32.85 15.97 3.47
N SER B 686 -33.69 15.16 2.83
CA SER B 686 -34.79 14.43 3.45
C SER B 686 -34.75 12.92 3.11
N SER B 687 -33.70 12.44 2.39
CA SER B 687 -33.54 11.04 2.01
C SER B 687 -32.36 10.35 2.71
N LEU B 688 -31.38 11.12 3.19
CA LEU B 688 -30.19 10.55 3.82
C LEU B 688 -30.55 9.67 5.02
N ARG B 689 -30.18 8.40 4.97
CA ARG B 689 -30.45 7.41 6.03
C ARG B 689 -29.17 7.05 6.79
N THR B 690 -28.01 7.06 6.12
CA THR B 690 -26.74 6.70 6.75
C THR B 690 -25.68 7.77 6.48
N LEU B 691 -25.06 8.28 7.54
CA LEU B 691 -24.05 9.33 7.44
C LEU B 691 -22.82 8.86 8.18
N LEU B 692 -21.76 8.50 7.45
CA LEU B 692 -20.54 8.01 8.09
C LEU B 692 -19.48 9.12 8.16
N LEU B 693 -19.12 9.52 9.40
CA LEU B 693 -18.16 10.59 9.63
C LEU B 693 -17.01 10.19 10.55
N SER B 694 -16.80 8.88 10.81
CA SER B 694 -15.72 8.48 11.69
C SER B 694 -14.34 8.87 11.15
N HIS B 695 -13.40 9.08 12.05
CA HIS B 695 -12.03 9.48 11.69
C HIS B 695 -12.03 10.83 10.98
N ASN B 696 -12.57 11.82 11.66
CA ASN B 696 -12.56 13.22 11.19
C ASN B 696 -12.12 14.08 12.41
N ARG B 697 -12.30 15.40 12.37
CA ARG B 697 -11.87 16.27 13.47
C ARG B 697 -13.06 17.09 13.98
N ILE B 698 -14.25 16.48 14.06
CA ILE B 698 -15.43 17.19 14.56
C ILE B 698 -15.25 17.30 16.07
N SER B 699 -15.14 18.53 16.60
CA SER B 699 -14.99 18.78 18.03
C SER B 699 -16.28 19.22 18.72
N HIS B 700 -17.36 19.50 17.97
CA HIS B 700 -18.60 19.97 18.56
C HIS B 700 -19.77 19.69 17.62
N LEU B 701 -20.91 19.28 18.19
CA LEU B 701 -22.13 19.07 17.42
C LEU B 701 -22.96 20.33 17.52
N PRO B 702 -23.45 20.93 16.41
CA PRO B 702 -24.26 22.15 16.56
C PRO B 702 -25.59 21.92 17.26
N SER B 703 -26.16 23.01 17.83
CA SER B 703 -27.44 22.95 18.53
C SER B 703 -28.53 22.54 17.50
N GLY B 704 -29.27 21.48 17.79
CA GLY B 704 -30.28 20.94 16.88
C GLY B 704 -29.69 20.16 15.73
N PHE B 705 -28.99 19.05 16.01
CA PHE B 705 -28.36 18.24 14.97
C PHE B 705 -29.02 16.86 14.80
N LEU B 706 -29.08 16.07 15.88
CA LEU B 706 -29.59 14.70 15.81
C LEU B 706 -31.12 14.59 15.71
N SER B 707 -31.86 15.63 16.13
CA SER B 707 -33.31 15.60 16.17
C SER B 707 -34.06 15.88 14.84
N GLU B 708 -33.65 16.91 14.10
CA GLU B 708 -34.39 17.33 12.91
C GLU B 708 -34.28 16.44 11.66
N VAL B 709 -33.15 15.71 11.45
CA VAL B 709 -33.03 14.86 10.26
C VAL B 709 -33.86 13.59 10.50
N SER B 710 -35.13 13.61 10.08
CA SER B 710 -36.06 12.50 10.30
C SER B 710 -35.65 11.20 9.62
N SER B 711 -35.12 11.24 8.39
CA SER B 711 -34.73 10.03 7.68
C SER B 711 -33.44 9.38 8.20
N LEU B 712 -32.61 10.11 8.96
CA LEU B 712 -31.33 9.56 9.42
C LEU B 712 -31.49 8.43 10.47
N LYS B 713 -31.09 7.21 10.10
CA LYS B 713 -31.16 6.02 10.94
C LYS B 713 -29.80 5.71 11.57
N HIS B 714 -28.71 5.87 10.82
CA HIS B 714 -27.36 5.53 11.28
C HIS B 714 -26.43 6.74 11.13
N LEU B 715 -25.91 7.23 12.27
CA LEU B 715 -24.94 8.33 12.31
C LEU B 715 -23.70 7.80 12.99
N ASP B 716 -22.55 7.84 12.31
CA ASP B 716 -21.31 7.35 12.88
C ASP B 716 -20.37 8.53 13.12
N LEU B 717 -20.22 8.91 14.39
CA LEU B 717 -19.33 9.99 14.81
C LEU B 717 -18.14 9.44 15.60
N SER B 718 -17.77 8.15 15.41
CA SER B 718 -16.67 7.56 16.17
C SER B 718 -15.31 8.10 15.72
N SER B 719 -14.32 8.06 16.61
CA SER B 719 -12.97 8.55 16.32
C SER B 719 -12.93 9.98 15.78
N ASN B 720 -13.64 10.88 16.46
CA ASN B 720 -13.61 12.30 16.15
C ASN B 720 -12.97 13.02 17.38
N LEU B 721 -13.21 14.33 17.61
CA LEU B 721 -12.61 15.04 18.74
C LEU B 721 -13.71 15.62 19.65
N LEU B 722 -14.84 14.91 19.82
CA LEU B 722 -15.92 15.38 20.67
C LEU B 722 -15.51 15.26 22.13
N LYS B 723 -15.64 16.37 22.87
CA LYS B 723 -15.39 16.41 24.31
C LYS B 723 -16.72 16.19 25.07
N THR B 724 -17.84 16.68 24.53
CA THR B 724 -19.14 16.56 25.18
C THR B 724 -20.26 16.66 24.14
N ILE B 725 -21.51 16.40 24.55
CA ILE B 725 -22.67 16.55 23.69
C ILE B 725 -23.71 17.31 24.52
N ASN B 726 -24.03 18.56 24.14
CA ASN B 726 -24.98 19.42 24.87
C ASN B 726 -26.43 18.97 24.71
N LYS B 727 -27.27 19.26 25.71
CA LYS B 727 -28.72 18.96 25.68
C LYS B 727 -29.38 19.58 24.43
N SER B 728 -28.91 20.76 24.00
CA SER B 728 -29.44 21.45 22.82
C SER B 728 -29.19 20.67 21.54
N ALA B 729 -28.01 20.01 21.43
CA ALA B 729 -27.65 19.22 20.26
C ALA B 729 -28.55 18.00 20.06
N LEU B 730 -28.98 17.33 21.15
CA LEU B 730 -29.80 16.11 21.04
C LEU B 730 -31.28 16.32 20.63
N GLU B 731 -32.06 17.08 21.42
CA GLU B 731 -33.49 17.28 21.21
C GLU B 731 -33.82 18.73 20.83
N THR B 732 -34.99 18.92 20.16
CA THR B 732 -35.47 20.24 19.76
C THR B 732 -37.03 20.24 19.76
N LYS B 733 -37.69 19.68 18.70
CA LYS B 733 -39.15 19.63 18.59
C LYS B 733 -39.63 18.20 18.32
N THR B 734 -39.01 17.50 17.36
CA THR B 734 -39.32 16.12 17.02
C THR B 734 -38.17 15.24 17.51
N THR B 735 -38.45 14.22 18.34
CA THR B 735 -37.39 13.34 18.85
C THR B 735 -36.64 12.61 17.73
N THR B 736 -35.47 12.05 18.05
CA THR B 736 -34.60 11.39 17.07
C THR B 736 -35.15 10.09 16.47
N LYS B 737 -35.13 9.97 15.13
CA LYS B 737 -35.48 8.71 14.46
C LYS B 737 -34.20 7.83 14.23
N LEU B 738 -33.08 8.15 14.91
CA LEU B 738 -31.87 7.35 14.84
C LEU B 738 -32.10 6.02 15.53
N SER B 739 -31.45 4.99 15.02
CA SER B 739 -31.44 3.66 15.61
C SER B 739 -29.99 3.26 15.98
N MET B 740 -28.94 3.93 15.42
CA MET B 740 -27.55 3.65 15.74
C MET B 740 -26.72 4.94 15.72
N LEU B 741 -26.05 5.23 16.84
CA LEU B 741 -25.20 6.38 17.02
C LEU B 741 -23.86 5.85 17.54
N GLU B 742 -22.82 5.90 16.71
CA GLU B 742 -21.49 5.40 17.10
C GLU B 742 -20.66 6.55 17.64
N LEU B 743 -20.05 6.36 18.82
CA LEU B 743 -19.25 7.38 19.50
C LEU B 743 -17.95 6.88 20.11
N HIS B 744 -17.57 5.60 19.89
CA HIS B 744 -16.31 5.11 20.42
C HIS B 744 -15.10 5.91 19.87
N GLY B 745 -14.07 6.11 20.68
CA GLY B 745 -12.87 6.82 20.25
C GLY B 745 -12.88 8.33 20.32
N ASN B 746 -13.89 8.95 20.93
CA ASN B 746 -13.93 10.40 21.12
C ASN B 746 -13.35 10.75 22.50
N PRO B 747 -12.56 11.84 22.61
CA PRO B 747 -11.96 12.17 23.91
C PRO B 747 -12.94 12.90 24.86
N PHE B 748 -13.88 12.14 25.43
CA PHE B 748 -14.93 12.73 26.28
C PHE B 748 -14.42 13.29 27.60
N GLU B 749 -15.02 14.41 28.00
CA GLU B 749 -14.73 15.08 29.25
C GLU B 749 -15.79 14.55 30.23
N CYS B 750 -15.36 13.76 31.23
CA CYS B 750 -16.26 13.14 32.19
C CYS B 750 -16.35 13.90 33.49
N THR B 751 -16.99 15.04 33.41
CA THR B 751 -17.35 15.91 34.53
C THR B 751 -18.91 15.91 34.56
N CYS B 752 -19.55 16.69 35.44
CA CYS B 752 -21.00 16.79 35.46
C CYS B 752 -21.56 17.34 34.12
N ASP B 753 -20.70 17.91 33.24
CA ASP B 753 -21.09 18.41 31.91
C ASP B 753 -21.55 17.27 30.98
N ILE B 754 -21.15 16.01 31.25
CA ILE B 754 -21.59 14.83 30.48
C ILE B 754 -22.97 14.30 30.99
N GLY B 755 -23.53 14.89 32.06
CA GLY B 755 -24.79 14.47 32.64
C GLY B 755 -25.97 14.55 31.71
N ASP B 756 -26.08 15.63 30.94
CA ASP B 756 -27.19 15.79 29.99
C ASP B 756 -27.20 14.67 28.94
N PHE B 757 -26.02 14.33 28.39
CA PHE B 757 -25.92 13.26 27.41
C PHE B 757 -26.22 11.91 28.05
N ARG B 758 -25.75 11.69 29.29
CA ARG B 758 -26.04 10.45 30.01
C ARG B 758 -27.55 10.30 30.25
N ARG B 759 -28.27 11.39 30.58
CA ARG B 759 -29.71 11.35 30.78
C ARG B 759 -30.42 11.09 29.44
N TRP B 760 -29.92 11.68 28.34
CA TRP B 760 -30.48 11.45 27.01
C TRP B 760 -30.34 9.96 26.63
N MET B 761 -29.19 9.34 26.95
CA MET B 761 -28.98 7.93 26.67
C MET B 761 -30.04 7.06 27.40
N ASP B 762 -30.36 7.42 28.64
CA ASP B 762 -31.37 6.70 29.43
C ASP B 762 -32.79 6.88 28.85
N GLU B 763 -33.09 8.07 28.34
CA GLU B 763 -34.40 8.38 27.74
C GLU B 763 -34.54 7.86 26.29
N HIS B 764 -33.44 7.43 25.64
CA HIS B 764 -33.47 6.97 24.26
C HIS B 764 -32.77 5.61 24.15
N LEU B 765 -33.32 4.59 24.84
CA LEU B 765 -32.78 3.24 24.79
C LEU B 765 -32.93 2.58 23.41
N ASN B 766 -33.80 3.11 22.54
CA ASN B 766 -33.97 2.59 21.19
C ASN B 766 -32.79 3.03 20.26
N VAL B 767 -32.03 4.09 20.63
CA VAL B 767 -30.87 4.52 19.87
C VAL B 767 -29.69 3.69 20.36
N LYS B 768 -29.25 2.69 19.58
CA LYS B 768 -28.13 1.83 19.97
C LYS B 768 -26.81 2.58 19.86
N ILE B 769 -25.99 2.50 20.93
CA ILE B 769 -24.66 3.07 21.00
C ILE B 769 -23.77 1.85 21.27
N PRO B 770 -23.21 1.21 20.24
CA PRO B 770 -22.39 0.01 20.49
C PRO B 770 -21.06 0.32 21.16
N ARG B 771 -20.46 -0.71 21.76
CA ARG B 771 -19.14 -0.65 22.37
C ARG B 771 -18.98 0.49 23.39
N LEU B 772 -19.90 0.56 24.38
CA LEU B 772 -19.82 1.56 25.45
C LEU B 772 -18.48 1.47 26.20
N VAL B 773 -17.87 0.25 26.29
CA VAL B 773 -16.54 0.07 26.90
C VAL B 773 -15.48 0.91 26.22
N ASP B 774 -15.65 1.21 24.91
CA ASP B 774 -14.74 2.01 24.10
C ASP B 774 -15.18 3.49 23.97
N VAL B 775 -16.32 3.89 24.55
CA VAL B 775 -16.76 5.29 24.60
C VAL B 775 -16.18 5.77 25.92
N ILE B 776 -14.90 6.16 25.89
CA ILE B 776 -14.05 6.40 27.04
C ILE B 776 -13.81 7.87 27.42
N CYS B 777 -13.53 8.10 28.71
CA CYS B 777 -13.18 9.40 29.25
C CYS B 777 -11.70 9.66 28.97
N ALA B 778 -11.38 10.83 28.40
CA ALA B 778 -10.00 11.28 28.22
C ALA B 778 -9.57 12.20 29.39
N SER B 779 -10.55 12.82 30.11
CA SER B 779 -10.30 13.73 31.21
C SER B 779 -11.50 13.75 32.16
N PRO B 780 -11.34 14.15 33.45
CA PRO B 780 -10.08 14.44 34.16
C PRO B 780 -9.26 13.16 34.41
N GLY B 781 -8.08 13.31 34.99
CA GLY B 781 -7.18 12.19 35.26
C GLY B 781 -7.80 11.02 35.99
N ASP B 782 -8.58 11.31 37.04
CA ASP B 782 -9.26 10.27 37.83
C ASP B 782 -10.28 9.41 37.03
N GLN B 783 -10.81 9.95 35.91
CA GLN B 783 -11.79 9.23 35.07
C GLN B 783 -11.19 8.65 33.78
N ARG B 784 -9.95 9.03 33.41
CA ARG B 784 -9.29 8.54 32.21
C ARG B 784 -9.29 6.99 32.12
N GLY B 785 -9.60 6.47 30.94
CA GLY B 785 -9.67 5.04 30.68
C GLY B 785 -11.03 4.41 30.94
N LYS B 786 -11.89 5.06 31.74
CA LYS B 786 -13.20 4.50 32.07
C LYS B 786 -14.26 4.85 31.04
N SER B 787 -15.33 4.06 30.97
CA SER B 787 -16.43 4.36 30.06
C SER B 787 -17.22 5.56 30.63
N ILE B 788 -17.84 6.35 29.74
CA ILE B 788 -18.63 7.50 30.17
C ILE B 788 -19.83 7.09 31.05
N VAL B 789 -20.30 5.83 30.91
CA VAL B 789 -21.42 5.29 31.69
C VAL B 789 -21.03 5.01 33.16
N SER B 790 -19.74 5.17 33.55
CA SER B 790 -19.26 5.01 34.94
C SER B 790 -19.25 6.40 35.64
N LEU B 791 -19.22 6.43 36.98
CA LEU B 791 -19.30 7.71 37.74
C LEU B 791 -20.73 8.27 37.60
N GLU B 792 -21.43 8.54 38.73
CA GLU B 792 -22.80 9.05 38.65
C GLU B 792 -22.81 10.53 39.00
C1 NAG C . 12.97 27.05 -19.02
C2 NAG C . 12.27 26.63 -17.72
C3 NAG C . 12.97 27.25 -16.51
C4 NAG C . 14.46 26.97 -16.53
C5 NAG C . 15.05 27.37 -17.89
C6 NAG C . 16.52 27.02 -18.04
C7 NAG C . 9.85 26.31 -17.43
C8 NAG C . 8.53 27.02 -17.32
N2 NAG C . 10.89 27.08 -17.78
O3 NAG C . 12.34 26.71 -15.34
O4 NAG C . 15.14 27.73 -15.53
O5 NAG C . 14.35 26.68 -18.93
O6 NAG C . 16.76 25.63 -17.84
O7 NAG C . 9.96 25.12 -17.20
H2 NAG C . 12.33 25.55 -17.65
H3 NAG C . 12.82 28.33 -16.51
H4 NAG C . 14.61 25.90 -16.39
H5 NAG C . 14.95 28.44 -18.03
H61 NAG C . 17.11 27.50 -17.26
H62 NAG C . 16.91 27.35 -19.00
H81 NAG C . 7.87 26.59 -16.56
H82 NAG C . 7.98 26.98 -18.25
H83 NAG C . 8.66 28.08 -17.07
HN2 NAG C . 10.74 28.01 -18.12
HO3 NAG C . 12.71 27.21 -14.58
HO6 NAG C . 16.01 25.13 -18.25
C1 NAG C . 15.27 27.15 -14.25
C2 NAG C . 16.39 27.84 -13.46
C3 NAG C . 16.53 27.12 -12.12
C4 NAG C . 15.20 27.13 -11.36
C5 NAG C . 14.10 26.57 -12.27
C6 NAG C . 12.71 26.66 -11.67
C7 NAG C . 18.56 28.73 -14.20
C8 NAG C . 19.86 28.38 -14.87
N2 NAG C . 17.64 27.76 -14.20
O3 NAG C . 17.54 27.76 -11.35
O4 NAG C . 15.29 26.27 -10.23
O5 NAG C . 14.07 27.32 -13.50
O6 NAG C . 12.39 27.99 -11.28
O7 NAG C . 18.37 29.81 -13.66
H2 NAG C . 16.11 28.88 -13.28
H3 NAG C . 16.83 26.09 -12.30
H4 NAG C . 14.97 28.17 -11.10
H5 NAG C . 14.29 25.52 -12.50
H61 NAG C . 12.68 26.10 -10.74
H62 NAG C . 11.96 26.24 -12.35
H81 NAG C . 20.58 29.21 -14.86
H82 NAG C . 19.69 28.15 -15.92
H83 NAG C . 20.34 27.53 -14.42
HN2 NAG C . 17.79 26.91 -14.73
HO3 NAG C . 17.35 27.53 -10.40
HO6 NAG C . 11.50 27.96 -10.87
C1 BMA C . 15.29 26.84 -8.95
C2 BMA C . 15.22 25.70 -7.94
C3 BMA C . 15.34 26.23 -6.51
C4 BMA C . 16.56 27.14 -6.37
C5 BMA C . 16.53 28.22 -7.45
C6 BMA C . 17.73 29.13 -7.44
O2 BMA C . 16.23 24.73 -8.20
O3 BMA C . 15.45 25.13 -5.60
O4 BMA C . 16.53 27.77 -5.10
O5 BMA C . 16.47 27.60 -8.75
O6 BMA C . 18.96 28.44 -7.63
H2 BMA C . 14.24 25.22 -8.02
H3 BMA C . 14.43 26.77 -6.26
H4 BMA C . 17.48 26.56 -6.47
H5 BMA C . 15.64 28.84 -7.32
H61 BMA C . 17.75 29.76 -6.55
H62 BMA C . 17.69 29.81 -8.29
HO2 BMA C . 15.98 24.30 -9.05
HO4 BMA C . 17.45 28.05 -4.84
C1 MAN C . 14.44 24.92 -4.62
C2 MAN C . 14.94 23.95 -3.56
C3 MAN C . 15.08 22.55 -4.13
C4 MAN C . 13.78 22.11 -4.77
C5 MAN C . 13.33 23.13 -5.81
C6 MAN C . 11.96 22.82 -6.37
O2 MAN C . 14.04 23.94 -2.46
O3 MAN C . 15.45 21.64 -3.10
O4 MAN C . 13.97 20.84 -5.39
O5 MAN C . 13.24 24.43 -5.22
O6 MAN C . 10.95 22.97 -5.38
H2 MAN C . 15.91 24.28 -3.18
H3 MAN C . 15.90 22.52 -4.85
H4 MAN C . 13.01 22.03 -4.00
H5 MAN C . 14.04 23.14 -6.64
H61 MAN C . 11.94 21.85 -6.85
H62 MAN C . 11.70 23.56 -7.13
HO2 MAN C . 14.14 23.08 -1.97
HO3 MAN C . 15.04 20.75 -3.25
HO4 MAN C . 13.09 20.40 -5.48
HO6 MAN C . 10.14 22.50 -5.72
C1 MAN C . 21.21 28.28 -8.57
C2 MAN C . 20.28 29.10 -7.67
C3 MAN C . 20.90 29.22 -6.28
C4 MAN C . 21.19 27.84 -5.71
C5 MAN C . 22.11 27.08 -6.66
C6 MAN C . 22.37 25.66 -6.23
O1 MAN C . 22.38 29.02 -8.82
O3 MAN C . 20.04 29.96 -5.41
O4 MAN C . 21.79 27.95 -4.43
O5 MAN C . 21.51 27.02 -7.97
O6 MAN C . 23.21 24.97 -7.15
H1 MAN C . 20.71 27.99 -9.49
H3 MAN C . 21.82 29.81 -6.33
H4 MAN C . 20.25 27.28 -5.64
H5 MAN C . 23.07 27.60 -6.72
H61 MAN C . 21.45 25.13 -6.03
H62 MAN C . 22.94 25.66 -5.30
HO1 MAN C . 23.06 28.39 -9.18
HO3 MAN C . 20.34 29.89 -4.47
HO4 MAN C . 21.65 27.10 -3.93
HO6 MAN C . 22.63 24.42 -7.74
C1 NAG D . 15.22 1.95 -11.83
C2 NAG D . 15.67 3.04 -10.85
C3 NAG D . 14.50 3.44 -9.93
C4 NAG D . 13.27 3.79 -10.75
C5 NAG D . 12.93 2.66 -11.70
C6 NAG D . 11.78 2.96 -12.64
C7 NAG D . 18.03 3.06 -10.14
C8 NAG D . 19.09 2.31 -9.40
N2 NAG D . 16.79 2.56 -10.06
O3 NAG D . 14.91 4.56 -9.15
O4 NAG D . 12.15 4.03 -9.89
O5 NAG D . 14.07 2.43 -12.54
O6 NAG D . 12.06 4.10 -13.45
O7 NAG D . 18.30 4.07 -10.80
H2 NAG D . 15.94 3.92 -11.43
H3 NAG D . 14.26 2.61 -9.27
H4 NAG D . 13.51 4.68 -11.34
H5 NAG D . 12.70 1.75 -11.15
H61 NAG D . 10.89 3.25 -12.09
H62 NAG D . 11.52 2.11 -13.25
H81 NAG D . 20.04 2.83 -9.45
H82 NAG D . 19.27 1.32 -9.86
H83 NAG D . 18.83 2.13 -8.36
HN2 NAG D . 16.59 1.79 -9.43
HO3 NAG D . 14.12 4.79 -8.59
HO6 NAG D . 13.03 4.11 -13.64
C1 NAG D . 11.76 5.37 -9.66
C2 NAG D . 10.30 5.39 -9.21
C3 NAG D . 9.89 6.84 -8.95
C4 NAG D . 10.86 7.52 -7.97
C5 NAG D . 12.30 7.34 -8.44
C6 NAG D . 13.33 7.84 -7.45
C7 NAG D . 8.92 3.63 -10.23
C8 NAG D . 7.95 3.31 -11.33
N2 NAG D . 9.48 4.83 -10.28
O3 NAG D . 8.58 6.85 -8.40
O4 NAG D . 10.55 8.91 -7.91
O5 NAG D . 12.57 5.95 -8.64
O6 NAG D . 13.30 7.08 -6.25
O7 NAG D . 9.19 2.81 -9.35
H2 NAG D . 10.19 4.83 -8.30
H3 NAG D . 9.89 7.40 -9.88
H4 NAG D . 10.75 7.04 -7.00
H5 NAG D . 12.44 7.88 -9.38
H61 NAG D . 13.10 8.85 -7.12
H62 NAG D . 14.33 7.86 -7.88
H81 NAG D . 7.76 2.25 -11.47
H82 NAG D . 8.30 3.68 -12.29
H83 NAG D . 6.97 3.78 -11.16
HN2 NAG D . 9.33 5.42 -11.09
HO3 NAG D . 8.41 7.79 -8.12
HO6 NAG D . 13.28 6.12 -6.49
C1 BMA D . 10.57 9.58 -6.66
C2 BMA D . 10.92 11.04 -6.88
C3 BMA D . 10.93 11.79 -5.55
C4 BMA D . 9.63 11.57 -4.78
C5 BMA D . 9.31 10.08 -4.69
C6 BMA D . 7.95 9.81 -4.09
O2 BMA D . 9.99 11.63 -7.78
O3 BMA D . 11.13 13.19 -5.77
O4 BMA D . 9.78 12.10 -3.47
O5 BMA D . 9.30 9.50 -6.01
O6 BMA D . 7.62 8.42 -4.09
H2 BMA D . 11.93 11.09 -7.30
H3 BMA D . 11.80 11.49 -4.97
H4 BMA D . 8.81 12.08 -5.29
H5 BMA D . 10.06 9.57 -4.09
H61 BMA D . 7.17 10.42 -4.55
H62 BMA D . 7.96 10.07 -3.02
HO2 BMA D . 10.25 12.58 -7.86
HO3 BMA D . 11.23 13.64 -4.88
HO4 BMA D . 8.88 12.28 -3.08
HO6 BMA D . 6.77 8.31 -3.59
C1 NAG E . 16.37 -1.13 -1.06
C2 NAG E . 15.68 0.19 -1.43
C3 NAG E . 16.75 1.22 -1.78
C4 NAG E . 17.75 1.37 -0.65
C5 NAG E . 18.36 0.00 -0.32
C6 NAG E . 19.31 0.00 0.87
C7 NAG E . 13.52 0.19 -2.65
C8 NAG E . 12.87 -0.08 -3.97
N2 NAG E . 14.83 -0.07 -2.59
O3 NAG E . 16.13 2.48 -2.04
O4 NAG E . 18.77 2.29 -1.01
O5 NAG E . 17.30 -0.90 0.01
O6 NAG E . 18.74 0.62 2.03
O7 NAG E . 12.88 0.60 -1.69
H2 NAG E . 15.10 0.56 -0.59
H3 NAG E . 17.29 0.91 -2.68
H4 NAG E . 17.18 1.70 0.22
H5 NAG E . 18.89 -0.38 -1.19
H61 NAG E . 20.18 0.63 0.65
H62 NAG E . 19.68 -1.00 1.09
H81 NAG E . 11.81 0.16 -4.00
H82 NAG E . 12.95 -1.13 -4.25
H83 NAG E . 13.35 0.49 -4.77
HN2 NAG E . 15.30 -0.47 -3.39
HO3 NAG E . 16.86 3.12 -2.24
HO6 NAG E . 19.23 0.28 2.82
C1 NAG E . 19.16 3.25 -0.05
C2 NAG E . 20.45 3.92 -0.51
C3 NAG E . 20.84 4.94 0.55
C4 NAG E . 19.70 5.92 0.81
C5 NAG E . 18.44 5.16 1.18
C6 NAG E . 17.22 6.05 1.35
C7 NAG E . 21.91 2.46 -1.84
C8 NAG E . 22.98 1.41 -1.79
N2 NAG E . 21.50 2.92 -0.66
O3 NAG E . 22.01 5.63 0.10
O4 NAG E . 20.04 6.80 1.88
O5 NAG E . 18.13 4.22 0.15
O6 NAG E . 16.10 5.32 1.80
O7 NAG E . 21.43 2.85 -2.90
H2 NAG E . 20.27 4.45 -1.44
H3 NAG E . 21.08 4.42 1.48
H4 NAG E . 19.53 6.45 -0.13
H5 NAG E . 18.60 4.62 2.12
H61 NAG E . 16.91 6.43 0.38
H62 NAG E . 17.43 6.90 2.00
H81 NAG E . 23.51 1.29 -2.73
H82 NAG E . 22.57 0.43 -1.55
H83 NAG E . 23.73 1.63 -1.03
HN2 NAG E . 21.91 2.58 0.19
HO3 NAG E . 22.01 6.50 0.56
HO6 NAG E . 16.00 4.53 1.21
C1 BMA E . 19.92 8.19 1.65
C2 BMA E . 19.79 8.90 2.98
C3 BMA E . 19.71 10.41 2.78
C4 BMA E . 20.88 10.90 1.93
C5 BMA E . 20.98 10.10 0.64
C6 BMA E . 22.20 10.43 -0.17
O2 BMA E . 20.91 8.58 3.80
O3 BMA E . 19.68 11.09 4.03
O4 BMA E . 20.67 12.27 1.62
O5 BMA E . 21.06 8.69 0.94
O6 BMA E . 23.40 10.10 0.53
H2 BMA E . 18.87 8.58 3.47
H3 BMA E . 18.75 10.67 2.31
H4 BMA E . 21.81 10.80 2.50
H5 BMA E . 20.09 10.27 0.03
H61 BMA E . 22.19 11.46 -0.53
H62 BMA E . 22.24 9.80 -1.06
HO2 BMA E . 20.81 9.13 4.62
HO3 BMA E . 20.13 11.97 3.92
HO4 BMA E . 21.54 12.70 1.39
HO6 BMA E . 23.38 9.12 0.69
C1 NAG F . -9.23 -33.78 5.18
C2 NAG F . -9.07 -32.41 5.82
C3 NAG F . -10.32 -32.02 6.61
C4 NAG F . -11.57 -32.16 5.76
C5 NAG F . -11.61 -33.56 5.13
C6 NAG F . -12.78 -33.75 4.17
C7 NAG F . -6.97 -31.49 6.75
C8 NAG F . -6.00 -31.58 7.89
N2 NAG F . -7.90 -32.44 6.70
O3 NAG F . -10.13 -30.67 7.07
O4 NAG F . -12.75 -32.02 6.56
O5 NAG F . -10.41 -33.76 4.37
O6 NAG F . -12.78 -32.78 3.13
O7 NAG F . -6.91 -30.59 5.92
H2 NAG F . -8.92 -31.68 5.02
H3 NAG F . -10.41 -32.67 7.48
H4 NAG F . -11.53 -31.41 4.97
H5 NAG F . -11.68 -34.30 5.91
H61 NAG F . -13.72 -33.58 4.67
H62 NAG F . -12.79 -34.76 3.76
H81 NAG F . -5.64 -30.61 8.23
H82 NAG F . -5.12 -32.15 7.61
H83 NAG F . -6.44 -32.08 8.76
HN2 NAG F . -7.84 -33.26 7.30
HO3 NAG F . -10.88 -30.48 7.68
HO6 NAG F . -11.83 -32.63 2.85
C1 NAG F . -13.27 -30.71 6.73
C2 NAG F . -14.73 -30.78 7.18
C3 NAG F . -15.25 -29.35 7.27
C4 NAG F . -14.39 -28.53 8.23
C5 NAG F . -12.93 -28.63 7.81
C6 NAG F . -11.97 -27.96 8.77
C7 NAG F . -16.54 -32.34 6.55
C8 NAG F . -17.34 -32.90 5.41
N2 NAG F . -15.51 -31.55 6.22
O3 NAG F . -16.61 -29.37 7.72
O4 NAG F . -14.75 -27.15 8.14
O5 NAG F . -12.54 -30.01 7.73
O6 NAG F . -12.11 -28.43 10.09
O7 NAG F . -16.83 -32.57 7.72
H2 NAG F . -14.78 -31.24 8.17
H3 NAG F . -15.22 -28.90 6.29
H4 NAG F . -14.51 -28.92 9.24
H5 NAG F . -12.78 -28.18 6.83
H61 NAG F . -12.19 -26.90 8.85
H62 NAG F . -10.93 -28.04 8.42
H81 NAG F . -18.15 -33.55 5.73
H82 NAG F . -16.71 -33.50 4.76
H83 NAG F . -17.77 -32.12 4.79
HN2 NAG F . -15.24 -31.45 5.24
HO3 NAG F . -16.78 -28.48 8.12
HO6 NAG F . -11.49 -27.92 10.67
C1 BMA F . -15.40 -26.53 9.21
C2 BMA F . -15.52 -25.05 8.91
C3 BMA F . -16.33 -24.34 9.99
C4 BMA F . -17.65 -25.05 10.24
C5 BMA F . -17.41 -26.53 10.51
C6 BMA F . -18.67 -27.35 10.69
O2 BMA F . -16.12 -24.85 7.63
O3 BMA F . -16.59 -22.99 9.60
O4 BMA F . -18.29 -24.48 11.38
O5 BMA F . -16.70 -27.10 9.40
O6 BMA F . -19.53 -27.29 9.55
H2 BMA F . -14.52 -24.62 8.93
H3 BMA F . -15.75 -24.30 10.91
H4 BMA F . -18.31 -24.94 9.37
H5 BMA F . -16.80 -26.65 11.41
H61 BMA F . -19.19 -27.08 11.61
H62 BMA F . -18.43 -28.40 10.78
HO2 BMA F . -15.44 -25.16 6.97
HO4 BMA F . -19.27 -24.65 11.34
C1 MAN F . -16.04 -21.93 10.36
C2 MAN F . -16.71 -20.61 9.98
C3 MAN F . -16.32 -20.19 8.57
C4 MAN F . -14.80 -20.12 8.45
C5 MAN F . -14.18 -21.46 8.87
C6 MAN F . -12.68 -21.41 8.92
O2 MAN F . -16.36 -19.60 10.92
O3 MAN F . -16.87 -18.92 8.26
O4 MAN F . -14.45 -19.84 7.10
O5 MAN F . -14.62 -21.82 10.18
O6 MAN F . -12.22 -20.55 9.96
H2 MAN F . -17.80 -20.74 10.02
H3 MAN F . -16.73 -20.88 7.84
H4 MAN F . -14.44 -19.34 9.11
H5 MAN F . -14.47 -22.23 8.16
H61 MAN F . -12.25 -21.16 7.96
H62 MAN F . -12.29 -22.39 9.21
HO2 MAN F . -16.48 -18.72 10.48
HO3 MAN F . -16.25 -18.38 7.70
HO4 MAN F . -13.54 -19.46 7.09
HO6 MAN F . -11.27 -20.35 9.78
C1 MAN F . -21.10 -28.35 8.00
C2 MAN F . -20.83 -27.99 9.47
C3 MAN F . -21.98 -27.16 10.01
C4 MAN F . -22.18 -25.92 9.16
C5 MAN F . -22.44 -26.34 7.71
C6 MAN F . -22.54 -25.16 6.76
O1 MAN F . -22.19 -29.22 7.93
O3 MAN F . -21.73 -26.80 11.37
O4 MAN F . -23.27 -25.15 9.65
O5 MAN F . -21.34 -27.16 7.24
O6 MAN F . -22.75 -25.57 5.42
H1 MAN F . -20.22 -28.75 7.50
H3 MAN F . -22.89 -27.76 10.04
H4 MAN F . -21.26 -25.33 9.18
H5 MAN F . -23.37 -26.89 7.65
H61 MAN F . -21.69 -24.50 6.86
H62 MAN F . -23.44 -24.58 6.99
HO1 MAN F . -22.50 -29.24 6.99
HO3 MAN F . -22.38 -26.12 11.68
HO4 MAN F . -23.17 -24.21 9.33
HO6 MAN F . -21.86 -25.56 4.96
C1 NAG G . -8.94 -13.23 -11.01
C2 NAG G . -9.97 -13.27 -9.88
C3 NAG G . -9.42 -12.57 -8.62
C4 NAG G . -8.07 -13.16 -8.24
C5 NAG G . -7.12 -13.09 -9.43
C6 NAG G . -5.78 -13.74 -9.16
C7 NAG G . -12.37 -13.26 -10.51
C8 NAG G . -13.41 -12.55 -11.33
N2 NAG G . -11.20 -12.61 -10.33
O3 NAG G . -10.33 -12.75 -7.56
O4 NAG G . -7.49 -12.44 -7.16
O5 NAG G . -7.71 -13.81 -10.52
O6 NAG G . -5.89 -15.14 -8.94
O7 NAG G . -12.58 -14.38 -10.05
H2 NAG G . -10.16 -14.31 -9.62
H3 NAG G . -9.31 -11.51 -8.82
H4 NAG G . -8.23 -14.21 -7.99
H5 NAG G . -6.97 -12.06 -9.72
H61 NAG G . -5.34 -13.36 -8.24
H62 NAG G . -5.07 -13.52 -9.96
H81 NAG G . -14.35 -12.38 -10.81
H82 NAG G . -13.65 -13.10 -12.22
H83 NAG G . -13.06 -11.56 -11.65
HN2 NAG G . -11.13 -11.62 -10.50
HO3 NAG G . -9.88 -12.39 -6.75
HO6 NAG G . -6.66 -15.47 -9.48
C1 NAG G . -7.50 -13.03 -5.88
C2 NAG G . -6.40 -12.41 -5.01
C3 NAG G . -6.46 -13.02 -3.61
C4 NAG G . -7.86 -12.91 -3.01
C5 NAG G . -8.90 -13.45 -3.99
C6 NAG G . -10.33 -13.23 -3.54
C7 NAG G . -4.38 -11.77 -6.26
C8 NAG G . -2.99 -12.20 -6.66
N2 NAG G . -5.11 -12.69 -5.62
O3 NAG G . -5.53 -12.35 -2.78
O4 NAG G . -7.90 -13.68 -1.81
O5 NAG G . -8.76 -12.79 -5.26
O6 NAG G . -10.65 -11.84 -3.49
O7 NAG G . -4.81 -10.65 -6.53
H2 NAG G . -6.57 -11.34 -4.92
H3 NAG G . -6.18 -14.08 -3.68
H4 NAG G . -8.06 -11.86 -2.83
H5 NAG G . -8.75 -14.52 -4.13
H61 NAG G . -10.46 -13.56 -2.51
H62 NAG G . -11.04 -13.77 -4.17
H81 NAG G . -2.55 -11.59 -7.46
H82 NAG G . -2.98 -13.22 -7.03
H83 NAG G . -2.31 -12.17 -5.82
HN2 NAG G . -4.77 -13.64 -5.54
HO3 NAG G . -5.67 -12.70 -1.85
HO6 NAG G . -10.32 -11.41 -4.32
C1 BMA G . -8.57 -13.15 -0.67
C2 BMA G . -9.11 -14.31 0.16
C3 BMA G . -9.83 -13.77 1.40
C4 BMA G . -8.95 -12.80 2.17
C5 BMA G . -8.38 -11.72 1.23
C6 BMA G . -7.36 -10.83 1.91
O2 BMA G . -8.04 -15.16 0.55
O3 BMA G . -10.23 -14.85 2.25
O4 BMA G . -9.73 -12.15 3.18
O5 BMA G . -7.71 -12.35 0.13
O6 BMA G . -6.77 -9.90 1.01
H2 BMA G . -9.84 -14.86 -0.43
H3 BMA G . -10.78 -13.32 1.11
H4 BMA G . -8.12 -13.33 2.64
H5 BMA G . -9.18 -11.10 0.84
H61 BMA G . -6.62 -11.41 2.46
H62 BMA G . -7.86 -10.19 2.64
HO2 BMA G . -8.44 -15.87 1.10
HO3 BMA G . -10.77 -14.47 3.00
HO4 BMA G . -9.13 -11.80 3.89
HO6 BMA G . -6.20 -9.28 1.53
C1 NAG H . -13.86 -3.52 -8.29
C2 NAG H . -13.37 -4.51 -7.23
C3 NAG H . -14.38 -5.64 -7.05
C4 NAG H . -15.76 -5.07 -6.75
C5 NAG H . -16.16 -4.08 -7.85
C6 NAG H . -17.50 -3.42 -7.61
C7 NAG H . -10.97 -5.00 -6.92
C8 NAG H . -9.75 -5.67 -7.49
N2 NAG H . -12.08 -5.06 -7.65
O3 NAG H . -13.99 -6.50 -6.00
O4 NAG H . -16.69 -6.15 -6.70
O5 NAG H . -15.18 -3.03 -7.91
O6 NAG H . -17.59 -2.77 -6.35
O7 NAG H . -10.94 -4.44 -5.83
H2 NAG H . -13.28 -4.01 -6.28
H3 NAG H . -14.44 -6.22 -7.98
H4 NAG H . -15.68 -4.53 -5.81
H5 NAG H . -16.19 -4.60 -8.81
H61 NAG H . -18.29 -4.18 -7.56
H62 NAG H . -17.76 -2.74 -8.43
H81 NAG H . -8.86 -5.56 -6.88
H82 NAG H . -9.51 -5.27 -8.47
H83 NAG H . -9.93 -6.74 -7.63
HN2 NAG H . -12.07 -5.52 -8.56
HO3 NAG H . -14.72 -7.15 -5.89
HO6 NAG H . -18.46 -2.29 -6.31
C1 NAG H . -17.62 -6.13 -5.66
C2 NAG H . -18.71 -7.15 -5.94
C3 NAG H . -19.71 -7.09 -4.78
C4 NAG H . -19.01 -7.30 -3.44
C5 NAG H . -17.88 -6.28 -3.29
C6 NAG H . -17.05 -6.48 -2.05
C7 NAG H . -19.15 -7.53 -8.32
C8 NAG H . -19.89 -7.06 -9.54
N2 NAG H . -19.37 -6.86 -7.20
O3 NAG H . -20.70 -8.09 -4.98
O4 NAG H . -19.92 -7.13 -2.37
O5 NAG H . -16.99 -6.40 -4.40
O6 NAG H . -16.08 -5.45 -1.89
O7 NAG H . -18.36 -8.48 -8.38
H2 NAG H . -18.28 -8.17 -5.94
H3 NAG H . -20.20 -6.11 -4.78
H4 NAG H . -18.57 -8.30 -3.46
H5 NAG H . -18.29 -5.27 -3.27
H61 NAG H . -16.45 -7.39 -2.14
H62 NAG H . -17.65 -6.59 -1.15
H81 NAG H . -19.95 -7.80 -10.34
H82 NAG H . -19.42 -6.18 -9.97
H83 NAG H . -20.91 -6.77 -9.29
HN2 NAG H . -20.03 -6.08 -7.19
HO3 NAG H . -21.08 -8.30 -4.09
HO6 NAG H . -15.58 -5.37 -2.74
C1 BMA H . -20.01 -8.16 -1.41
C2 BMA H . -20.58 -7.59 -0.11
C3 BMA H . -20.72 -8.68 0.93
C4 BMA H . -21.54 -9.84 0.37
C5 BMA H . -20.94 -10.31 -0.95
C6 BMA H . -21.78 -11.38 -1.63
O2 BMA H . -21.84 -6.98 -0.39
O3 BMA H . -21.33 -8.18 2.11
O4 BMA H . -21.51 -10.92 1.30
O5 BMA H . -20.84 -9.21 -1.86
O6 BMA H . -23.05 -10.85 -1.99
H2 BMA H . -19.88 -6.83 0.28
H3 BMA H . -19.75 -9.01 1.27
H4 BMA H . -22.58 -9.52 0.22
H5 BMA H . -19.94 -10.71 -0.78
H61 BMA H . -21.85 -12.28 -1.04
H62 BMA H . -21.33 -11.64 -2.58
HO2 BMA H . -22.19 -6.70 0.50
HO3 BMA H . -21.89 -8.89 2.52
HO4 BMA H . -22.29 -11.51 1.15
HO6 BMA H . -22.90 -10.12 -2.64
C1 NAG I . 20.25 42.16 17.74
C2 NAG I . 19.71 42.66 19.08
C3 NAG I . 20.90 42.90 19.99
C4 NAG I . 21.70 41.61 20.18
C5 NAG I . 22.10 41.04 18.81
C6 NAG I . 22.72 39.67 18.91
C7 NAG I . 17.60 43.93 18.80
C8 NAG I . 17.00 45.30 18.70
N2 NAG I . 18.94 43.88 18.93
O3 NAG I . 20.46 43.38 21.25
O4 NAG I . 22.87 41.88 20.93
O5 NAG I . 20.94 40.94 17.96
O6 NAG I . 23.07 39.16 17.63
O7 NAG I . 16.91 42.92 18.77
H2 NAG I . 19.10 41.89 19.55
H3 NAG I . 21.56 43.65 19.54
H4 NAG I . 21.06 40.89 20.68
H5 NAG I . 22.81 41.72 18.33
H61 NAG I . 22.00 38.95 19.29
H62 NAG I . 23.58 39.66 19.58
H81 NAG I . 15.91 45.30 18.71
H82 NAG I . 17.30 45.80 17.78
H83 NAG I . 17.33 45.94 19.53
HN2 NAG I . 19.47 44.75 18.94
HO3 NAG I . 21.25 43.36 21.85
HO4 NAG I . 23.16 41.02 21.35
HO6 NAG I . 23.68 39.80 17.19
C1 NAG J . -7.40 44.40 7.26
C2 NAG J . -8.82 44.73 6.77
C3 NAG J . -9.24 46.09 7.33
C4 NAG J . -9.10 46.13 8.84
C5 NAG J . -7.68 45.70 9.24
C6 NAG J . -7.49 45.58 10.73
C7 NAG J . -9.77 44.05 4.59
C8 NAG J . -9.76 44.29 3.12
N2 NAG J . -8.88 44.75 5.31
O3 NAG J . -10.60 46.35 6.97
O4 NAG J . -9.32 47.46 9.31
O5 NAG J . -7.45 44.42 8.69
O6 NAG J . -6.26 44.92 11.02
O7 NAG J . -10.55 43.26 5.11
H2 NAG J . -9.51 44.00 7.17
H3 NAG J . -8.59 46.87 6.89
H4 NAG J . -9.81 45.44 9.26
H5 NAG J . -6.96 46.41 8.84
H61 NAG J . -8.24 44.91 11.16
H62 NAG J . -7.56 46.54 11.23
H81 NAG J . -10.32 43.54 2.54
H82 NAG J . -8.74 44.26 2.73
H83 NAG J . -10.17 45.27 2.85
HN2 NAG J . -8.20 45.35 4.84
HO3 NAG J . -10.75 47.32 7.11
HO4 NAG J . -9.59 47.40 10.26
HO6 NAG J . -5.63 45.10 10.28
C1 NAG K . 26.72 43.97 -16.13
C2 NAG K . 26.44 45.12 -15.17
C3 NAG K . 27.81 45.69 -14.78
C4 NAG K . 28.62 44.62 -14.07
C5 NAG K . 28.70 43.36 -14.93
C6 NAG K . 29.31 42.19 -14.21
C7 NAG K . 24.58 46.73 -15.17
C8 NAG K . 23.85 47.79 -15.95
N2 NAG K . 25.62 46.15 -15.79
O3 NAG K . 27.63 46.82 -13.94
O4 NAG K . 29.93 45.11 -13.81
O5 NAG K . 27.39 42.96 -15.35
O6 NAG K . 29.19 40.97 -14.95
O7 NAG K . 24.25 46.43 -14.03
H2 NAG K . 25.98 44.73 -14.28
H3 NAG K . 28.34 45.99 -15.68
H4 NAG K . 28.11 44.37 -13.13
H5 NAG K . 29.31 43.57 -15.82
H61 NAG K . 28.77 41.99 -13.28
H62 NAG K . 30.35 42.38 -13.94
H81 NAG K . 23.10 48.32 -15.38
H82 NAG K . 23.34 47.36 -16.81
H83 NAG K . 24.55 48.53 -16.35
HN2 NAG K . 25.86 46.42 -16.74
HO3 NAG K . 28.55 47.15 -13.74
HO4 NAG K . 30.31 44.59 -13.05
HO6 NAG K . 29.42 41.18 -15.90
C1 NAG L . 35.24 18.24 -22.92
C2 NAG L . 35.64 19.59 -23.51
C3 NAG L . 37.00 19.97 -22.92
C4 NAG L . 36.96 19.96 -21.39
C5 NAG L . 36.46 18.61 -20.90
C6 NAG L . 36.29 18.53 -19.41
C7 NAG L . 34.96 20.10 -25.83
C8 NAG L . 35.19 19.78 -27.28
N2 NAG L . 35.74 19.45 -24.95
O3 NAG L . 37.33 21.29 -23.37
O4 NAG L . 38.28 20.19 -20.90
O5 NAG L . 35.18 18.33 -21.49
O6 NAG L . 35.52 19.62 -18.90
O7 NAG L . 34.11 20.91 -25.47
H2 NAG L . 34.91 20.35 -23.22
H3 NAG L . 37.75 19.28 -23.27
H4 NAG L . 36.28 20.75 -21.07
H5 NAG L . 37.17 17.83 -21.20
H61 NAG L . 37.26 18.65 -18.90
H62 NAG L . 35.89 17.56 -19.10
H81 NAG L . 34.47 20.24 -27.96
H82 NAG L . 35.12 18.71 -27.45
H83 NAG L . 36.18 20.08 -27.60
HN2 NAG L . 36.45 18.82 -25.29
HO3 NAG L . 38.09 21.58 -22.81
HO4 NAG L . 38.17 20.48 -19.96
HO6 NAG L . 34.84 19.28 -18.26
C1 NAG M . 32.11 4.30 -35.22
C2 NAG M . 31.61 4.25 -36.66
C3 NAG M . 32.57 5.07 -37.52
C4 NAG M . 32.67 6.50 -37.00
C5 NAG M . 33.09 6.47 -35.52
C6 NAG M . 33.08 7.85 -34.88
C7 NAG M . 30.46 2.08 -36.96
C8 NAG M . 30.58 0.70 -37.53
N2 NAG M . 31.51 2.89 -37.16
O3 NAG M . 32.14 5.06 -38.87
O4 NAG M . 33.65 7.20 -37.75
O5 NAG M . 32.18 5.66 -34.77
O6 NAG M . 33.73 7.85 -33.62
O7 NAG M . 29.48 2.44 -36.32
H2 NAG M . 30.63 4.74 -36.72
H3 NAG M . 33.56 4.61 -37.47
H4 NAG M . 31.70 6.96 -37.08
H5 NAG M . 34.09 6.05 -35.45
H61 NAG M . 32.06 8.14 -34.64
H62 NAG M . 33.49 8.61 -35.54
H81 NAG M . 29.66 0.12 -37.45
H82 NAG M . 31.35 0.12 -37.01
H83 NAG M . 30.87 0.72 -38.58
HN2 NAG M . 32.31 2.56 -37.71
HO3 NAG M . 31.25 5.48 -38.88
HO4 NAG M . 33.45 8.18 -37.67
HO6 NAG M . 33.68 6.93 -33.25
C1 NAG N . 20.84 -24.02 -12.09
C2 NAG N . 20.77 -25.55 -12.00
C3 NAG N . 21.87 -26.20 -12.83
C4 NAG N . 21.84 -25.67 -14.25
C5 NAG N . 21.88 -24.14 -14.24
C6 NAG N . 21.80 -23.52 -15.62
C7 NAG N . 19.92 -26.69 -9.98
C8 NAG N . 20.28 -27.21 -8.62
N2 NAG N . 20.87 -25.98 -10.61
O3 NAG N . 21.67 -27.60 -12.84
O4 NAG N . 22.98 -26.17 -14.96
O5 NAG N . 20.77 -23.65 -13.47
O6 NAG N . 20.55 -23.79 -16.25
O7 NAG N . 18.82 -26.90 -10.48
H2 NAG N . 19.81 -25.86 -12.41
H3 NAG N . 22.84 -25.97 -12.39
H4 NAG N . 20.92 -25.99 -14.73
H5 NAG N . 22.81 -23.80 -13.78
H61 NAG N . 22.51 -23.99 -16.30
H62 NAG N . 22.02 -22.46 -15.62
H81 NAG N . 19.65 -28.02 -8.28
H82 NAG N . 20.21 -26.43 -7.87
H83 NAG N . 21.31 -27.57 -8.60
HN2 NAG N . 21.73 -25.72 -10.12
HO3 NAG N . 22.42 -27.98 -13.36
HO4 NAG N . 22.76 -26.16 -15.93
HO6 NAG N . 19.84 -23.73 -15.55
C1 NAG O . 28.58 -20.93 -4.74
C2 NAG O . 29.37 -21.73 -5.77
C3 NAG O . 29.22 -23.20 -5.37
C4 NAG O . 29.82 -23.42 -4.00
C5 NAG O . 29.20 -22.47 -2.98
C6 NAG O . 29.96 -22.48 -1.66
C7 NAG O . 29.37 -20.56 -7.93
C8 NAG O . 28.83 -20.53 -9.32
N2 NAG O . 28.90 -21.52 -7.12
O3 NAG O . 29.90 -24.02 -6.33
O4 NAG O . 29.59 -24.77 -3.59
O5 NAG O . 29.21 -21.11 -3.46
O6 NAG O . 29.22 -21.89 -0.61
O7 NAG O . 30.22 -19.75 -7.54
H2 NAG O . 30.43 -21.49 -5.69
H3 NAG O . 28.17 -23.47 -5.35
H4 NAG O . 30.89 -23.22 -4.06
H5 NAG O . 28.17 -22.77 -2.80
H61 NAG O . 30.84 -21.84 -1.74
H62 NAG O . 30.30 -23.47 -1.39
H81 NAG O . 29.41 -19.92 -10.01
H82 NAG O . 27.82 -20.11 -9.33
H83 NAG O . 28.76 -21.52 -9.75
HN2 NAG O . 28.17 -22.15 -7.45
HO3 NAG O . 29.64 -24.96 -6.12
HO4 NAG O . 30.27 -25.01 -2.92
HO6 NAG O . 28.87 -21.02 -0.93
C1 NAG P . 32.83 -6.24 5.98
C2 NAG P . 33.70 -6.85 4.87
C3 NAG P . 34.82 -5.86 4.55
C4 NAG P . 34.25 -4.49 4.19
C5 NAG P . 33.40 -3.99 5.34
C6 NAG P . 32.71 -2.67 5.05
C7 NAG P . 34.36 -9.21 4.48
C8 NAG P . 34.99 -10.43 5.09
N2 NAG P . 34.26 -8.13 5.28
O3 NAG P . 35.61 -6.35 3.47
O4 NAG P . 35.30 -3.56 3.94
O5 NAG P . 32.36 -4.95 5.58
O6 NAG P . 31.93 -2.74 3.86
O7 NAG P . 33.94 -9.19 3.33
H2 NAG P . 33.09 -6.97 3.98
H3 NAG P . 35.45 -5.75 5.43
H4 NAG P . 33.63 -4.64 3.30
H5 NAG P . 34.00 -3.90 6.24
H61 NAG P . 33.45 -1.90 4.84
H62 NAG P . 32.13 -2.34 5.91
H81 NAG P . 35.01 -11.29 4.42
H82 NAG P . 34.44 -10.75 5.97
H83 NAG P . 36.01 -10.23 5.41
HN2 NAG P . 34.59 -8.18 6.24
HO3 NAG P . 36.33 -5.68 3.41
HO4 NAG P . 34.94 -2.86 3.33
HO6 NAG P . 31.15 -2.14 3.96
C1 NAG Q . 14.69 -13.00 27.79
C2 NAG Q . 13.60 -13.32 28.82
C3 NAG Q . 14.18 -14.32 29.82
C4 NAG Q . 14.67 -15.58 29.10
C5 NAG Q . 15.63 -15.21 27.98
C6 NAG Q . 15.98 -16.39 27.10
C7 NAG Q . 11.92 -11.77 29.73
C8 NAG Q . 11.71 -10.43 30.40
N2 NAG Q . 13.20 -12.10 29.51
O3 NAG Q . 13.17 -14.68 30.77
O4 NAG Q . 15.34 -16.43 30.03
O5 NAG Q . 15.04 -14.23 27.13
O6 NAG Q . 16.96 -16.05 26.14
O7 NAG Q . 10.99 -12.49 29.41
H2 NAG Q . 12.75 -13.79 28.32
H3 NAG Q . 15.02 -13.86 30.34
H4 NAG Q . 13.80 -16.08 28.67
H5 NAG Q . 16.55 -14.81 28.40
H61 NAG Q . 15.12 -16.68 26.50
H62 NAG Q . 16.28 -17.27 27.67
H81 NAG Q . 10.67 -10.11 30.37
H82 NAG Q . 12.29 -9.66 29.90
H83 NAG Q . 12.02 -10.45 31.43
HN2 NAG Q . 13.95 -11.50 29.82
HO3 NAG Q . 13.64 -15.21 31.46
HO4 NAG Q . 15.32 -17.36 29.67
HO6 NAG Q . 17.19 -16.87 25.63
S SO4 R . -3.64 -13.61 5.50
O1 SO4 R . -4.62 -14.57 5.03
O2 SO4 R . -2.29 -14.15 5.32
O3 SO4 R . -3.77 -12.35 4.74
O4 SO4 R . -3.86 -13.33 6.92
S SO4 S . 4.18 19.53 -19.21
O1 SO4 S . 4.93 18.36 -18.67
O2 SO4 S . 5.14 20.42 -19.74
O3 SO4 S . 3.31 19.15 -20.30
O4 SO4 S . 3.44 20.19 -18.12
N1 A1BLN T . 9.55 -24.73 -13.57
N3 A1BLN T . 9.50 -24.42 -8.98
C4 A1BLN T . 9.81 -23.56 -13.02
C5 A1BLN T . 12.27 -28.61 -13.66
C6 A1BLN T . 10.07 -27.96 -12.82
C7 A1BLN T . 9.78 -23.63 -11.56
C8 A1BLN T . 9.48 -24.98 -11.32
C10 A1BLN T . 9.38 -25.35 -9.93
C13 A1BLN T . 17.64 -25.99 -13.92
C15 A1BLN T . 16.50 -26.28 -12.96
C17 A1BLN T . 8.69 -30.60 -10.72
C20 A1BLN T . 6.56 -27.71 -8.41
C21 A1BLN T . 7.57 -26.81 -7.73
C22 A1BLN T . 9.52 -28.45 -7.90
C24 A1BLN T . 9.03 -27.02 -8.14
C1 A1BLN T . 12.19 -29.77 -12.91
C2 A1BLN T . 11.08 -30.04 -12.11
C3 A1BLN T . 11.19 -27.72 -13.61
C9 A1BLN T . 10.03 -29.14 -12.06
C11 A1BLN T . 9.76 -23.15 -9.34
C12 A1BLN T . 16.06 -26.87 -15.24
C14 A1BLN T . 15.32 -26.67 -13.92
C16 A1BLN T . 5.10 -27.26 -8.14
C18 A1BLN T . 8.92 -26.98 -12.81
C19 A1BLN T . 13.51 -28.28 -14.44
C23 A1BLN T . 10.99 -28.64 -8.20
N2 A1BLN T . 9.92 -22.70 -10.61
N4 A1BLN T . 9.34 -25.60 -12.53
N5 A1BLN T . 9.83 -22.24 -8.36
N6 A1BLN T . 9.22 -26.64 -9.54
N7 A1BLN T . 14.60 -27.91 -13.53
O1 A1BLN T . 17.06 -25.88 -15.21
O2 A1BLN T . 16.22 -25.12 -12.17
O3 A1BLN T . 11.37 -30.00 -8.11
O4 A1BLN T . 8.89 -29.32 -11.33
H4 A1BLN T . 10.01 -22.67 -13.60
H8 A1BLN T . 18.38 -26.79 -13.94
H7 A1BLN T . 18.16 -25.04 -13.75
H10 A1BLN T . 16.78 -27.10 -12.29
H14 A1BLN T . 7.74 -30.48 -10.22
H15 A1BLN T . 9.46 -30.85 -9.99
H16 A1BLN T . 8.61 -31.40 -11.45
H22 A1BLN T . 6.68 -28.74 -8.10
H21 A1BLN T . 6.72 -27.72 -9.49
H23 A1BLN T . 7.32 -25.77 -7.97
H24 A1BLN T . 7.45 -26.90 -6.65
H26 A1BLN T . 9.32 -28.74 -6.87
H25 A1BLN T . 8.93 -29.15 -8.48
H29 A1BLN T . 9.64 -26.39 -7.50
H1 A1BLN T . 13.00 -30.49 -12.94
H2 A1BLN T . 11.11 -30.97 -11.54
H3 A1BLN T . 11.23 -26.81 -14.21
H5 A1BLN T . 15.48 -26.73 -16.15
H6 A1BLN T . 16.53 -27.85 -15.31
H9 A1BLN T . 14.61 -25.85 -14.04
H11 A1BLN T . 4.84 -27.34 -7.08
H13 A1BLN T . 4.38 -27.89 -8.68
H12 A1BLN T . 4.91 -26.24 -8.43
H17 A1BLN T . 8.16 -27.23 -12.08
H18 A1BLN T . 8.43 -26.98 -13.78
H19 A1BLN T . 13.74 -29.12 -15.08
H20 A1BLN T . 13.31 -27.45 -15.12
H27 A1BLN T . 11.27 -28.25 -9.18
H28 A1BLN T . 11.64 -28.16 -7.48
H31 A1BLN T . 9.71 -22.50 -7.39
H30 A1BLN T . 10.00 -21.26 -8.56
H32 A1BLN T . 9.24 -27.39 -10.22
H33 A1BLN T . 14.36 -27.96 -12.55
H34 A1BLN T . 17.03 -24.95 -11.63
H35 A1BLN T . 12.33 -30.06 -8.36
C1 NAG U . -34.10 -17.05 32.33
C2 NAG U . -34.29 -16.25 33.63
C3 NAG U . -35.78 -15.97 33.76
C4 NAG U . -36.27 -15.17 32.55
C5 NAG U . -35.94 -15.91 31.26
C6 NAG U . -36.23 -15.09 30.02
C7 NAG U . -32.59 -16.85 35.32
C8 NAG U . -32.32 -17.67 36.55
N2 NAG U . -33.82 -16.99 34.79
O3 NAG U . -36.02 -15.23 34.95
O4 NAG U . -37.69 -14.99 32.64
O5 NAG U . -34.54 -16.25 31.23
O6 NAG U . -35.89 -15.79 28.83
O7 NAG U . -31.75 -16.10 34.84
H2 NAG U . -33.78 -15.30 33.54
H3 NAG U . -36.34 -16.90 33.81
H4 NAG U . -35.76 -14.20 32.55
H5 NAG U . -36.52 -16.83 31.21
H61 NAG U . -35.59 -14.21 30.00
H62 NAG U . -37.26 -14.75 30.00
H81 NAG U . -31.35 -17.45 37.01
H82 NAG U . -32.31 -18.73 36.31
H83 NAG U . -33.08 -17.53 37.31
HN2 NAG U . -34.48 -17.64 35.20
HO3 NAG U . -36.95 -14.92 34.91
HO4 NAG U . -37.93 -14.20 32.10
HO6 NAG U . -36.39 -16.65 28.82
C1 NAG V . -5.80 -20.92 40.33
C2 NAG V . -4.41 -21.23 40.91
C3 NAG V . -4.57 -21.62 42.39
C4 NAG V . -5.32 -20.53 43.15
C5 NAG V . -6.63 -20.22 42.46
C6 NAG V . -7.40 -19.06 43.05
C7 NAG V . -2.53 -22.23 39.67
C8 NAG V . -1.99 -23.49 39.06
N2 NAG V . -3.77 -22.32 40.19
O3 NAG V . -3.28 -21.80 42.96
O4 NAG V . -5.60 -20.99 44.47
O5 NAG V . -6.34 -19.86 41.10
O6 NAG V . -8.48 -18.66 42.21
O7 NAG V . -1.89 -21.19 39.69
H2 NAG V . -3.81 -20.33 40.88
H3 NAG V . -5.13 -22.54 42.46
H4 NAG V . -4.71 -19.63 43.17
H5 NAG V . -7.28 -21.10 42.46
H61 NAG V . -6.76 -18.18 43.10
H62 NAG V . -7.74 -19.28 44.06
H81 NAG V . -1.10 -23.33 38.45
H82 NAG V . -2.72 -23.96 38.41
H83 NAG V . -1.72 -24.23 39.82
HN2 NAG V . -4.30 -23.17 40.10
HO3 NAG V . -3.41 -22.27 43.83
HO4 NAG V . -5.74 -20.18 45.05
HO6 NAG V . -8.76 -19.44 41.68
C1 NAG W . -26.17 -45.02 13.60
C2 NAG W . -26.58 -44.96 15.08
C3 NAG W . -28.06 -45.32 15.10
C4 NAG W . -28.87 -44.28 14.32
C5 NAG W . -28.31 -44.15 12.91
C6 NAG W . -28.90 -42.99 12.15
C7 NAG W . -25.27 -45.57 17.07
C8 NAG W . -24.53 -46.67 17.77
N2 NAG W . -25.80 -45.89 15.89
O3 NAG W . -28.51 -45.38 16.46
O4 NAG W . -30.23 -44.68 14.26
O5 NAG W . -26.88 -43.94 12.97
O6 NAG W . -28.22 -42.76 10.91
O7 NAG W . -25.39 -44.45 17.57
H2 NAG W . -26.47 -43.94 15.44
H3 NAG W . -28.21 -46.29 14.64
H4 NAG W . -28.76 -43.32 14.84
H5 NAG W . -28.50 -45.06 12.36
H61 NAG W . -28.76 -42.06 12.70
H62 NAG W . -29.97 -43.12 11.99
H81 NAG W . -24.22 -46.41 18.79
H82 NAG W . -23.62 -46.93 17.24
H83 NAG W . -25.13 -47.58 17.84
HN2 NAG W . -25.69 -46.82 15.50
HO3 NAG W . -29.48 -45.62 16.42
HO4 NAG W . -30.77 -43.88 14.10
HO6 NAG W . -28.05 -43.64 10.49
C1 NAG X . -25.40 -35.90 -12.87
C2 NAG X . -25.78 -37.27 -12.32
C3 NAG X . -27.31 -37.36 -12.31
C4 NAG X . -27.91 -36.20 -11.54
C5 NAG X . -27.40 -34.87 -12.10
C6 NAG X . -27.87 -33.66 -11.31
C7 NAG X . -24.31 -39.18 -12.82
C8 NAG X . -23.83 -40.12 -13.89
N2 NAG X . -25.22 -38.29 -13.19
O3 NAG X . -27.69 -38.59 -11.70
O4 NAG X . -29.34 -36.25 -11.69
O5 NAG X . -25.96 -34.86 -12.05
O6 NAG X . -27.63 -33.82 -9.91
O7 NAG X . -23.90 -39.25 -11.67
H2 NAG X . -25.43 -37.37 -11.29
H3 NAG X . -27.68 -37.34 -13.34
H4 NAG X . -27.62 -36.30 -10.49
H5 NAG X . -27.73 -34.76 -13.13
H61 NAG X . -28.96 -33.57 -11.38
H62 NAG X . -27.44 -32.75 -11.72
H81 NAG X . -23.02 -40.77 -13.57
H82 NAG X . -23.47 -39.57 -14.76
H83 NAG X . -24.64 -40.76 -14.24
HN2 NAG X . -25.58 -38.29 -14.14
HO3 NAG X . -28.66 -38.51 -11.52
HO4 NAG X . -29.70 -35.70 -10.96
HO6 NAG X . -27.23 -32.98 -9.54
C1 NAG Y . -14.49 -35.80 -28.25
C2 NAG Y . -13.43 -36.76 -28.80
C3 NAG Y . -14.11 -38.11 -29.03
C4 NAG Y . -14.72 -38.64 -27.74
C5 NAG Y . -15.70 -37.60 -27.19
C6 NAG Y . -16.25 -37.98 -25.81
C7 NAG Y . -11.85 -35.39 -30.10
C8 NAG Y . -11.41 -34.98 -31.48
N2 NAG Y . -12.86 -36.27 -30.04
O3 NAG Y . -13.16 -39.04 -29.54
O4 NAG Y . -15.42 -39.85 -28.00
O5 NAG Y . -15.04 -36.34 -27.04
O6 NAG Y . -17.36 -37.15 -25.45
O7 NAG Y . -11.33 -34.94 -29.10
H2 NAG Y . -12.65 -36.91 -28.06
H3 NAG Y . -14.90 -38.00 -29.76
H4 NAG Y . -13.92 -38.79 -27.02
H5 NAG Y . -16.52 -37.49 -27.89
H61 NAG Y . -15.52 -37.76 -25.05
H62 NAG Y . -16.50 -39.03 -25.75
H81 NAG Y . -10.50 -34.38 -31.50
H82 NAG Y . -12.19 -34.40 -31.98
H83 NAG Y . -11.23 -35.85 -32.12
HN2 NAG Y . -13.27 -36.64 -30.90
HO3 NAG Y . -12.45 -39.13 -28.85
HO4 NAG Y . -15.48 -40.35 -27.15
HO6 NAG Y . -17.28 -36.30 -25.94
C1 NAG Z . -8.42 1.66 -32.99
C2 NAG Z . -8.09 2.71 -34.06
C3 NAG Z . -8.59 2.26 -35.43
C4 NAG Z . -8.05 0.87 -35.76
C5 NAG Z . -8.40 -0.09 -34.62
C6 NAG Z . -7.86 -1.49 -34.83
C7 NAG Z . -7.97 5.12 -33.53
C8 NAG Z . -8.77 6.38 -33.38
N2 NAG Z . -8.68 4.00 -33.73
O3 NAG Z . -8.13 3.19 -36.41
O4 NAG Z . -8.65 0.42 -36.97
O5 NAG Z . -7.85 0.41 -33.39
O6 NAG Z . -6.44 -1.52 -34.82
O7 NAG Z . -6.74 5.11 -33.48
H2 NAG Z . -7.01 2.82 -34.11
H3 NAG Z . -9.67 2.25 -35.45
H4 NAG Z . -6.97 0.93 -35.85
H5 NAG Z . -9.48 -0.15 -34.52
H61 NAG Z . -8.12 -1.85 -35.82
H62 NAG Z . -8.29 -2.20 -34.11
H81 NAG Z . -8.19 7.29 -33.56
H82 NAG Z . -9.17 6.47 -32.37
H83 NAG Z . -9.61 6.41 -34.06
HN2 NAG Z . -9.69 4.02 -33.63
HO3 NAG Z . -8.47 2.87 -37.29
HO4 NAG Z . -8.06 -0.27 -37.37
HO6 NAG Z . -6.13 -0.88 -34.12
C1 NAG AA . -18.99 3.62 -30.11
C2 NAG AA . -19.08 3.19 -31.58
C3 NAG AA . -18.79 4.45 -32.41
C4 NAG AA . -19.86 5.49 -32.13
C5 NAG AA . -19.94 5.78 -30.63
C6 NAG AA . -21.16 6.62 -30.28
C7 NAG AA . -18.44 0.83 -31.82
C8 NAG AA . -17.38 -0.12 -32.27
N2 NAG AA . -18.15 2.13 -31.93
O3 NAG AA . -18.81 4.11 -33.79
O4 NAG AA . -19.52 6.69 -32.82
O5 NAG AA . -20.03 4.56 -29.87
O6 NAG AA . -21.08 7.18 -28.98
O7 NAG AA . -19.52 0.44 -31.38
H2 NAG AA . -20.10 2.88 -31.81
H3 NAG AA . -17.82 4.84 -32.15
H4 NAG AA . -20.81 5.10 -32.47
H5 NAG AA . -19.04 6.31 -30.31
H61 NAG AA . -22.04 5.98 -30.22
H62 NAG AA . -21.36 7.37 -31.03
H81 NAG AA . -17.72 -1.14 -32.41
H82 NAG AA . -16.57 -0.18 -31.55
H83 NAG AA . -16.92 0.20 -33.21
HN2 NAG AA . -17.23 2.43 -32.26
HO3 NAG AA . -18.48 4.92 -34.28
HO4 NAG AA . -20.36 7.21 -32.94
HO6 NAG AA . -20.82 6.46 -28.35
C1 NAG BA . -30.26 1.46 -15.39
C2 NAG BA . -30.44 0.85 -16.78
C3 NAG BA . -31.50 -0.27 -16.68
C4 NAG BA . -31.10 -1.29 -15.63
C5 NAG BA . -30.95 -0.57 -14.29
C6 NAG BA . -30.50 -1.47 -13.17
C7 NAG BA . -30.40 1.90 -19.02
C8 NAG BA . -30.96 3.00 -19.87
N2 NAG BA . -30.86 1.84 -17.75
O3 NAG BA . -31.66 -0.90 -17.94
O4 NAG BA . -32.10 -2.30 -15.52
O5 NAG BA . -29.94 0.44 -14.44
O6 NAG BA . -29.28 -2.14 -13.49
O7 NAG BA . -29.55 1.12 -19.44
H2 NAG BA . -29.51 0.39 -17.07
H3 NAG BA . -32.45 0.18 -16.40
H4 NAG BA . -30.15 -1.71 -15.92
H5 NAG BA . -31.89 -0.10 -14.01
H61 NAG BA . -31.21 -2.29 -13.01
H62 NAG BA . -30.43 -0.92 -12.22
H81 NAG BA . -30.53 3.04 -20.87
H82 NAG BA . -30.78 3.98 -19.43
H83 NAG BA . -32.03 2.90 -19.99
HN2 NAG BA . -31.55 2.51 -17.44
HO3 NAG BA . -32.38 -1.57 -17.79
HO4 NAG BA . -31.67 -3.11 -15.14
HO6 NAG BA . -28.76 -2.28 -12.65
C1 NAG CA . -21.93 25.87 -1.65
C2 NAG CA . -21.34 27.06 -0.90
C3 NAG CA . -22.08 28.31 -1.38
C4 NAG CA . -21.98 28.47 -2.89
C5 NAG CA . -22.43 27.19 -3.59
C6 NAG CA . -22.14 27.20 -5.08
C7 NAG CA . -20.53 27.13 1.42
C8 NAG CA . -20.87 26.82 2.85
N2 NAG CA . -21.51 26.89 0.53
O3 NAG CA . -21.52 29.46 -0.75
O4 NAG CA . -22.80 29.55 -3.32
O5 NAG CA . -21.74 26.06 -3.05
O6 NAG CA . -22.67 26.05 -5.72
O7 NAG CA . -19.43 27.56 1.09
H2 NAG CA . -20.29 27.16 -1.18
H3 NAG CA . -23.13 28.24 -1.10
H4 NAG CA . -20.94 28.65 -3.14
H5 NAG CA . -23.50 27.05 -3.45
H61 NAG CA . -21.07 27.11 -5.26
H62 NAG CA . -22.47 28.12 -5.56
H81 NAG CA . -20.00 26.81 3.51
H82 NAG CA . -21.33 25.84 2.94
H83 NAG CA . -21.58 27.54 3.26
HN2 NAG CA . -22.41 26.58 0.84
HO3 NAG CA . -22.11 30.22 -0.98
HO4 NAG CA . -22.45 29.87 -4.19
HO6 NAG CA . -22.51 26.15 -6.69
S SO4 DA . 0.12 -27.37 3.23
O1 SO4 DA . -0.79 -28.41 3.48
O2 SO4 DA . 1.32 -27.91 2.62
O3 SO4 DA . -0.50 -26.38 2.32
O4 SO4 DA . 0.41 -26.72 4.53
N1 A1BLN EA . 2.31 3.38 -29.53
N3 A1BLN EA . 0.38 6.62 -26.93
C4 A1BLN EA . 1.63 3.01 -28.45
C5 A1BLN EA . 0.67 5.16 -33.53
C6 A1BLN EA . 2.21 5.84 -31.76
C7 A1BLN EA . 1.09 4.15 -27.74
C8 A1BLN EA . 1.51 5.24 -28.51
C10 A1BLN EA . 1.10 6.53 -28.07
C13 A1BLN EA . -4.38 2.70 -34.18
C15 A1BLN EA . -3.76 3.40 -32.98
C17 A1BLN EA . 3.06 9.36 -32.15
C20 A1BLN EA . 3.48 9.72 -27.84
C21 A1BLN EA . 2.10 9.47 -27.27
C22 A1BLN EA . 0.76 9.95 -29.40
C24 A1BLN EA . 1.03 8.98 -28.24
C1 A1BLN EA . 0.71 6.45 -34.04
C2 A1BLN EA . 1.46 7.43 -33.43
C3 A1BLN EA . 1.43 4.88 -32.40
C9 A1BLN EA . 2.20 7.13 -32.30
C11 A1BLN EA . 0.07 5.50 -26.24
C12 A1BLN EA . -2.30 1.85 -34.01
C14 A1BLN EA . -2.25 3.14 -33.19
C16 A1BLN EA . 4.55 9.95 -26.75
C18 A1BLN EA . 3.02 5.47 -30.56
C19 A1BLN EA . -0.16 4.08 -34.18
C23 A1BLN EA . -0.31 9.47 -30.35
N2 A1BLN EA . 0.39 4.25 -26.60
N4 A1BLN EA . 2.25 4.74 -29.56
N5 A1BLN EA . -0.62 5.65 -25.10
N6 A1BLN EA . 1.36 7.65 -28.74
N7 A1BLN EA . -1.59 4.24 -33.93
O1 A1BLN EA . -3.32 2.12 -34.95
O2 A1BLN EA . -4.25 2.79 -31.78
O3 A1BLN EA . -0.66 10.50 -31.28
O4 A1BLN EA . 2.96 8.04 -31.62
H4 A1BLN EA . 1.54 1.98 -28.14
H8 A1BLN EA . -4.93 3.39 -34.83
H7 A1BLN EA . -5.02 1.85 -33.95
H10 A1BLN EA . -4.03 4.45 -32.98
H14 A1BLN EA . 3.68 9.88 -31.42
H15 A1BLN EA . 2.09 9.86 -32.21
H16 A1BLN EA . 3.56 9.41 -33.12
H22 A1BLN EA . 3.45 10.57 -28.52
H21 A1BLN EA . 3.79 8.89 -28.47
H23 A1BLN EA . 2.19 8.70 -26.52
H24 A1BLN EA . 1.77 10.37 -26.74
H26 A1BLN EA . 0.50 10.93 -29.00
H25 A1BLN EA . 1.68 10.13 -29.94
H29 A1BLN EA . 0.09 8.94 -27.68
H1 A1BLN EA . 0.12 6.69 -34.93
H2 A1BLN EA . 1.44 8.42 -33.91
H3 A1BLN EA . 1.42 3.86 -31.99
H5 A1BLN EA . -2.58 0.96 -33.47
H6 A1BLN EA . -1.39 1.62 -34.57
H9 A1BLN EA . -1.72 2.95 -32.25
H11 A1BLN EA . 4.33 10.82 -26.13
H13 A1BLN EA . 5.54 10.12 -27.17
H12 A1BLN EA . 4.64 9.11 -26.07
H17 A1BLN EA . 3.47 6.34 -30.07
H18 A1BLN EA . 3.85 4.83 -30.86
H19 A1BLN EA . 0.09 4.05 -35.24
H20 A1BLN EA . 0.16 3.12 -33.80
H27 A1BLN EA . -0.03 8.56 -30.87
H28 A1BLN EA . -1.26 9.27 -29.85
H31 A1BLN EA . -0.91 6.57 -24.77
H30 A1BLN EA . -0.87 4.85 -24.55
H32 A1BLN EA . 1.80 7.61 -29.65
H33 A1BLN EA . -1.85 5.17 -33.61
H34 A1BLN EA . -5.19 3.10 -31.67
H35 A1BLN EA . -1.28 10.09 -31.95
#